data_2PWT
# 
_entry.id   2PWT 
# 
_audit_conform.dict_name       mmcif_pdbx.dic 
_audit_conform.dict_version    5.387 
_audit_conform.dict_location   http://mmcif.pdb.org/dictionaries/ascii/mmcif_pdbx.dic 
# 
loop_
_database_2.database_id 
_database_2.database_code 
_database_2.pdbx_database_accession 
_database_2.pdbx_DOI 
PDB   2PWT         pdb_00002pwt 10.2210/pdb2pwt/pdb 
NDB   DR0040       ?            ?                   
RCSB  RCSB042864   ?            ?                   
WWPDB D_1000042864 ?            ?                   
# 
loop_
_pdbx_audit_revision_history.ordinal 
_pdbx_audit_revision_history.data_content_type 
_pdbx_audit_revision_history.major_revision 
_pdbx_audit_revision_history.minor_revision 
_pdbx_audit_revision_history.revision_date 
1 'Structure model' 1 0 2007-09-18 
2 'Structure model' 1 1 2011-07-13 
3 'Structure model' 1 2 2022-03-09 
4 'Structure model' 1 3 2023-08-30 
5 'Structure model' 1 4 2024-03-13 
# 
_pdbx_audit_revision_details.ordinal             1 
_pdbx_audit_revision_details.revision_ordinal    1 
_pdbx_audit_revision_details.data_content_type   'Structure model' 
_pdbx_audit_revision_details.provider            repository 
_pdbx_audit_revision_details.type                'Initial release' 
_pdbx_audit_revision_details.description         ? 
_pdbx_audit_revision_details.details             ? 
# 
loop_
_pdbx_audit_revision_group.ordinal 
_pdbx_audit_revision_group.revision_ordinal 
_pdbx_audit_revision_group.data_content_type 
_pdbx_audit_revision_group.group 
1 2 'Structure model' 'Version format compliance' 
2 3 'Structure model' 'Database references'       
3 3 'Structure model' 'Derived calculations'      
4 3 'Structure model' 'Structure summary'         
5 4 'Structure model' 'Data collection'           
6 4 'Structure model' 'Refinement description'    
7 5 'Structure model' 'Source and taxonomy'       
# 
loop_
_pdbx_audit_revision_category.ordinal 
_pdbx_audit_revision_category.revision_ordinal 
_pdbx_audit_revision_category.data_content_type 
_pdbx_audit_revision_category.category 
1 3 'Structure model' chem_comp                     
2 3 'Structure model' database_2                    
3 3 'Structure model' pdbx_molecule_features        
4 3 'Structure model' struct_site                   
5 4 'Structure model' chem_comp_atom                
6 4 'Structure model' chem_comp_bond                
7 4 'Structure model' pdbx_initial_refinement_model 
8 5 'Structure model' pdbx_entity_src_syn           
# 
loop_
_pdbx_audit_revision_item.ordinal 
_pdbx_audit_revision_item.revision_ordinal 
_pdbx_audit_revision_item.data_content_type 
_pdbx_audit_revision_item.item 
1 3 'Structure model' '_chem_comp.pdbx_synonyms'            
2 3 'Structure model' '_database_2.pdbx_DOI'                
3 3 'Structure model' '_database_2.pdbx_database_accession' 
4 3 'Structure model' '_struct_site.pdbx_auth_asym_id'      
5 3 'Structure model' '_struct_site.pdbx_auth_comp_id'      
6 3 'Structure model' '_struct_site.pdbx_auth_seq_id'       
# 
_pdbx_database_status.entry_id                        2PWT 
_pdbx_database_status.status_code                     REL 
_pdbx_database_status.status_code_sf                  REL 
_pdbx_database_status.deposit_site                    RCSB 
_pdbx_database_status.process_site                    RCSB 
_pdbx_database_status.recvd_initial_deposition_date   2007-05-13 
_pdbx_database_status.SG_entry                        N 
_pdbx_database_status.status_code_mr                  ? 
_pdbx_database_status.status_code_cs                  ? 
_pdbx_database_status.methods_development_category    ? 
_pdbx_database_status.pdb_format_compatible           Y 
_pdbx_database_status.status_code_nmr_data            ? 
# 
loop_
_audit_author.name 
_audit_author.pdbx_ordinal 
'Kondo, J.'      1 
'Pachamuthu, K.' 2 
'Francois, B.'   3 
'Szychowski, J.' 4 
'Hanessian, S.'  5 
'Westhof, E.'    6 
# 
_citation.id                        primary 
_citation.title                     
;Crystal Structure of the Bacterial Ribosomal Decoding Site Complexed with a Synthetic Doubly Functionalized Paromomycin Derivative: a New Specific Binding Mode to an A-Minor Motif Enhances in vitro Antibacterial Activity
;
_citation.journal_abbrev            Chemmedchem 
_citation.journal_volume            2 
_citation.page_first                1631 
_citation.page_last                 1638 
_citation.year                      2007 
_citation.journal_id_ASTM           ? 
_citation.country                   DE 
_citation.journal_id_ISSN           1860-7179 
_citation.journal_id_CSD            ? 
_citation.book_publisher            ? 
_citation.pdbx_database_id_PubMed   17722211 
_citation.pdbx_database_id_DOI      10.1002/cmdc.200700113 
# 
loop_
_citation_author.citation_id 
_citation_author.name 
_citation_author.ordinal 
_citation_author.identifier_ORCID 
primary 'Kondo, J.'      1 ? 
primary 'Pachamuthu, K.' 2 ? 
primary 'Francois, B.'   3 ? 
primary 'Szychowski, J.' 4 ? 
primary 'Hanessian, S.'  5 ? 
primary 'Westhof, E.'    6 ? 
# 
loop_
_entity.id 
_entity.type 
_entity.src_method 
_entity.pdbx_description 
_entity.formula_weight 
_entity.pdbx_number_of_molecules 
_entity.pdbx_ec 
_entity.pdbx_mutation 
_entity.pdbx_fragment 
_entity.details 
1 polymer     syn '22-mer of the ribosomal decoding site'       6743.077 2   ? ? ? ? 
2 non-polymer syn 'DOUBLY FUNCTIONALIZED PAROMOMYCIN PM-II-162' 863.949  3   ? ? ? ? 
3 water       nat water                                         18.015   206 ? ? ? ? 
# 
_entity_poly.entity_id                      1 
_entity_poly.type                           polyribonucleotide 
_entity_poly.nstd_linkage                   no 
_entity_poly.nstd_monomer                   no 
_entity_poly.pdbx_seq_one_letter_code       GCGUCACACCGGUGAAGUCGC 
_entity_poly.pdbx_seq_one_letter_code_can   GCGUCACACCGGUGAAGUCGC 
_entity_poly.pdbx_strand_id                 A,B 
_entity_poly.pdbx_target_identifier         ? 
# 
loop_
_pdbx_entity_nonpoly.entity_id 
_pdbx_entity_nonpoly.name 
_pdbx_entity_nonpoly.comp_id 
2 'DOUBLY FUNCTIONALIZED PAROMOMYCIN PM-II-162' LHA 
3 water                                         HOH 
# 
loop_
_entity_poly_seq.entity_id 
_entity_poly_seq.num 
_entity_poly_seq.mon_id 
_entity_poly_seq.hetero 
1 1  G n 
1 2  C n 
1 3  G n 
1 4  U n 
1 5  C n 
1 6  A n 
1 7  C n 
1 8  A n 
1 9  C n 
1 10 C n 
1 11 G n 
1 12 G n 
1 13 U n 
1 14 G n 
1 15 A n 
1 16 A n 
1 17 G n 
1 18 U n 
1 19 C n 
1 20 G n 
1 21 C n 
# 
_pdbx_entity_src_syn.entity_id              1 
_pdbx_entity_src_syn.pdbx_src_id            1 
_pdbx_entity_src_syn.pdbx_alt_source_flag   sample 
_pdbx_entity_src_syn.pdbx_beg_seq_num       ? 
_pdbx_entity_src_syn.pdbx_end_seq_num       ? 
_pdbx_entity_src_syn.organism_scientific    ? 
_pdbx_entity_src_syn.organism_common_name   ? 
_pdbx_entity_src_syn.ncbi_taxonomy_id       ? 
_pdbx_entity_src_syn.details                'Chemically synthesized' 
# 
loop_
_chem_comp.id 
_chem_comp.type 
_chem_comp.mon_nstd_flag 
_chem_comp.name 
_chem_comp.pdbx_synonyms 
_chem_comp.formula 
_chem_comp.formula_weight 
A   'RNA linking' y "ADENOSINE-5'-MONOPHOSPHATE"                  ? 'C10 H14 N5 O7 P' 347.221 
C   'RNA linking' y "CYTIDINE-5'-MONOPHOSPHATE"                   ? 'C9 H14 N3 O8 P'  323.197 
G   'RNA linking' y "GUANOSINE-5'-MONOPHOSPHATE"                  ? 'C10 H14 N5 O8 P' 363.221 
HOH non-polymer   . WATER                                         ? 'H2 O'            18.015  
LHA non-polymer   . 'DOUBLY FUNCTIONALIZED PAROMOMYCIN PM-II-162' 
;(2S)-4-AMINO-N-[(1R,2S,3R,4R,5S)-5-AMINO-4-[(2-AMINO-2-DEOXY-ALPHA-D-GLUCOPYRANOSYL)OXY]-3-{[3-O-(2,6-DIAMINO-2,6-DIDEO XY-BETA-L-IDOPYRANOSYL)-2-O-{2-[(2-PHENYLETHYL)AMINO]ETHYL}-BETA-D-RIBOFURANOSYL]OXY}-2-HYDROXYCYCLOHEXYL]-2-HYDROXYBUTA NAMIDE
;
'C37 H65 N7 O16'  863.949 
U   'RNA linking' y "URIDINE-5'-MONOPHOSPHATE"                    ? 'C9 H13 N2 O9 P'  324.181 
# 
loop_
_pdbx_poly_seq_scheme.asym_id 
_pdbx_poly_seq_scheme.entity_id 
_pdbx_poly_seq_scheme.seq_id 
_pdbx_poly_seq_scheme.mon_id 
_pdbx_poly_seq_scheme.ndb_seq_num 
_pdbx_poly_seq_scheme.pdb_seq_num 
_pdbx_poly_seq_scheme.auth_seq_num 
_pdbx_poly_seq_scheme.pdb_mon_id 
_pdbx_poly_seq_scheme.auth_mon_id 
_pdbx_poly_seq_scheme.pdb_strand_id 
_pdbx_poly_seq_scheme.pdb_ins_code 
_pdbx_poly_seq_scheme.hetero 
A 1 1  G 1  2  2  G G A . n 
A 1 2  C 2  3  3  C C A . n 
A 1 3  G 3  4  4  G G A . n 
A 1 4  U 4  5  5  U U A . n 
A 1 5  C 5  6  6  C C A . n 
A 1 6  A 6  7  7  A A A . n 
A 1 7  C 7  8  8  C C A . n 
A 1 8  A 8  9  9  A A A . n 
A 1 9  C 9  10 10 C C A . n 
A 1 10 C 10 11 11 C C A . n 
A 1 11 G 11 12 12 G G A . n 
A 1 12 G 12 13 13 G G A . n 
A 1 13 U 13 14 14 U U A . n 
A 1 14 G 14 15 15 G G A . n 
A 1 15 A 15 16 16 A A A . n 
A 1 16 A 16 17 17 A A A . n 
A 1 17 G 17 18 18 G G A . n 
A 1 18 U 18 19 19 U U A . n 
A 1 19 C 19 20 20 C C A . n 
A 1 20 G 20 21 21 G G A . n 
A 1 21 C 21 22 22 C C A . n 
B 1 1  G 1  24 24 G G B . n 
B 1 2  C 2  25 25 C C B . n 
B 1 3  G 3  26 26 G G B . n 
B 1 4  U 4  27 27 U U B . n 
B 1 5  C 5  28 28 C C B . n 
B 1 6  A 6  29 29 A A B . n 
B 1 7  C 7  30 30 C C B . n 
B 1 8  A 8  31 31 A A B . n 
B 1 9  C 9  32 32 C C B . n 
B 1 10 C 10 33 33 C C B . n 
B 1 11 G 11 34 34 G G B . n 
B 1 12 G 12 35 35 G G B . n 
B 1 13 U 13 36 36 U U B . n 
B 1 14 G 14 37 37 G G B . n 
B 1 15 A 15 38 38 A A B . n 
B 1 16 A 16 39 39 A A B . n 
B 1 17 G 17 40 40 G G B . n 
B 1 18 U 18 41 41 U U B . n 
B 1 19 C 19 42 42 C C B . n 
B 1 20 G 20 43 43 G G B . n 
B 1 21 C 21 44 44 C C B . n 
# 
loop_
_pdbx_nonpoly_scheme.asym_id 
_pdbx_nonpoly_scheme.entity_id 
_pdbx_nonpoly_scheme.mon_id 
_pdbx_nonpoly_scheme.ndb_seq_num 
_pdbx_nonpoly_scheme.pdb_seq_num 
_pdbx_nonpoly_scheme.auth_seq_num 
_pdbx_nonpoly_scheme.pdb_mon_id 
_pdbx_nonpoly_scheme.auth_mon_id 
_pdbx_nonpoly_scheme.pdb_strand_id 
_pdbx_nonpoly_scheme.pdb_ins_code 
C 2 LHA 1   51  51  LHA LHA A . 
D 2 LHA 1   50  50  LHA LHA B . 
E 2 LHA 1   55  55  LHA LHA B . 
F 3 HOH 1   101 101 HOH HOH A . 
F 3 HOH 2   102 102 HOH HOH A . 
F 3 HOH 3   104 104 HOH HOH A . 
F 3 HOH 4   105 105 HOH HOH A . 
F 3 HOH 5   107 107 HOH HOH A . 
F 3 HOH 6   111 111 HOH HOH A . 
F 3 HOH 7   113 113 HOH HOH A . 
F 3 HOH 8   114 114 HOH HOH A . 
F 3 HOH 9   119 119 HOH HOH A . 
F 3 HOH 10  123 123 HOH HOH A . 
F 3 HOH 11  124 124 HOH HOH A . 
F 3 HOH 12  127 127 HOH HOH A . 
F 3 HOH 13  128 128 HOH HOH A . 
F 3 HOH 14  129 129 HOH HOH A . 
F 3 HOH 15  131 131 HOH HOH A . 
F 3 HOH 16  134 134 HOH HOH A . 
F 3 HOH 17  140 140 HOH HOH A . 
F 3 HOH 18  141 141 HOH HOH A . 
F 3 HOH 19  142 142 HOH HOH A . 
F 3 HOH 20  143 143 HOH HOH A . 
F 3 HOH 21  144 144 HOH HOH A . 
F 3 HOH 22  149 149 HOH HOH A . 
F 3 HOH 23  150 150 HOH HOH A . 
F 3 HOH 24  151 151 HOH HOH A . 
F 3 HOH 25  152 152 HOH HOH A . 
F 3 HOH 26  153 153 HOH HOH A . 
F 3 HOH 27  154 154 HOH HOH A . 
F 3 HOH 28  156 156 HOH HOH A . 
F 3 HOH 29  159 159 HOH HOH A . 
F 3 HOH 30  161 161 HOH HOH A . 
F 3 HOH 31  163 163 HOH HOH A . 
F 3 HOH 32  165 165 HOH HOH A . 
F 3 HOH 33  167 167 HOH HOH A . 
F 3 HOH 34  168 168 HOH HOH A . 
F 3 HOH 35  170 170 HOH HOH A . 
F 3 HOH 36  171 171 HOH HOH A . 
F 3 HOH 37  174 174 HOH HOH A . 
F 3 HOH 38  178 178 HOH HOH A . 
F 3 HOH 39  179 179 HOH HOH A . 
F 3 HOH 40  182 182 HOH HOH A . 
F 3 HOH 41  185 185 HOH HOH A . 
F 3 HOH 42  187 187 HOH HOH A . 
F 3 HOH 43  188 188 HOH HOH A . 
F 3 HOH 44  189 189 HOH HOH A . 
F 3 HOH 45  191 191 HOH HOH A . 
F 3 HOH 46  197 197 HOH HOH A . 
F 3 HOH 47  199 199 HOH HOH A . 
F 3 HOH 48  200 200 HOH HOH A . 
F 3 HOH 49  201 201 HOH HOH A . 
F 3 HOH 50  202 202 HOH HOH A . 
F 3 HOH 51  204 204 HOH HOH A . 
F 3 HOH 52  205 205 HOH HOH A . 
F 3 HOH 53  206 206 HOH HOH A . 
F 3 HOH 54  207 207 HOH HOH A . 
F 3 HOH 55  208 208 HOH HOH A . 
F 3 HOH 56  210 210 HOH HOH A . 
F 3 HOH 57  216 216 HOH HOH A . 
F 3 HOH 58  221 221 HOH HOH A . 
F 3 HOH 59  223 223 HOH HOH A . 
F 3 HOH 60  224 224 HOH HOH A . 
F 3 HOH 61  225 225 HOH HOH A . 
F 3 HOH 62  229 229 HOH HOH A . 
F 3 HOH 63  230 230 HOH HOH A . 
F 3 HOH 64  232 232 HOH HOH A . 
F 3 HOH 65  234 234 HOH HOH A . 
F 3 HOH 66  235 235 HOH HOH A . 
F 3 HOH 67  236 236 HOH HOH A . 
F 3 HOH 68  238 238 HOH HOH A . 
F 3 HOH 69  240 240 HOH HOH A . 
F 3 HOH 70  241 241 HOH HOH A . 
F 3 HOH 71  242 242 HOH HOH A . 
F 3 HOH 72  243 243 HOH HOH A . 
F 3 HOH 73  245 245 HOH HOH A . 
F 3 HOH 74  246 246 HOH HOH A . 
F 3 HOH 75  247 247 HOH HOH A . 
F 3 HOH 76  251 251 HOH HOH A . 
F 3 HOH 77  252 252 HOH HOH A . 
F 3 HOH 78  257 257 HOH HOH A . 
F 3 HOH 79  259 259 HOH HOH A . 
F 3 HOH 80  262 262 HOH HOH A . 
F 3 HOH 81  263 263 HOH HOH A . 
F 3 HOH 82  265 265 HOH HOH A . 
F 3 HOH 83  267 267 HOH HOH A . 
F 3 HOH 84  268 268 HOH HOH A . 
F 3 HOH 85  270 270 HOH HOH A . 
F 3 HOH 86  272 272 HOH HOH A . 
F 3 HOH 87  273 273 HOH HOH A . 
F 3 HOH 88  274 274 HOH HOH A . 
F 3 HOH 89  281 281 HOH HOH A . 
F 3 HOH 90  283 283 HOH HOH A . 
F 3 HOH 91  286 286 HOH HOH A . 
F 3 HOH 92  287 287 HOH HOH A . 
F 3 HOH 93  288 288 HOH HOH A . 
F 3 HOH 94  295 295 HOH HOH A . 
F 3 HOH 95  298 298 HOH HOH A . 
F 3 HOH 96  301 301 HOH HOH A . 
F 3 HOH 97  302 302 HOH HOH A . 
G 3 HOH 1   100 100 HOH HOH B . 
G 3 HOH 2   103 103 HOH HOH B . 
G 3 HOH 3   106 106 HOH HOH B . 
G 3 HOH 4   108 108 HOH HOH B . 
G 3 HOH 5   109 109 HOH HOH B . 
G 3 HOH 6   110 110 HOH HOH B . 
G 3 HOH 7   112 112 HOH HOH B . 
G 3 HOH 8   115 115 HOH HOH B . 
G 3 HOH 9   116 116 HOH HOH B . 
G 3 HOH 10  117 117 HOH HOH B . 
G 3 HOH 11  118 118 HOH HOH B . 
G 3 HOH 12  120 120 HOH HOH B . 
G 3 HOH 13  121 121 HOH HOH B . 
G 3 HOH 14  122 122 HOH HOH B . 
G 3 HOH 15  125 125 HOH HOH B . 
G 3 HOH 16  126 126 HOH HOH B . 
G 3 HOH 17  130 130 HOH HOH B . 
G 3 HOH 18  132 132 HOH HOH B . 
G 3 HOH 19  133 133 HOH HOH B . 
G 3 HOH 20  135 135 HOH HOH B . 
G 3 HOH 21  136 136 HOH HOH B . 
G 3 HOH 22  137 137 HOH HOH B . 
G 3 HOH 23  138 138 HOH HOH B . 
G 3 HOH 24  139 139 HOH HOH B . 
G 3 HOH 25  145 145 HOH HOH B . 
G 3 HOH 26  146 146 HOH HOH B . 
G 3 HOH 27  147 147 HOH HOH B . 
G 3 HOH 28  148 148 HOH HOH B . 
G 3 HOH 29  155 155 HOH HOH B . 
G 3 HOH 30  157 157 HOH HOH B . 
G 3 HOH 31  158 158 HOH HOH B . 
G 3 HOH 32  160 160 HOH HOH B . 
G 3 HOH 33  162 162 HOH HOH B . 
G 3 HOH 34  164 164 HOH HOH B . 
G 3 HOH 35  166 166 HOH HOH B . 
G 3 HOH 36  169 169 HOH HOH B . 
G 3 HOH 37  172 172 HOH HOH B . 
G 3 HOH 38  173 173 HOH HOH B . 
G 3 HOH 39  175 175 HOH HOH B . 
G 3 HOH 40  176 176 HOH HOH B . 
G 3 HOH 41  177 177 HOH HOH B . 
G 3 HOH 42  180 180 HOH HOH B . 
G 3 HOH 43  181 181 HOH HOH B . 
G 3 HOH 44  183 183 HOH HOH B . 
G 3 HOH 45  184 184 HOH HOH B . 
G 3 HOH 46  186 186 HOH HOH B . 
G 3 HOH 47  190 190 HOH HOH B . 
G 3 HOH 48  192 192 HOH HOH B . 
G 3 HOH 49  193 193 HOH HOH B . 
G 3 HOH 50  194 194 HOH HOH B . 
G 3 HOH 51  195 195 HOH HOH B . 
G 3 HOH 52  196 196 HOH HOH B . 
G 3 HOH 53  198 198 HOH HOH B . 
G 3 HOH 54  203 203 HOH HOH B . 
G 3 HOH 55  209 209 HOH HOH B . 
G 3 HOH 56  211 211 HOH HOH B . 
G 3 HOH 57  212 212 HOH HOH B . 
G 3 HOH 58  213 213 HOH HOH B . 
G 3 HOH 59  214 214 HOH HOH B . 
G 3 HOH 60  215 215 HOH HOH B . 
G 3 HOH 61  217 217 HOH HOH B . 
G 3 HOH 62  218 218 HOH HOH B . 
G 3 HOH 63  219 219 HOH HOH B . 
G 3 HOH 64  220 220 HOH HOH B . 
G 3 HOH 65  222 222 HOH HOH B . 
G 3 HOH 66  226 226 HOH HOH B . 
G 3 HOH 67  227 227 HOH HOH B . 
G 3 HOH 68  228 228 HOH HOH B . 
G 3 HOH 69  231 231 HOH HOH B . 
G 3 HOH 70  233 233 HOH HOH B . 
G 3 HOH 71  237 237 HOH HOH B . 
G 3 HOH 72  239 239 HOH HOH B . 
G 3 HOH 73  244 244 HOH HOH B . 
G 3 HOH 74  248 248 HOH HOH B . 
G 3 HOH 75  249 249 HOH HOH B . 
G 3 HOH 76  250 250 HOH HOH B . 
G 3 HOH 77  253 253 HOH HOH B . 
G 3 HOH 78  254 254 HOH HOH B . 
G 3 HOH 79  255 255 HOH HOH B . 
G 3 HOH 80  256 256 HOH HOH B . 
G 3 HOH 81  258 258 HOH HOH B . 
G 3 HOH 82  260 260 HOH HOH B . 
G 3 HOH 83  261 261 HOH HOH B . 
G 3 HOH 84  264 264 HOH HOH B . 
G 3 HOH 85  266 266 HOH HOH B . 
G 3 HOH 86  269 269 HOH HOH B . 
G 3 HOH 87  271 271 HOH HOH B . 
G 3 HOH 88  275 275 HOH HOH B . 
G 3 HOH 89  276 276 HOH HOH B . 
G 3 HOH 90  277 277 HOH HOH B . 
G 3 HOH 91  278 278 HOH HOH B . 
G 3 HOH 92  279 279 HOH HOH B . 
G 3 HOH 93  280 280 HOH HOH B . 
G 3 HOH 94  282 282 HOH HOH B . 
G 3 HOH 95  284 284 HOH HOH B . 
G 3 HOH 96  285 285 HOH HOH B . 
G 3 HOH 97  289 289 HOH HOH B . 
G 3 HOH 98  290 290 HOH HOH B . 
G 3 HOH 99  291 291 HOH HOH B . 
G 3 HOH 100 292 292 HOH HOH B . 
G 3 HOH 101 293 293 HOH HOH B . 
G 3 HOH 102 294 294 HOH HOH B . 
G 3 HOH 103 296 296 HOH HOH B . 
G 3 HOH 104 297 297 HOH HOH B . 
G 3 HOH 105 299 299 HOH HOH B . 
G 3 HOH 106 300 300 HOH HOH B . 
G 3 HOH 107 303 303 HOH HOH B . 
G 3 HOH 108 304 304 HOH HOH B . 
G 3 HOH 109 305 305 HOH HOH B . 
# 
loop_
_software.name 
_software.version 
_software.date 
_software.type 
_software.contact_author 
_software.contact_author_email 
_software.classification 
_software.location 
_software.language 
_software.citation_id 
_software.pdbx_ordinal 
CNS          .     ?                package 'Axel T. Brunger' axel.brunger@yale.edu    refinement        
http://cns.csb.yale.edu/v1.1/    Fortran_77 ? 1 
PDB_EXTRACT  2.000 'April. 3, 2006' package PDB               sw-help@rcsb.rutgers.edu 'data extraction' 
http://pdb.rutgers.edu/software/ C++        ? 2 
CrystalClear .     ?                ?       ?                 ?                        'data collection' ? ?          ? 3 
CrystalClear .     ?                ?       ?                 ?                        'data reduction'  ? ?          ? 4 
CrystalClear .     ?                ?       ?                 ?                        'data scaling'    ? ?          ? 5 
AMoRE        .     ?                ?       ?                 ?                        phasing           ? ?          ? 6 
# 
_cell.length_a           35.490 
_cell.length_b           43.020 
_cell.length_c           98.750 
_cell.angle_alpha        90.000 
_cell.angle_beta         90.000 
_cell.angle_gamma        90.000 
_cell.entry_id           2PWT 
_cell.Z_PDB              8 
_cell.pdbx_unique_axis   ? 
_cell.length_a_esd       ? 
_cell.length_b_esd       ? 
_cell.length_c_esd       ? 
_cell.angle_alpha_esd    ? 
_cell.angle_beta_esd     ? 
_cell.angle_gamma_esd    ? 
# 
_symmetry.space_group_name_H-M             'P 21 21 21' 
_symmetry.entry_id                         2PWT 
_symmetry.pdbx_full_space_group_name_H-M   ? 
_symmetry.Int_Tables_number                19 
_symmetry.cell_setting                     ? 
_symmetry.space_group_name_Hall            ? 
# 
_exptl.crystals_number   1 
_exptl.entry_id          2PWT 
_exptl.method            'X-RAY DIFFRACTION' 
# 
_exptl_crystal.id                    1 
_exptl_crystal.density_meas          ? 
_exptl_crystal.density_Matthews      2.79 
_exptl_crystal.density_percent_sol   55.99 
_exptl_crystal.description           ? 
_exptl_crystal.F_000                 ? 
_exptl_crystal.preparation           ? 
# 
_exptl_crystal_grow.crystal_id      1 
_exptl_crystal_grow.method          'VAPOR DIFFUSION, HANGING DROP' 
_exptl_crystal_grow.pH              6.4 
_exptl_crystal_grow.temp            310 
_exptl_crystal_grow.pdbx_details    
;50 mM Na Cacodylate (pH 6.4), 150 mM KCl, 1% Glycerol, 1% 2-methyl-2,4-pentandiol, pH 6.4, VAPOR DIFFUSION, HANGING DROP, temperature 310K
;
_exptl_crystal_grow.temp_details    ? 
_exptl_crystal_grow.pdbx_pH_range   . 
# 
loop_
_exptl_crystal_grow_comp.crystal_id 
_exptl_crystal_grow_comp.id 
_exptl_crystal_grow_comp.sol_id 
_exptl_crystal_grow_comp.name 
_exptl_crystal_grow_comp.conc 
_exptl_crystal_grow_comp.volume 
_exptl_crystal_grow_comp.details 
1 1 1 MPD                 ? ? ? 
1 2 1 KCl                 ? ? ? 
1 3 1 Glycerol            ? ? ? 
1 4 1 'sodium Cacodylate' ? ? ? 
1 5 2 MPD                 ? ? ? 
1 6 2 KCl                 ? ? ? 
1 7 2 Glycerol            ? ? ? 
# 
_diffrn.id                     1 
_diffrn.ambient_temp           100 
_diffrn.ambient_temp_details   ? 
_diffrn.crystal_id             1 
# 
_diffrn_detector.diffrn_id              1 
_diffrn_detector.detector               CCD 
_diffrn_detector.type                   'MAR CCD 165 mm' 
_diffrn_detector.pdbx_collection_date   2005-06-10 
_diffrn_detector.details                ? 
# 
_diffrn_radiation.diffrn_id                        1 
_diffrn_radiation.wavelength_id                    1 
_diffrn_radiation.pdbx_diffrn_protocol             'SINGLE WAVELENGTH' 
_diffrn_radiation.monochromator                    ? 
_diffrn_radiation.pdbx_monochromatic_or_laue_m_l   M 
_diffrn_radiation.pdbx_scattering_type             x-ray 
# 
_diffrn_radiation_wavelength.id           1 
_diffrn_radiation_wavelength.wavelength   0.9999 
_diffrn_radiation_wavelength.wt           1.0 
# 
_diffrn_source.diffrn_id                   1 
_diffrn_source.source                      SYNCHROTRON 
_diffrn_source.type                        'SLS BEAMLINE X10SA' 
_diffrn_source.pdbx_wavelength             ? 
_diffrn_source.pdbx_wavelength_list        0.9999 
_diffrn_source.pdbx_synchrotron_site       SLS 
_diffrn_source.pdbx_synchrotron_beamline   X10SA 
# 
_reflns.entry_id                     2PWT 
_reflns.observed_criterion_sigma_F   ? 
_reflns.observed_criterion_sigma_I   ? 
_reflns.d_resolution_high            1.80 
_reflns.d_resolution_low             32.4 
_reflns.number_all                   ? 
_reflns.number_obs                   14605 
_reflns.percent_possible_obs         100.0 
_reflns.pdbx_Rmerge_I_obs            0.070 
_reflns.pdbx_Rsym_value              ? 
_reflns.pdbx_netI_over_sigmaI        ? 
_reflns.B_iso_Wilson_estimate        ? 
_reflns.pdbx_redundancy              19.1 
_reflns.R_free_details               ? 
_reflns.pdbx_chi_squared             ? 
_reflns.pdbx_scaling_rejects         ? 
_reflns.pdbx_diffrn_id               1 
_reflns.pdbx_ordinal                 1 
# 
_reflns_shell.d_res_high             1.80 
_reflns_shell.d_res_low              1.90 
_reflns_shell.percent_possible_obs   ? 
_reflns_shell.percent_possible_all   ? 
_reflns_shell.Rmerge_I_obs           0.609 
_reflns_shell.meanI_over_sigI_obs    ? 
_reflns_shell.pdbx_Rsym_value        ? 
_reflns_shell.pdbx_redundancy        11.2 
_reflns_shell.number_unique_all      ? 
_reflns_shell.number_measured_all    ? 
_reflns_shell.number_measured_obs    ? 
_reflns_shell.number_unique_obs      ? 
_reflns_shell.pdbx_chi_squared       ? 
_reflns_shell.pdbx_diffrn_id         ? 
_reflns_shell.pdbx_ordinal           1 
# 
_refine.entry_id                                 2PWT 
_refine.ls_d_res_high                            1.800 
_refine.ls_d_res_low                             32.000 
_refine.pdbx_ls_sigma_F                          0.00 
_refine.ls_percent_reflns_obs                    99.900 
_refine.ls_number_reflns_obs                     14603 
_refine.ls_R_factor_R_work                       0.211 
_refine.ls_R_factor_R_free                       0.243 
_refine.ls_percent_reflns_R_free                 15.500 
_refine.ls_number_reflns_R_free                  2272 
_refine.B_iso_mean                               37.822 
_refine.solvent_model_param_bsol                 38.111 
_refine.aniso_B[1][1]                            -2.204 
_refine.aniso_B[2][2]                            2.918 
_refine.aniso_B[3][3]                            -0.714 
_refine.aniso_B[1][2]                            0.000 
_refine.aniso_B[1][3]                            0.000 
_refine.aniso_B[2][3]                            0.000 
_refine.pdbx_ls_sigma_I                          ? 
_refine.ls_number_reflns_all                     ? 
_refine.ls_R_factor_all                          ? 
_refine.ls_R_factor_obs                          ? 
_refine.ls_redundancy_reflns_obs                 ? 
_refine.pdbx_data_cutoff_high_absF               ? 
_refine.pdbx_data_cutoff_low_absF                ? 
_refine.ls_number_parameters                     ? 
_refine.ls_number_restraints                     ? 
_refine.ls_R_factor_R_free_error                 ? 
_refine.ls_R_factor_R_free_error_details         ? 
_refine.pdbx_method_to_determine_struct          'MOLECULAR REPLACEMENT' 
_refine.pdbx_starting_model                      1J7T 
_refine.pdbx_ls_cross_valid_method               ? 
_refine.pdbx_R_Free_selection_details            random 
_refine.pdbx_stereochem_target_val_spec_case     ? 
_refine.pdbx_stereochemistry_target_values       'Parkinson et al Acta Cryst. D52, 57 (1996)' 
_refine.solvent_model_details                    ? 
_refine.solvent_model_param_ksol                 ? 
_refine.occupancy_max                            ? 
_refine.occupancy_min                            ? 
_refine.pdbx_isotropic_thermal_model             ? 
_refine.details                                  ? 
_refine.overall_SU_ML                            ? 
_refine.overall_SU_B                             ? 
_refine.pdbx_overall_ESU_R                       ? 
_refine.pdbx_overall_ESU_R_Free                  ? 
_refine.pdbx_data_cutoff_high_rms_absF           ? 
_refine.correlation_coeff_Fo_to_Fc               ? 
_refine.correlation_coeff_Fo_to_Fc_free          ? 
_refine.pdbx_solvent_vdw_probe_radii             ? 
_refine.pdbx_solvent_ion_probe_radii             ? 
_refine.pdbx_solvent_shrinkage_radii             ? 
_refine.overall_SU_R_Cruickshank_DPI             ? 
_refine.overall_SU_R_free                        ? 
_refine.ls_wR_factor_R_free                      ? 
_refine.ls_wR_factor_R_work                      ? 
_refine.overall_FOM_free_R_set                   ? 
_refine.overall_FOM_work_R_set                   ? 
_refine.pdbx_refine_id                           'X-RAY DIFFRACTION' 
_refine.pdbx_overall_phase_error                 ? 
_refine.pdbx_diffrn_id                           1 
_refine.pdbx_TLS_residual_ADP_flag               ? 
_refine.pdbx_overall_SU_R_free_Cruickshank_DPI   ? 
_refine.pdbx_overall_SU_R_Blow_DPI               ? 
_refine.pdbx_overall_SU_R_free_Blow_DPI          ? 
# 
_refine_hist.pdbx_refine_id                   'X-RAY DIFFRACTION' 
_refine_hist.cycle_id                         LAST 
_refine_hist.pdbx_number_atoms_protein        0 
_refine_hist.pdbx_number_atoms_nucleic_acid   900 
_refine_hist.pdbx_number_atoms_ligand         180 
_refine_hist.number_atoms_solvent             206 
_refine_hist.number_atoms_total               1286 
_refine_hist.d_res_high                       1.800 
_refine_hist.d_res_low                        32.000 
# 
loop_
_refine_ls_restr.type 
_refine_ls_restr.dev_ideal 
_refine_ls_restr.dev_ideal_target 
_refine_ls_restr.number 
_refine_ls_restr.weight 
_refine_ls_restr.pdbx_refine_id 
_refine_ls_restr.pdbx_restraint_function 
c_bond_d           0.006 1.500 ? ? 'X-RAY DIFFRACTION' ? 
c_angle_deg        0.9   2.000 ? ? 'X-RAY DIFFRACTION' ? 
c_improper_angle_d 1.3   ?     ? ? 'X-RAY DIFFRACTION' ? 
c_mcbond_it        1.664 1.5   ? ? 'X-RAY DIFFRACTION' ? 
c_mcangle_it       2.380 2.0   ? ? 'X-RAY DIFFRACTION' ? 
c_scbond_it        ?     ?     ? ? 'X-RAY DIFFRACTION' ? 
c_scangle_it       ?     ?     ? ? 'X-RAY DIFFRACTION' ? 
# 
loop_
_pdbx_xplor_file.serial_no 
_pdbx_xplor_file.param_file 
_pdbx_xplor_file.topol_file 
_pdbx_xplor_file.pdbx_refine_id 
1 CNS_TOPPAR:dna-rna_rep.param ? 'X-RAY DIFFRACTION' 
2 CNS_TOPPAR:water_rep.param   ? 'X-RAY DIFFRACTION' 
3 LHA_xplor.param              ? 'X-RAY DIFFRACTION' 
4 LHA_xplor.param              ? 'X-RAY DIFFRACTION' 
# 
_struct.entry_id                  2PWT 
_struct.title                     
'Crystal structure of the bacterial ribosomal decoding site complexed with aminoglycoside containing the L-HABA group' 
_struct.pdbx_model_details        ? 
_struct.pdbx_CASP_flag            N 
_struct.pdbx_model_type_details   ? 
# 
_struct_keywords.entry_id        2PWT 
_struct_keywords.pdbx_keywords   RNA/ANTIBIOTIC 
_struct_keywords.text            'aminoglycoside; haba group; ribosomal decoding site; X-ray analysis; RNA, RNA-ANTIBIOTIC complex' 
# 
loop_
_struct_asym.id 
_struct_asym.pdbx_blank_PDB_chainid_flag 
_struct_asym.pdbx_modified 
_struct_asym.entity_id 
_struct_asym.details 
A N N 1 ? 
B N N 1 ? 
C N N 2 ? 
D N N 2 ? 
E N N 2 ? 
F N N 3 ? 
G N N 3 ? 
# 
_struct_ref.id                         1 
_struct_ref.entity_id                  1 
_struct_ref.db_name                    PDB 
_struct_ref.db_code                    2PWT 
_struct_ref.pdbx_db_accession          2PWT 
_struct_ref.pdbx_align_begin           ? 
_struct_ref.pdbx_seq_one_letter_code   ? 
_struct_ref.pdbx_db_isoform            ? 
# 
loop_
_struct_ref_seq.align_id 
_struct_ref_seq.ref_id 
_struct_ref_seq.pdbx_PDB_id_code 
_struct_ref_seq.pdbx_strand_id 
_struct_ref_seq.seq_align_beg 
_struct_ref_seq.pdbx_seq_align_beg_ins_code 
_struct_ref_seq.seq_align_end 
_struct_ref_seq.pdbx_seq_align_end_ins_code 
_struct_ref_seq.pdbx_db_accession 
_struct_ref_seq.db_align_beg 
_struct_ref_seq.pdbx_db_align_beg_ins_code 
_struct_ref_seq.db_align_end 
_struct_ref_seq.pdbx_db_align_end_ins_code 
_struct_ref_seq.pdbx_auth_seq_align_beg 
_struct_ref_seq.pdbx_auth_seq_align_end 
1 1 2PWT A 1 ? 21 ? 2PWT 2  ? 22 ? 2  22 
2 1 2PWT B 1 ? 21 ? 2PWT 24 ? 44 ? 24 44 
# 
_pdbx_struct_assembly.id                   1 
_pdbx_struct_assembly.details              author_defined_assembly 
_pdbx_struct_assembly.method_details       ? 
_pdbx_struct_assembly.oligomeric_details   dimeric 
_pdbx_struct_assembly.oligomeric_count     2 
# 
_pdbx_struct_assembly_gen.assembly_id       1 
_pdbx_struct_assembly_gen.oper_expression   1 
_pdbx_struct_assembly_gen.asym_id_list      A,B,C,D,E,F,G 
# 
_pdbx_struct_oper_list.id                   1 
_pdbx_struct_oper_list.type                 'identity operation' 
_pdbx_struct_oper_list.name                 1_555 
_pdbx_struct_oper_list.symmetry_operation   x,y,z 
_pdbx_struct_oper_list.matrix[1][1]         1.0000000000 
_pdbx_struct_oper_list.matrix[1][2]         0.0000000000 
_pdbx_struct_oper_list.matrix[1][3]         0.0000000000 
_pdbx_struct_oper_list.vector[1]            0.0000000000 
_pdbx_struct_oper_list.matrix[2][1]         0.0000000000 
_pdbx_struct_oper_list.matrix[2][2]         1.0000000000 
_pdbx_struct_oper_list.matrix[2][3]         0.0000000000 
_pdbx_struct_oper_list.vector[2]            0.0000000000 
_pdbx_struct_oper_list.matrix[3][1]         0.0000000000 
_pdbx_struct_oper_list.matrix[3][2]         0.0000000000 
_pdbx_struct_oper_list.matrix[3][3]         1.0000000000 
_pdbx_struct_oper_list.vector[3]            0.0000000000 
# 
loop_
_struct_conn.id 
_struct_conn.conn_type_id 
_struct_conn.pdbx_leaving_atom_flag 
_struct_conn.pdbx_PDB_id 
_struct_conn.ptnr1_label_asym_id 
_struct_conn.ptnr1_label_comp_id 
_struct_conn.ptnr1_label_seq_id 
_struct_conn.ptnr1_label_atom_id 
_struct_conn.pdbx_ptnr1_label_alt_id 
_struct_conn.pdbx_ptnr1_PDB_ins_code 
_struct_conn.pdbx_ptnr1_standard_comp_id 
_struct_conn.ptnr1_symmetry 
_struct_conn.ptnr2_label_asym_id 
_struct_conn.ptnr2_label_comp_id 
_struct_conn.ptnr2_label_seq_id 
_struct_conn.ptnr2_label_atom_id 
_struct_conn.pdbx_ptnr2_label_alt_id 
_struct_conn.pdbx_ptnr2_PDB_ins_code 
_struct_conn.ptnr1_auth_asym_id 
_struct_conn.ptnr1_auth_comp_id 
_struct_conn.ptnr1_auth_seq_id 
_struct_conn.ptnr2_auth_asym_id 
_struct_conn.ptnr2_auth_comp_id 
_struct_conn.ptnr2_auth_seq_id 
_struct_conn.ptnr2_symmetry 
_struct_conn.pdbx_ptnr3_label_atom_id 
_struct_conn.pdbx_ptnr3_label_seq_id 
_struct_conn.pdbx_ptnr3_label_comp_id 
_struct_conn.pdbx_ptnr3_label_asym_id 
_struct_conn.pdbx_ptnr3_label_alt_id 
_struct_conn.pdbx_ptnr3_PDB_ins_code 
_struct_conn.details 
_struct_conn.pdbx_dist_value 
_struct_conn.pdbx_value_order 
_struct_conn.pdbx_role 
hydrog1  hydrog ? ? A G 1  N1 ? ? ? 1_555 B C 21 N3 ? ? A G 2  B C 44 1_555 ? ? ? ? ? ? WATSON-CRICK  ? ? ? 
hydrog2  hydrog ? ? A G 1  N2 ? ? ? 1_555 B C 21 O2 ? ? A G 2  B C 44 1_555 ? ? ? ? ? ? WATSON-CRICK  ? ? ? 
hydrog3  hydrog ? ? A G 1  O6 ? ? ? 1_555 B C 21 N4 ? ? A G 2  B C 44 1_555 ? ? ? ? ? ? WATSON-CRICK  ? ? ? 
hydrog4  hydrog ? ? A C 2  N3 ? ? ? 1_555 B G 20 N1 ? ? A C 3  B G 43 1_555 ? ? ? ? ? ? WATSON-CRICK  ? ? ? 
hydrog5  hydrog ? ? A C 2  N4 ? ? ? 1_555 B G 20 O6 ? ? A C 3  B G 43 1_555 ? ? ? ? ? ? WATSON-CRICK  ? ? ? 
hydrog6  hydrog ? ? A C 2  O2 ? ? ? 1_555 B G 20 N2 ? ? A C 3  B G 43 1_555 ? ? ? ? ? ? WATSON-CRICK  ? ? ? 
hydrog7  hydrog ? ? A G 3  N1 ? ? ? 1_555 B C 19 N3 ? ? A G 4  B C 42 1_555 ? ? ? ? ? ? WATSON-CRICK  ? ? ? 
hydrog8  hydrog ? ? A G 3  N2 ? ? ? 1_555 B C 19 O2 ? ? A G 4  B C 42 1_555 ? ? ? ? ? ? WATSON-CRICK  ? ? ? 
hydrog9  hydrog ? ? A G 3  O6 ? ? ? 1_555 B C 19 N4 ? ? A G 4  B C 42 1_555 ? ? ? ? ? ? WATSON-CRICK  ? ? ? 
hydrog10 hydrog ? ? A U 4  N3 ? ? ? 1_555 B U 18 O4 ? ? A U 5  B U 41 1_555 ? ? ? ? ? ? TYPE_16_PAIR  ? ? ? 
hydrog11 hydrog ? ? A U 4  O2 ? ? ? 1_555 B U 18 N3 ? ? A U 5  B U 41 1_555 ? ? ? ? ? ? TYPE_16_PAIR  ? ? ? 
hydrog12 hydrog ? ? A C 5  N3 ? ? ? 1_555 B G 17 N1 ? ? A C 6  B G 40 1_555 ? ? ? ? ? ? WATSON-CRICK  ? ? ? 
hydrog13 hydrog ? ? A C 5  N4 ? ? ? 1_555 B G 17 O6 ? ? A C 6  B G 40 1_555 ? ? ? ? ? ? WATSON-CRICK  ? ? ? 
hydrog14 hydrog ? ? A C 5  O2 ? ? ? 1_555 B G 17 N2 ? ? A C 6  B G 40 1_555 ? ? ? ? ? ? WATSON-CRICK  ? ? ? 
hydrog15 hydrog ? ? A C 7  N3 ? ? ? 1_555 B G 14 N1 ? ? A C 8  B G 37 1_555 ? ? ? ? ? ? WATSON-CRICK  ? ? ? 
hydrog16 hydrog ? ? A C 7  N4 ? ? ? 1_555 B G 14 O6 ? ? A C 8  B G 37 1_555 ? ? ? ? ? ? WATSON-CRICK  ? ? ? 
hydrog17 hydrog ? ? A C 7  O2 ? ? ? 1_555 B G 14 N2 ? ? A C 8  B G 37 1_555 ? ? ? ? ? ? WATSON-CRICK  ? ? ? 
hydrog18 hydrog ? ? A A 8  N1 ? ? ? 1_555 B U 13 N3 ? ? A A 9  B U 36 1_555 ? ? ? ? ? ? WATSON-CRICK  ? ? ? 
hydrog19 hydrog ? ? A A 8  N6 ? ? ? 1_555 B U 13 O4 ? ? A A 9  B U 36 1_555 ? ? ? ? ? ? WATSON-CRICK  ? ? ? 
hydrog20 hydrog ? ? A C 9  N3 ? ? ? 1_555 B G 12 N1 ? ? A C 10 B G 35 1_555 ? ? ? ? ? ? WATSON-CRICK  ? ? ? 
hydrog21 hydrog ? ? A C 9  N4 ? ? ? 1_555 B G 12 O6 ? ? A C 10 B G 35 1_555 ? ? ? ? ? ? WATSON-CRICK  ? ? ? 
hydrog22 hydrog ? ? A C 9  O2 ? ? ? 1_555 B G 12 N2 ? ? A C 10 B G 35 1_555 ? ? ? ? ? ? WATSON-CRICK  ? ? ? 
hydrog23 hydrog ? ? A C 10 N3 ? ? ? 1_555 B G 11 N1 ? ? A C 11 B G 34 1_555 ? ? ? ? ? ? WATSON-CRICK  ? ? ? 
hydrog24 hydrog ? ? A C 10 N4 ? ? ? 1_555 B G 11 O6 ? ? A C 11 B G 34 1_555 ? ? ? ? ? ? WATSON-CRICK  ? ? ? 
hydrog25 hydrog ? ? A C 10 O2 ? ? ? 1_555 B G 11 N2 ? ? A C 11 B G 34 1_555 ? ? ? ? ? ? WATSON-CRICK  ? ? ? 
hydrog26 hydrog ? ? A G 11 N1 ? ? ? 1_555 B C 10 N3 ? ? A G 12 B C 33 1_555 ? ? ? ? ? ? WATSON-CRICK  ? ? ? 
hydrog27 hydrog ? ? A G 11 N2 ? ? ? 1_555 B C 10 O2 ? ? A G 12 B C 33 1_555 ? ? ? ? ? ? WATSON-CRICK  ? ? ? 
hydrog28 hydrog ? ? A G 11 O6 ? ? ? 1_555 B C 10 N4 ? ? A G 12 B C 33 1_555 ? ? ? ? ? ? WATSON-CRICK  ? ? ? 
hydrog29 hydrog ? ? A G 12 N1 ? ? ? 1_555 B C 9  N3 ? ? A G 13 B C 32 1_555 ? ? ? ? ? ? WATSON-CRICK  ? ? ? 
hydrog30 hydrog ? ? A G 12 N2 ? ? ? 1_555 B C 9  O2 ? ? A G 13 B C 32 1_555 ? ? ? ? ? ? WATSON-CRICK  ? ? ? 
hydrog31 hydrog ? ? A G 12 O6 ? ? ? 1_555 B C 9  N4 ? ? A G 13 B C 32 1_555 ? ? ? ? ? ? WATSON-CRICK  ? ? ? 
hydrog32 hydrog ? ? A U 13 N3 ? ? ? 1_555 B A 8  N1 ? ? A U 14 B A 31 1_555 ? ? ? ? ? ? WATSON-CRICK  ? ? ? 
hydrog33 hydrog ? ? A U 13 O4 ? ? ? 1_555 B A 8  N6 ? ? A U 14 B A 31 1_555 ? ? ? ? ? ? WATSON-CRICK  ? ? ? 
hydrog34 hydrog ? ? A G 14 N1 ? ? ? 1_555 B C 7  N3 ? ? A G 15 B C 30 1_555 ? ? ? ? ? ? WATSON-CRICK  ? ? ? 
hydrog35 hydrog ? ? A G 14 N2 ? ? ? 1_555 B C 7  O2 ? ? A G 15 B C 30 1_555 ? ? ? ? ? ? WATSON-CRICK  ? ? ? 
hydrog36 hydrog ? ? A G 14 O6 ? ? ? 1_555 B C 7  N4 ? ? A G 15 B C 30 1_555 ? ? ? ? ? ? WATSON-CRICK  ? ? ? 
hydrog37 hydrog ? ? A G 17 N1 ? ? ? 1_555 B C 5  N3 ? ? A G 18 B C 28 1_555 ? ? ? ? ? ? WATSON-CRICK  ? ? ? 
hydrog38 hydrog ? ? A G 17 N2 ? ? ? 1_555 B C 5  O2 ? ? A G 18 B C 28 1_555 ? ? ? ? ? ? WATSON-CRICK  ? ? ? 
hydrog39 hydrog ? ? A G 17 O6 ? ? ? 1_555 B C 5  N4 ? ? A G 18 B C 28 1_555 ? ? ? ? ? ? WATSON-CRICK  ? ? ? 
hydrog40 hydrog ? ? A U 18 N3 ? ? ? 1_555 B U 4  O4 ? ? A U 19 B U 27 1_555 ? ? ? ? ? ? 'U-U MISPAIR' ? ? ? 
hydrog41 hydrog ? ? A C 19 N3 ? ? ? 1_555 B G 3  N1 ? ? A C 20 B G 26 1_555 ? ? ? ? ? ? WATSON-CRICK  ? ? ? 
hydrog42 hydrog ? ? A C 19 N4 ? ? ? 1_555 B G 3  O6 ? ? A C 20 B G 26 1_555 ? ? ? ? ? ? WATSON-CRICK  ? ? ? 
hydrog43 hydrog ? ? A C 19 O2 ? ? ? 1_555 B G 3  N2 ? ? A C 20 B G 26 1_555 ? ? ? ? ? ? WATSON-CRICK  ? ? ? 
hydrog44 hydrog ? ? A G 20 N1 ? ? ? 1_555 B C 2  N3 ? ? A G 21 B C 25 1_555 ? ? ? ? ? ? WATSON-CRICK  ? ? ? 
hydrog45 hydrog ? ? A G 20 N2 ? ? ? 1_555 B C 2  O2 ? ? A G 21 B C 25 1_555 ? ? ? ? ? ? WATSON-CRICK  ? ? ? 
hydrog46 hydrog ? ? A G 20 O6 ? ? ? 1_555 B C 2  N4 ? ? A G 21 B C 25 1_555 ? ? ? ? ? ? WATSON-CRICK  ? ? ? 
hydrog47 hydrog ? ? A C 21 N3 ? ? ? 1_555 B G 1  N1 ? ? A C 22 B G 24 1_555 ? ? ? ? ? ? WATSON-CRICK  ? ? ? 
hydrog48 hydrog ? ? A C 21 N4 ? ? ? 1_555 B G 1  O6 ? ? A C 22 B G 24 1_555 ? ? ? ? ? ? WATSON-CRICK  ? ? ? 
hydrog49 hydrog ? ? A C 21 O2 ? ? ? 1_555 B G 1  N2 ? ? A C 22 B G 24 1_555 ? ? ? ? ? ? WATSON-CRICK  ? ? ? 
# 
_struct_conn_type.id          hydrog 
_struct_conn_type.criteria    ? 
_struct_conn_type.reference   ? 
# 
loop_
_struct_site.id 
_struct_site.pdbx_evidence_code 
_struct_site.pdbx_auth_asym_id 
_struct_site.pdbx_auth_comp_id 
_struct_site.pdbx_auth_seq_id 
_struct_site.pdbx_auth_ins_code 
_struct_site.pdbx_num_residues 
_struct_site.details 
AC1 Software B LHA 50 ? 25 'BINDING SITE FOR RESIDUE LHA B 50' 
AC2 Software A LHA 51 ? 28 'BINDING SITE FOR RESIDUE LHA A 51' 
AC3 Software B LHA 55 ? 27 'BINDING SITE FOR RESIDUE LHA B 55' 
# 
loop_
_struct_site_gen.id 
_struct_site_gen.site_id 
_struct_site_gen.pdbx_num_res 
_struct_site_gen.label_comp_id 
_struct_site_gen.label_asym_id 
_struct_site_gen.label_seq_id 
_struct_site_gen.pdbx_auth_ins_code 
_struct_site_gen.auth_comp_id 
_struct_site_gen.auth_asym_id 
_struct_site_gen.auth_seq_id 
_struct_site_gen.label_atom_id 
_struct_site_gen.label_alt_id 
_struct_site_gen.symmetry 
_struct_site_gen.details 
1  AC1 25 G   A 1  ? G   A 2   . ? 1_555 ? 
2  AC1 25 C   A 2  ? C   A 3   . ? 1_555 ? 
3  AC1 25 U   A 4  ? U   A 5   . ? 1_555 ? 
4  AC1 25 C   A 5  ? C   A 6   . ? 1_555 ? 
5  AC1 25 A   A 6  ? A   A 7   . ? 1_555 ? 
6  AC1 25 HOH F .  ? HOH A 165 . ? 1_555 ? 
7  AC1 25 G   B 12 ? G   B 35  . ? 1_555 ? 
8  AC1 25 U   B 13 ? U   B 36  . ? 1_555 ? 
9  AC1 25 G   B 14 ? G   B 37  . ? 1_555 ? 
10 AC1 25 A   B 15 ? A   B 38  . ? 1_555 ? 
11 AC1 25 A   B 16 ? A   B 39  . ? 1_555 ? 
12 AC1 25 G   B 17 ? G   B 40  . ? 1_555 ? 
13 AC1 25 U   B 18 ? U   B 41  . ? 1_555 ? 
14 AC1 25 C   B 19 ? C   B 42  . ? 1_555 ? 
15 AC1 25 G   B 20 ? G   B 43  . ? 1_555 ? 
16 AC1 25 HOH G .  ? HOH B 103 . ? 1_555 ? 
17 AC1 25 HOH G .  ? HOH B 110 . ? 1_555 ? 
18 AC1 25 HOH G .  ? HOH B 118 . ? 1_555 ? 
19 AC1 25 HOH G .  ? HOH B 139 . ? 1_555 ? 
20 AC1 25 HOH G .  ? HOH B 164 . ? 1_555 ? 
21 AC1 25 HOH G .  ? HOH B 180 . ? 1_555 ? 
22 AC1 25 HOH G .  ? HOH B 183 . ? 1_555 ? 
23 AC1 25 HOH G .  ? HOH B 209 . ? 1_555 ? 
24 AC1 25 HOH G .  ? HOH B 249 . ? 1_555 ? 
25 AC1 25 HOH G .  ? HOH B 290 . ? 1_555 ? 
26 AC2 28 G   A 12 ? G   A 13  . ? 1_555 ? 
27 AC2 28 U   A 13 ? U   A 14  . ? 1_555 ? 
28 AC2 28 G   A 14 ? G   A 15  . ? 1_555 ? 
29 AC2 28 A   A 15 ? A   A 16  . ? 1_555 ? 
30 AC2 28 A   A 16 ? A   A 17  . ? 1_555 ? 
31 AC2 28 G   A 17 ? G   A 18  . ? 1_555 ? 
32 AC2 28 U   A 18 ? U   A 19  . ? 1_555 ? 
33 AC2 28 C   A 19 ? C   A 20  . ? 1_555 ? 
34 AC2 28 G   A 20 ? G   A 21  . ? 1_555 ? 
35 AC2 28 C   A 21 ? C   A 22  . ? 1_555 ? 
36 AC2 28 HOH F .  ? HOH A 101 . ? 1_555 ? 
37 AC2 28 HOH F .  ? HOH A 105 . ? 1_555 ? 
38 AC2 28 HOH F .  ? HOH A 111 . ? 1_555 ? 
39 AC2 28 HOH F .  ? HOH A 123 . ? 1_555 ? 
40 AC2 28 HOH F .  ? HOH A 153 . ? 1_555 ? 
41 AC2 28 HOH F .  ? HOH A 167 . ? 1_555 ? 
42 AC2 28 HOH F .  ? HOH A 168 . ? 1_555 ? 
43 AC2 28 HOH F .  ? HOH A 170 . ? 1_555 ? 
44 AC2 28 HOH F .  ? HOH A 191 . ? 1_555 ? 
45 AC2 28 HOH F .  ? HOH A 200 . ? 1_555 ? 
46 AC2 28 HOH F .  ? HOH A 223 . ? 1_555 ? 
47 AC2 28 HOH F .  ? HOH A 301 . ? 1_555 ? 
48 AC2 28 U   B 4  ? U   B 27  . ? 1_555 ? 
49 AC2 28 C   B 5  ? C   B 28  . ? 1_555 ? 
50 AC2 28 A   B 6  ? A   B 29  . ? 1_555 ? 
51 AC2 28 LHA E .  ? LHA B 55  . ? 1_565 ? 
52 AC2 28 HOH G .  ? HOH B 194 . ? 1_565 ? 
53 AC2 28 HOH G .  ? HOH B 196 . ? 1_555 ? 
54 AC3 27 G   A 11 ? G   A 12  . ? 1_555 ? 
55 AC3 27 A   A 15 ? A   A 16  . ? 3_545 ? 
56 AC3 27 C   A 19 ? C   A 20  . ? 1_545 ? 
57 AC3 27 G   A 20 ? G   A 21  . ? 1_545 ? 
58 AC3 27 LHA C .  ? LHA A 51  . ? 1_545 ? 
59 AC3 27 HOH F .  ? HOH A 144 . ? 1_545 ? 
60 AC3 27 HOH F .  ? HOH A 185 . ? 1_545 ? 
61 AC3 27 HOH F .  ? HOH A 191 . ? 1_545 ? 
62 AC3 27 G   B 11 ? G   B 34  . ? 1_555 ? 
63 AC3 27 G   B 12 ? G   B 35  . ? 1_555 ? 
64 AC3 27 A   B 15 ? A   B 38  . ? 4_455 ? 
65 AC3 27 A   B 16 ? A   B 39  . ? 4_455 ? 
66 AC3 27 U   B 18 ? U   B 41  . ? 1_455 ? 
67 AC3 27 C   B 19 ? C   B 42  . ? 1_455 ? 
68 AC3 27 G   B 20 ? G   B 43  . ? 1_455 ? 
69 AC3 27 C   B 21 ? C   B 44  . ? 1_455 ? 
70 AC3 27 HOH G .  ? HOH B 125 . ? 1_555 ? 
71 AC3 27 HOH G .  ? HOH B 133 . ? 1_455 ? 
72 AC3 27 HOH G .  ? HOH B 148 . ? 1_555 ? 
73 AC3 27 HOH G .  ? HOH B 157 . ? 1_555 ? 
74 AC3 27 HOH G .  ? HOH B 169 . ? 1_555 ? 
75 AC3 27 HOH G .  ? HOH B 177 . ? 1_555 ? 
76 AC3 27 HOH G .  ? HOH B 192 . ? 1_555 ? 
77 AC3 27 HOH G .  ? HOH B 193 . ? 1_555 ? 
78 AC3 27 HOH G .  ? HOH B 194 . ? 1_555 ? 
79 AC3 27 HOH G .  ? HOH B 254 . ? 1_555 ? 
80 AC3 27 HOH G .  ? HOH B 278 . ? 1_555 ? 
# 
loop_
_pdbx_validate_rmsd_bond.id 
_pdbx_validate_rmsd_bond.PDB_model_num 
_pdbx_validate_rmsd_bond.auth_atom_id_1 
_pdbx_validate_rmsd_bond.auth_asym_id_1 
_pdbx_validate_rmsd_bond.auth_comp_id_1 
_pdbx_validate_rmsd_bond.auth_seq_id_1 
_pdbx_validate_rmsd_bond.PDB_ins_code_1 
_pdbx_validate_rmsd_bond.label_alt_id_1 
_pdbx_validate_rmsd_bond.auth_atom_id_2 
_pdbx_validate_rmsd_bond.auth_asym_id_2 
_pdbx_validate_rmsd_bond.auth_comp_id_2 
_pdbx_validate_rmsd_bond.auth_seq_id_2 
_pdbx_validate_rmsd_bond.PDB_ins_code_2 
_pdbx_validate_rmsd_bond.label_alt_id_2 
_pdbx_validate_rmsd_bond.bond_value 
_pdbx_validate_rmsd_bond.bond_target_value 
_pdbx_validate_rmsd_bond.bond_deviation 
_pdbx_validate_rmsd_bond.bond_standard_deviation 
_pdbx_validate_rmsd_bond.linker_flag 
1 1 P A G 2  ? ? OP3 A G 2  ? ? 1.523 1.607 -0.084 0.012 N 
2 1 P B G 24 ? ? OP3 B G 24 ? ? 1.525 1.607 -0.082 0.012 N 
# 
loop_
_chem_comp_atom.comp_id 
_chem_comp_atom.atom_id 
_chem_comp_atom.type_symbol 
_chem_comp_atom.pdbx_aromatic_flag 
_chem_comp_atom.pdbx_stereo_config 
_chem_comp_atom.pdbx_ordinal 
A   OP3    O N N 1   
A   P      P N N 2   
A   OP1    O N N 3   
A   OP2    O N N 4   
A   "O5'"  O N N 5   
A   "C5'"  C N N 6   
A   "C4'"  C N R 7   
A   "O4'"  O N N 8   
A   "C3'"  C N S 9   
A   "O3'"  O N N 10  
A   "C2'"  C N R 11  
A   "O2'"  O N N 12  
A   "C1'"  C N R 13  
A   N9     N Y N 14  
A   C8     C Y N 15  
A   N7     N Y N 16  
A   C5     C Y N 17  
A   C6     C Y N 18  
A   N6     N N N 19  
A   N1     N Y N 20  
A   C2     C Y N 21  
A   N3     N Y N 22  
A   C4     C Y N 23  
A   HOP3   H N N 24  
A   HOP2   H N N 25  
A   "H5'"  H N N 26  
A   "H5''" H N N 27  
A   "H4'"  H N N 28  
A   "H3'"  H N N 29  
A   "HO3'" H N N 30  
A   "H2'"  H N N 31  
A   "HO2'" H N N 32  
A   "H1'"  H N N 33  
A   H8     H N N 34  
A   H61    H N N 35  
A   H62    H N N 36  
A   H2     H N N 37  
C   OP3    O N N 38  
C   P      P N N 39  
C   OP1    O N N 40  
C   OP2    O N N 41  
C   "O5'"  O N N 42  
C   "C5'"  C N N 43  
C   "C4'"  C N R 44  
C   "O4'"  O N N 45  
C   "C3'"  C N S 46  
C   "O3'"  O N N 47  
C   "C2'"  C N R 48  
C   "O2'"  O N N 49  
C   "C1'"  C N R 50  
C   N1     N N N 51  
C   C2     C N N 52  
C   O2     O N N 53  
C   N3     N N N 54  
C   C4     C N N 55  
C   N4     N N N 56  
C   C5     C N N 57  
C   C6     C N N 58  
C   HOP3   H N N 59  
C   HOP2   H N N 60  
C   "H5'"  H N N 61  
C   "H5''" H N N 62  
C   "H4'"  H N N 63  
C   "H3'"  H N N 64  
C   "HO3'" H N N 65  
C   "H2'"  H N N 66  
C   "HO2'" H N N 67  
C   "H1'"  H N N 68  
C   H41    H N N 69  
C   H42    H N N 70  
C   H5     H N N 71  
C   H6     H N N 72  
G   OP3    O N N 73  
G   P      P N N 74  
G   OP1    O N N 75  
G   OP2    O N N 76  
G   "O5'"  O N N 77  
G   "C5'"  C N N 78  
G   "C4'"  C N R 79  
G   "O4'"  O N N 80  
G   "C3'"  C N S 81  
G   "O3'"  O N N 82  
G   "C2'"  C N R 83  
G   "O2'"  O N N 84  
G   "C1'"  C N R 85  
G   N9     N Y N 86  
G   C8     C Y N 87  
G   N7     N Y N 88  
G   C5     C Y N 89  
G   C6     C N N 90  
G   O6     O N N 91  
G   N1     N N N 92  
G   C2     C N N 93  
G   N2     N N N 94  
G   N3     N N N 95  
G   C4     C Y N 96  
G   HOP3   H N N 97  
G   HOP2   H N N 98  
G   "H5'"  H N N 99  
G   "H5''" H N N 100 
G   "H4'"  H N N 101 
G   "H3'"  H N N 102 
G   "HO3'" H N N 103 
G   "H2'"  H N N 104 
G   "HO2'" H N N 105 
G   "H1'"  H N N 106 
G   H8     H N N 107 
G   H1     H N N 108 
G   H21    H N N 109 
G   H22    H N N 110 
HOH O      O N N 111 
HOH H1     H N N 112 
HOH H2     H N N 113 
LHA C11    C N S 114 
LHA O11    O N N 115 
LHA C21    C N R 116 
LHA N21    N N N 117 
LHA C31    C N R 118 
LHA O31    O N N 119 
LHA C41    C N S 120 
LHA O41    O N N 121 
LHA C51    C N R 122 
LHA O51    O N N 123 
LHA C61    C N N 124 
LHA O61    O N N 125 
LHA C12    C N R 126 
LHA N12    N N N 127 
LHA C22    C N N 128 
LHA C32    C N S 129 
LHA N32    N N N 130 
LHA C42    C N R 131 
LHA C52    C N R 132 
LHA O52    O N N 133 
LHA C62    C N S 134 
LHA O62    O N N 135 
LHA C13    C N S 136 
LHA O13    O N N 137 
LHA C23    C N R 138 
LHA O23    O N N 139 
LHA C33    C N R 140 
LHA O33    O N N 141 
LHA C43    C N R 142 
LHA C53    C N N 143 
LHA O53    O N N 144 
LHA C14    C N R 145 
LHA C24    C N R 146 
LHA N24    N N N 147 
LHA C34    C N R 148 
LHA O34    O N N 149 
LHA C44    C N S 150 
LHA O44    O N N 151 
LHA C54    C N S 152 
LHA O54    O N N 153 
LHA C64    C N N 154 
LHA N64    N N N 155 
LHA C15    C N N 156 
LHA C25    C N N 157 
LHA N25    N N N 158 
LHA C35    C N N 159 
LHA C45    C N N 160 
LHA C16    C Y N 161 
LHA C26    C Y N 162 
LHA C36    C Y N 163 
LHA C46    C Y N 164 
LHA C56    C Y N 165 
LHA C66    C Y N 166 
LHA C17    C N N 167 
LHA O17    O N N 168 
LHA C27    C N S 169 
LHA O27    O N N 170 
LHA C37    C N N 171 
LHA C47    C N N 172 
LHA N47    N N N 173 
LHA H11    H N N 174 
LHA H21    H N N 175 
LHA H211   H N N 176 
LHA H212   H N N 177 
LHA H31    H N N 178 
LHA HO31   H N N 179 
LHA H41    H N N 180 
LHA HO41   H N N 181 
LHA H51    H N N 182 
LHA H611   H N N 183 
LHA H612   H N N 184 
LHA HO61   H N N 185 
LHA H12    H N N 186 
LHA HN12   H N N 187 
LHA H221   H N N 188 
LHA H222   H N N 189 
LHA H32    H N N 190 
LHA H321   H N N 191 
LHA H322   H N N 192 
LHA H42    H N N 193 
LHA H52    H N N 194 
LHA H62    H N N 195 
LHA HO62   H N N 196 
LHA H13    H N N 197 
LHA H23    H N N 198 
LHA H33    H N N 199 
LHA H43    H N N 200 
LHA H531   H N N 201 
LHA H532   H N N 202 
LHA HO53   H N N 203 
LHA H14    H N N 204 
LHA H24    H N N 205 
LHA H241   H N N 206 
LHA H242   H N N 207 
LHA H34    H N N 208 
LHA HO34   H N N 209 
LHA H44    H N N 210 
LHA HO44   H N N 211 
LHA H54    H N N 212 
LHA H641   H N N 213 
LHA H642   H N N 214 
LHA HN41   H N N 215 
LHA HN42   H N N 216 
LHA H151   H N N 217 
LHA H152   H N N 218 
LHA H251   H N N 219 
LHA H252   H N N 220 
LHA HN25   H N N 221 
LHA H351   H N N 222 
LHA H352   H N N 223 
LHA H451   H N N 224 
LHA H452   H N N 225 
LHA H26    H N N 226 
LHA H36    H N N 227 
LHA H46    H N N 228 
LHA H56    H N N 229 
LHA H66    H N N 230 
LHA H27    H N N 231 
LHA HO27   H N N 232 
LHA H371   H N N 233 
LHA H372   H N N 234 
LHA H471   H N N 235 
LHA H472   H N N 236 
LHA HN71   H N N 237 
LHA HN72   H N N 238 
U   OP3    O N N 239 
U   P      P N N 240 
U   OP1    O N N 241 
U   OP2    O N N 242 
U   "O5'"  O N N 243 
U   "C5'"  C N N 244 
U   "C4'"  C N R 245 
U   "O4'"  O N N 246 
U   "C3'"  C N S 247 
U   "O3'"  O N N 248 
U   "C2'"  C N R 249 
U   "O2'"  O N N 250 
U   "C1'"  C N R 251 
U   N1     N N N 252 
U   C2     C N N 253 
U   O2     O N N 254 
U   N3     N N N 255 
U   C4     C N N 256 
U   O4     O N N 257 
U   C5     C N N 258 
U   C6     C N N 259 
U   HOP3   H N N 260 
U   HOP2   H N N 261 
U   "H5'"  H N N 262 
U   "H5''" H N N 263 
U   "H4'"  H N N 264 
U   "H3'"  H N N 265 
U   "HO3'" H N N 266 
U   "H2'"  H N N 267 
U   "HO2'" H N N 268 
U   "H1'"  H N N 269 
U   H3     H N N 270 
U   H5     H N N 271 
U   H6     H N N 272 
# 
loop_
_chem_comp_bond.comp_id 
_chem_comp_bond.atom_id_1 
_chem_comp_bond.atom_id_2 
_chem_comp_bond.value_order 
_chem_comp_bond.pdbx_aromatic_flag 
_chem_comp_bond.pdbx_stereo_config 
_chem_comp_bond.pdbx_ordinal 
A   OP3   P      sing N N 1   
A   OP3   HOP3   sing N N 2   
A   P     OP1    doub N N 3   
A   P     OP2    sing N N 4   
A   P     "O5'"  sing N N 5   
A   OP2   HOP2   sing N N 6   
A   "O5'" "C5'"  sing N N 7   
A   "C5'" "C4'"  sing N N 8   
A   "C5'" "H5'"  sing N N 9   
A   "C5'" "H5''" sing N N 10  
A   "C4'" "O4'"  sing N N 11  
A   "C4'" "C3'"  sing N N 12  
A   "C4'" "H4'"  sing N N 13  
A   "O4'" "C1'"  sing N N 14  
A   "C3'" "O3'"  sing N N 15  
A   "C3'" "C2'"  sing N N 16  
A   "C3'" "H3'"  sing N N 17  
A   "O3'" "HO3'" sing N N 18  
A   "C2'" "O2'"  sing N N 19  
A   "C2'" "C1'"  sing N N 20  
A   "C2'" "H2'"  sing N N 21  
A   "O2'" "HO2'" sing N N 22  
A   "C1'" N9     sing N N 23  
A   "C1'" "H1'"  sing N N 24  
A   N9    C8     sing Y N 25  
A   N9    C4     sing Y N 26  
A   C8    N7     doub Y N 27  
A   C8    H8     sing N N 28  
A   N7    C5     sing Y N 29  
A   C5    C6     sing Y N 30  
A   C5    C4     doub Y N 31  
A   C6    N6     sing N N 32  
A   C6    N1     doub Y N 33  
A   N6    H61    sing N N 34  
A   N6    H62    sing N N 35  
A   N1    C2     sing Y N 36  
A   C2    N3     doub Y N 37  
A   C2    H2     sing N N 38  
A   N3    C4     sing Y N 39  
C   OP3   P      sing N N 40  
C   OP3   HOP3   sing N N 41  
C   P     OP1    doub N N 42  
C   P     OP2    sing N N 43  
C   P     "O5'"  sing N N 44  
C   OP2   HOP2   sing N N 45  
C   "O5'" "C5'"  sing N N 46  
C   "C5'" "C4'"  sing N N 47  
C   "C5'" "H5'"  sing N N 48  
C   "C5'" "H5''" sing N N 49  
C   "C4'" "O4'"  sing N N 50  
C   "C4'" "C3'"  sing N N 51  
C   "C4'" "H4'"  sing N N 52  
C   "O4'" "C1'"  sing N N 53  
C   "C3'" "O3'"  sing N N 54  
C   "C3'" "C2'"  sing N N 55  
C   "C3'" "H3'"  sing N N 56  
C   "O3'" "HO3'" sing N N 57  
C   "C2'" "O2'"  sing N N 58  
C   "C2'" "C1'"  sing N N 59  
C   "C2'" "H2'"  sing N N 60  
C   "O2'" "HO2'" sing N N 61  
C   "C1'" N1     sing N N 62  
C   "C1'" "H1'"  sing N N 63  
C   N1    C2     sing N N 64  
C   N1    C6     sing N N 65  
C   C2    O2     doub N N 66  
C   C2    N3     sing N N 67  
C   N3    C4     doub N N 68  
C   C4    N4     sing N N 69  
C   C4    C5     sing N N 70  
C   N4    H41    sing N N 71  
C   N4    H42    sing N N 72  
C   C5    C6     doub N N 73  
C   C5    H5     sing N N 74  
C   C6    H6     sing N N 75  
G   OP3   P      sing N N 76  
G   OP3   HOP3   sing N N 77  
G   P     OP1    doub N N 78  
G   P     OP2    sing N N 79  
G   P     "O5'"  sing N N 80  
G   OP2   HOP2   sing N N 81  
G   "O5'" "C5'"  sing N N 82  
G   "C5'" "C4'"  sing N N 83  
G   "C5'" "H5'"  sing N N 84  
G   "C5'" "H5''" sing N N 85  
G   "C4'" "O4'"  sing N N 86  
G   "C4'" "C3'"  sing N N 87  
G   "C4'" "H4'"  sing N N 88  
G   "O4'" "C1'"  sing N N 89  
G   "C3'" "O3'"  sing N N 90  
G   "C3'" "C2'"  sing N N 91  
G   "C3'" "H3'"  sing N N 92  
G   "O3'" "HO3'" sing N N 93  
G   "C2'" "O2'"  sing N N 94  
G   "C2'" "C1'"  sing N N 95  
G   "C2'" "H2'"  sing N N 96  
G   "O2'" "HO2'" sing N N 97  
G   "C1'" N9     sing N N 98  
G   "C1'" "H1'"  sing N N 99  
G   N9    C8     sing Y N 100 
G   N9    C4     sing Y N 101 
G   C8    N7     doub Y N 102 
G   C8    H8     sing N N 103 
G   N7    C5     sing Y N 104 
G   C5    C6     sing N N 105 
G   C5    C4     doub Y N 106 
G   C6    O6     doub N N 107 
G   C6    N1     sing N N 108 
G   N1    C2     sing N N 109 
G   N1    H1     sing N N 110 
G   C2    N2     sing N N 111 
G   C2    N3     doub N N 112 
G   N2    H21    sing N N 113 
G   N2    H22    sing N N 114 
G   N3    C4     sing N N 115 
HOH O     H1     sing N N 116 
HOH O     H2     sing N N 117 
LHA C11   C21    sing N N 118 
LHA C11   O11    sing N N 119 
LHA C11   O51    sing N N 120 
LHA C11   H11    sing N N 121 
LHA O11   C42    sing N N 122 
LHA C21   C31    sing N N 123 
LHA C21   N21    sing N N 124 
LHA C21   H21    sing N N 125 
LHA N21   H211   sing N N 126 
LHA N21   H212   sing N N 127 
LHA C31   O31    sing N N 128 
LHA C31   C41    sing N N 129 
LHA C31   H31    sing N N 130 
LHA O31   HO31   sing N N 131 
LHA C41   O41    sing N N 132 
LHA C41   C51    sing N N 133 
LHA C41   H41    sing N N 134 
LHA O41   HO41   sing N N 135 
LHA C51   C61    sing N N 136 
LHA C51   O51    sing N N 137 
LHA C51   H51    sing N N 138 
LHA C61   O61    sing N N 139 
LHA C61   H611   sing N N 140 
LHA C61   H612   sing N N 141 
LHA O61   HO61   sing N N 142 
LHA C12   C22    sing N N 143 
LHA C12   N12    sing N N 144 
LHA C12   C62    sing N N 145 
LHA C12   H12    sing N N 146 
LHA N12   C17    sing N N 147 
LHA N12   HN12   sing N N 148 
LHA C22   C32    sing N N 149 
LHA C22   H221   sing N N 150 
LHA C22   H222   sing N N 151 
LHA C32   N32    sing N N 152 
LHA C32   C42    sing N N 153 
LHA C32   H32    sing N N 154 
LHA N32   H321   sing N N 155 
LHA N32   H322   sing N N 156 
LHA C42   C52    sing N N 157 
LHA C42   H42    sing N N 158 
LHA C52   O52    sing N N 159 
LHA C52   C62    sing N N 160 
LHA C52   H52    sing N N 161 
LHA O52   C13    sing N N 162 
LHA C62   O62    sing N N 163 
LHA C62   H62    sing N N 164 
LHA O62   HO62   sing N N 165 
LHA C13   O13    sing N N 166 
LHA C13   C23    sing N N 167 
LHA C13   H13    sing N N 168 
LHA O13   C43    sing N N 169 
LHA C23   O23    sing N N 170 
LHA C23   C33    sing N N 171 
LHA C23   H23    sing N N 172 
LHA O23   C15    sing N N 173 
LHA C33   C43    sing N N 174 
LHA C33   O33    sing N N 175 
LHA C33   H33    sing N N 176 
LHA O33   C14    sing N N 177 
LHA C43   C53    sing N N 178 
LHA C43   H43    sing N N 179 
LHA C53   O53    sing N N 180 
LHA C53   H531   sing N N 181 
LHA C53   H532   sing N N 182 
LHA O53   HO53   sing N N 183 
LHA C14   O54    sing N N 184 
LHA C14   C24    sing N N 185 
LHA C14   H14    sing N N 186 
LHA C24   N24    sing N N 187 
LHA C24   C34    sing N N 188 
LHA C24   H24    sing N N 189 
LHA N24   H241   sing N N 190 
LHA N24   H242   sing N N 191 
LHA C34   C44    sing N N 192 
LHA C34   O34    sing N N 193 
LHA C34   H34    sing N N 194 
LHA O34   HO34   sing N N 195 
LHA C44   C54    sing N N 196 
LHA C44   O44    sing N N 197 
LHA C44   H44    sing N N 198 
LHA O44   HO44   sing N N 199 
LHA C54   O54    sing N N 200 
LHA C54   C64    sing N N 201 
LHA C54   H54    sing N N 202 
LHA C64   N64    sing N N 203 
LHA C64   H641   sing N N 204 
LHA C64   H642   sing N N 205 
LHA N64   HN41   sing N N 206 
LHA N64   HN42   sing N N 207 
LHA C15   C25    sing N N 208 
LHA C15   H151   sing N N 209 
LHA C15   H152   sing N N 210 
LHA C25   N25    sing N N 211 
LHA C25   H251   sing N N 212 
LHA C25   H252   sing N N 213 
LHA N25   C35    sing N N 214 
LHA N25   HN25   sing N N 215 
LHA C35   C45    sing N N 216 
LHA C35   H351   sing N N 217 
LHA C35   H352   sing N N 218 
LHA C45   C16    sing N N 219 
LHA C45   H451   sing N N 220 
LHA C45   H452   sing N N 221 
LHA C16   C66    doub Y N 222 
LHA C16   C26    sing Y N 223 
LHA C26   C36    doub Y N 224 
LHA C26   H26    sing N N 225 
LHA C36   C46    sing Y N 226 
LHA C36   H36    sing N N 227 
LHA C46   C56    doub Y N 228 
LHA C46   H46    sing N N 229 
LHA C56   C66    sing Y N 230 
LHA C56   H56    sing N N 231 
LHA C66   H66    sing N N 232 
LHA C17   O17    doub N N 233 
LHA C17   C27    sing N N 234 
LHA C27   O27    sing N N 235 
LHA C27   C37    sing N N 236 
LHA C27   H27    sing N N 237 
LHA O27   HO27   sing N N 238 
LHA C37   C47    sing N N 239 
LHA C37   H371   sing N N 240 
LHA C37   H372   sing N N 241 
LHA C47   N47    sing N N 242 
LHA C47   H471   sing N N 243 
LHA C47   H472   sing N N 244 
LHA N47   HN71   sing N N 245 
LHA N47   HN72   sing N N 246 
U   OP3   P      sing N N 247 
U   OP3   HOP3   sing N N 248 
U   P     OP1    doub N N 249 
U   P     OP2    sing N N 250 
U   P     "O5'"  sing N N 251 
U   OP2   HOP2   sing N N 252 
U   "O5'" "C5'"  sing N N 253 
U   "C5'" "C4'"  sing N N 254 
U   "C5'" "H5'"  sing N N 255 
U   "C5'" "H5''" sing N N 256 
U   "C4'" "O4'"  sing N N 257 
U   "C4'" "C3'"  sing N N 258 
U   "C4'" "H4'"  sing N N 259 
U   "O4'" "C1'"  sing N N 260 
U   "C3'" "O3'"  sing N N 261 
U   "C3'" "C2'"  sing N N 262 
U   "C3'" "H3'"  sing N N 263 
U   "O3'" "HO3'" sing N N 264 
U   "C2'" "O2'"  sing N N 265 
U   "C2'" "C1'"  sing N N 266 
U   "C2'" "H2'"  sing N N 267 
U   "O2'" "HO2'" sing N N 268 
U   "C1'" N1     sing N N 269 
U   "C1'" "H1'"  sing N N 270 
U   N1    C2     sing N N 271 
U   N1    C6     sing N N 272 
U   C2    O2     doub N N 273 
U   C2    N3     sing N N 274 
U   N3    C4     sing N N 275 
U   N3    H3     sing N N 276 
U   C4    O4     doub N N 277 
U   C4    C5     sing N N 278 
U   C5    C6     doub N N 279 
U   C5    H5     sing N N 280 
U   C6    H6     sing N N 281 
# 
loop_
_ndb_struct_conf_na.entry_id 
_ndb_struct_conf_na.feature 
2PWT 'double helix'         
2PWT 'a-form double helix'  
2PWT 'mismatched base pair' 
2PWT 'internal loop'        
# 
loop_
_ndb_struct_na_base_pair.model_number 
_ndb_struct_na_base_pair.i_label_asym_id 
_ndb_struct_na_base_pair.i_label_comp_id 
_ndb_struct_na_base_pair.i_label_seq_id 
_ndb_struct_na_base_pair.i_symmetry 
_ndb_struct_na_base_pair.j_label_asym_id 
_ndb_struct_na_base_pair.j_label_comp_id 
_ndb_struct_na_base_pair.j_label_seq_id 
_ndb_struct_na_base_pair.j_symmetry 
_ndb_struct_na_base_pair.shear 
_ndb_struct_na_base_pair.stretch 
_ndb_struct_na_base_pair.stagger 
_ndb_struct_na_base_pair.buckle 
_ndb_struct_na_base_pair.propeller 
_ndb_struct_na_base_pair.opening 
_ndb_struct_na_base_pair.pair_number 
_ndb_struct_na_base_pair.pair_name 
_ndb_struct_na_base_pair.i_auth_asym_id 
_ndb_struct_na_base_pair.i_auth_seq_id 
_ndb_struct_na_base_pair.i_PDB_ins_code 
_ndb_struct_na_base_pair.j_auth_asym_id 
_ndb_struct_na_base_pair.j_auth_seq_id 
_ndb_struct_na_base_pair.j_PDB_ins_code 
_ndb_struct_na_base_pair.hbond_type_28 
_ndb_struct_na_base_pair.hbond_type_12 
1 A G 1  1_555 B C 21 1_555 0.112  -0.129 -0.110 -2.518  -2.655  0.658   1  A_G2:C44_B  A 2  ? B 44 ? 19 1 
1 A C 2  1_555 B G 20 1_555 0.031  -0.242 -0.055 3.268   -7.791  -3.317  2  A_C3:G43_B  A 3  ? B 43 ? 19 1 
1 A G 3  1_555 B C 19 1_555 -0.060 -0.212 -0.265 -9.105  -9.911  0.435   3  A_G4:C42_B  A 4  ? B 42 ? 19 1 
1 A U 4  1_555 B U 18 1_555 1.691  -1.478 0.179  1.636   -7.489  7.540   4  A_U5:U41_B  A 5  ? B 41 ? 16 1 
1 A C 5  1_555 B G 17 1_555 0.418  -0.253 -0.350 1.412   -3.735  1.738   5  A_C6:G40_B  A 6  ? B 40 ? 19 1 
1 A C 7  1_555 B G 14 1_555 0.409  -0.003 0.002  7.359   -21.805 4.671   6  A_C8:G37_B  A 8  ? B 37 ? 19 1 
1 A A 8  1_555 B U 13 1_555 0.095  -0.132 0.284  2.516   -13.940 5.069   7  A_A9:U36_B  A 9  ? B 36 ? 20 1 
1 A C 9  1_555 B G 12 1_555 0.301  -0.138 -0.027 8.344   -19.058 4.740   8  A_C10:G35_B A 10 ? B 35 ? 19 1 
1 A C 10 1_555 B G 11 1_555 0.038  -0.216 0.142  -1.037  -9.508  -1.589  9  A_C11:G34_B A 11 ? B 34 ? 19 1 
1 A G 11 1_555 B C 10 1_555 -0.242 -0.137 0.451  6.733   -7.660  -0.903  10 A_G12:C33_B A 12 ? B 33 ? 19 1 
1 A G 12 1_555 B C 9  1_555 -0.369 -0.133 0.174  -0.848  -18.188 -0.706  11 A_G13:C32_B A 13 ? B 32 ? 19 1 
1 A U 13 1_555 B A 8  1_555 0.244  -0.147 0.266  -1.902  -14.265 3.640   12 A_U14:A31_B A 14 ? B 31 ? 20 1 
1 A G 14 1_555 B C 7  1_555 -0.163 -0.130 -0.057 -11.454 -21.266 -0.231  13 A_G15:C30_B A 15 ? B 30 ? 19 1 
1 A G 17 1_555 B C 5  1_555 -0.082 -0.150 -0.150 -5.092  -3.248  -1.815  14 A_G18:C28_B A 18 ? B 28 ? 19 1 
1 A U 18 1_555 B U 4  1_555 2.818  -1.242 -0.512 -5.874  -6.429  -31.655 15 A_U19:U27_B A 19 ? B 27 ? ?  ? 
1 A C 19 1_555 B G 3  1_555 0.097  -0.126 -0.156 3.749   -6.956  -2.318  16 A_C20:G26_B A 20 ? B 26 ? 19 1 
1 A G 20 1_555 B C 2  1_555 -0.064 -0.210 -0.166 0.068   -6.056  1.888   17 A_G21:C25_B A 21 ? B 25 ? 19 1 
1 A C 21 1_555 B G 1  1_555 0.158  -0.236 -0.155 2.967   -2.230  1.776   18 A_C22:G24_B A 22 ? B 24 ? 19 1 
# 
loop_
_ndb_struct_na_base_pair_step.model_number 
_ndb_struct_na_base_pair_step.i_label_asym_id_1 
_ndb_struct_na_base_pair_step.i_label_comp_id_1 
_ndb_struct_na_base_pair_step.i_label_seq_id_1 
_ndb_struct_na_base_pair_step.i_symmetry_1 
_ndb_struct_na_base_pair_step.j_label_asym_id_1 
_ndb_struct_na_base_pair_step.j_label_comp_id_1 
_ndb_struct_na_base_pair_step.j_label_seq_id_1 
_ndb_struct_na_base_pair_step.j_symmetry_1 
_ndb_struct_na_base_pair_step.i_label_asym_id_2 
_ndb_struct_na_base_pair_step.i_label_comp_id_2 
_ndb_struct_na_base_pair_step.i_label_seq_id_2 
_ndb_struct_na_base_pair_step.i_symmetry_2 
_ndb_struct_na_base_pair_step.j_label_asym_id_2 
_ndb_struct_na_base_pair_step.j_label_comp_id_2 
_ndb_struct_na_base_pair_step.j_label_seq_id_2 
_ndb_struct_na_base_pair_step.j_symmetry_2 
_ndb_struct_na_base_pair_step.shift 
_ndb_struct_na_base_pair_step.slide 
_ndb_struct_na_base_pair_step.rise 
_ndb_struct_na_base_pair_step.tilt 
_ndb_struct_na_base_pair_step.roll 
_ndb_struct_na_base_pair_step.twist 
_ndb_struct_na_base_pair_step.x_displacement 
_ndb_struct_na_base_pair_step.y_displacement 
_ndb_struct_na_base_pair_step.helical_rise 
_ndb_struct_na_base_pair_step.inclination 
_ndb_struct_na_base_pair_step.tip 
_ndb_struct_na_base_pair_step.helical_twist 
_ndb_struct_na_base_pair_step.step_number 
_ndb_struct_na_base_pair_step.step_name 
_ndb_struct_na_base_pair_step.i_auth_asym_id_1 
_ndb_struct_na_base_pair_step.i_auth_seq_id_1 
_ndb_struct_na_base_pair_step.i_PDB_ins_code_1 
_ndb_struct_na_base_pair_step.j_auth_asym_id_1 
_ndb_struct_na_base_pair_step.j_auth_seq_id_1 
_ndb_struct_na_base_pair_step.j_PDB_ins_code_1 
_ndb_struct_na_base_pair_step.i_auth_asym_id_2 
_ndb_struct_na_base_pair_step.i_auth_seq_id_2 
_ndb_struct_na_base_pair_step.i_PDB_ins_code_2 
_ndb_struct_na_base_pair_step.j_auth_asym_id_2 
_ndb_struct_na_base_pair_step.j_auth_seq_id_2 
_ndb_struct_na_base_pair_step.j_PDB_ins_code_2 
1 A G 1  1_555 B C 21 1_555 A C 2  1_555 B G 20 1_555 -0.260 -1.447 3.256 -1.790  2.290  29.974 -3.244 0.142  3.149 4.415  3.451  
30.112 1  AA_G2C3:G43C44_BB   A 2  ? B 44 ? A 3  ? B 43 ? 
1 A C 2  1_555 B G 20 1_555 A G 3  1_555 B C 19 1_555 0.459  -1.915 3.528 2.673   9.923  33.311 -4.716 -0.359 2.884 16.819 -4.531 
34.817 2  AA_C3G4:C42G43_BB   A 3  ? B 43 ? A 4  ? B 42 ? 
1 A G 3  1_555 B C 19 1_555 A U 4  1_555 B U 18 1_555 0.979  -1.901 3.012 -0.182  0.194  36.414 -3.067 -1.590 2.998 0.310  0.292  
36.415 3  AA_G4U5:U41C42_BB   A 4  ? B 42 ? A 5  ? B 41 ? 
1 A U 4  1_555 B U 18 1_555 A C 5  1_555 B G 17 1_555 -0.439 -2.695 3.271 4.721   -0.778 29.882 -5.006 1.796  3.232 -1.497 -9.082 
30.254 4  AA_U5C6:G40U41_BB   A 5  ? B 41 ? A 6  ? B 40 ? 
1 A C 5  1_555 B G 17 1_555 A C 7  1_555 B G 14 1_555 1.728  -3.761 6.204 -12.029 28.360 76.719 -4.110 -1.845 4.565 22.038 9.347  
81.780 5  AA_C6C8:G37G40_BB   A 6  ? B 40 ? A 8  ? B 37 ? 
1 A C 7  1_555 B G 14 1_555 A A 8  1_555 B U 13 1_555 0.244  -1.404 3.131 -1.099  11.784 33.952 -3.775 -0.536 2.512 19.460 1.815  
35.898 6  AA_C8A9:U36G37_BB   A 8  ? B 37 ? A 9  ? B 36 ? 
1 A A 8  1_555 B U 13 1_555 A C 9  1_555 B G 12 1_555 0.241  -1.044 3.093 3.243   2.830  31.610 -2.382 0.112  2.999 5.166  -5.918 
31.894 7  AA_A9C10:G35U36_BB  A 9  ? B 36 ? A 10 ? B 35 ? 
1 A C 9  1_555 B G 12 1_555 A C 10 1_555 B G 11 1_555 -0.509 -1.738 3.417 -2.224  7.197  34.463 -3.935 0.511  3.030 11.971 3.699  
35.252 8  AA_C10C11:G34G35_BB A 10 ? B 35 ? A 11 ? B 34 ? 
1 A C 10 1_555 B G 11 1_555 A G 11 1_555 B C 10 1_555 -0.583 -1.772 2.877 -3.196  7.618  23.782 -5.879 0.579  2.266 17.810 7.471  
25.157 9  AA_C11G12:C33G34_BB A 11 ? B 34 ? A 12 ? B 33 ? 
1 A G 11 1_555 B C 10 1_555 A G 12 1_555 B C 9  1_555 0.167  -1.492 3.367 0.729   6.352  34.117 -3.466 -0.169 3.051 10.710 -1.229 
34.694 10 AA_G12G13:C32C33_BB A 12 ? B 33 ? A 13 ? B 32 ? 
1 A G 12 1_555 B C 9  1_555 A U 13 1_555 B A 8  1_555 0.422  -1.209 3.214 0.034   2.574  35.440 -2.346 -0.687 3.122 4.221  -0.056 
35.530 11 AA_G13U14:A31C32_BB A 13 ? B 32 ? A 14 ? B 31 ? 
1 A U 13 1_555 B A 8  1_555 A G 14 1_555 B C 7  1_555 -0.392 -1.553 3.241 2.780   12.439 33.319 -4.178 1.007  2.482 20.772 -4.643 
35.609 12 AA_U14G15:C30A31_BB A 14 ? B 31 ? A 15 ? B 30 ? 
1 A G 17 1_555 B C 5  1_555 A U 18 1_555 B U 4  1_555 -2.366 -2.580 3.306 2.082   -0.198 44.587 -3.378 3.306  3.209 -0.260 -2.742 
44.634 13 AA_G18U19:U27C28_BB A 18 ? B 28 ? A 19 ? B 27 ? 
1 A U 18 1_555 B U 4  1_555 A C 19 1_555 B G 3  1_555 0.920  -2.492 2.949 -1.499  3.459  17.993 -9.367 -3.557 2.348 10.905 4.727  
18.380 14 AA_U19C20:G26U27_BB A 19 ? B 27 ? A 20 ? B 26 ? 
1 A C 19 1_555 B G 3  1_555 A G 20 1_555 B C 2  1_555 0.428  -1.954 3.378 -2.589  9.852  28.905 -5.516 -1.287 2.544 19.007 4.994  
30.612 15 AA_C20G21:C25G26_BB A 20 ? B 26 ? A 21 ? B 25 ? 
1 A G 20 1_555 B C 2  1_555 A C 21 1_555 B G 1  1_555 0.483  -2.263 3.317 0.963   -0.219 31.920 -4.072 -0.701 3.344 -0.398 -1.750 
31.935 16 AA_G21C22:G24C25_BB A 21 ? B 25 ? A 22 ? B 24 ? 
# 
_pdbx_initial_refinement_model.id               1 
_pdbx_initial_refinement_model.entity_id_list   ? 
_pdbx_initial_refinement_model.type             'experimental model' 
_pdbx_initial_refinement_model.source_name      PDB 
_pdbx_initial_refinement_model.accession_code   1J7T 
_pdbx_initial_refinement_model.details          ? 
# 
_atom_sites.entry_id                    2PWT 
_atom_sites.fract_transf_matrix[1][1]   0.00942697 
_atom_sites.fract_transf_matrix[1][2]   -0.01780384 
_atom_sites.fract_transf_matrix[1][3]   -0.01970022 
_atom_sites.fract_transf_matrix[2][1]   -0.01844770 
_atom_sites.fract_transf_matrix[2][2]   -0.01369095 
_atom_sites.fract_transf_matrix[2][3]   0.00354542 
_atom_sites.fract_transf_matrix[3][1]   -0.00514622 
_atom_sites.fract_transf_matrix[3][2]   0.00510237 
_atom_sites.fract_transf_matrix[3][3]   -0.00707378 
_atom_sites.fract_transf_vector[1]      0.160988 
_atom_sites.fract_transf_vector[2]      0.412015 
_atom_sites.fract_transf_vector[3]      0.123674 
# 
loop_
_atom_type.symbol 
C 
N 
O 
P 
# 
loop_
_atom_site.group_PDB 
_atom_site.id 
_atom_site.type_symbol 
_atom_site.label_atom_id 
_atom_site.label_alt_id 
_atom_site.label_comp_id 
_atom_site.label_asym_id 
_atom_site.label_entity_id 
_atom_site.label_seq_id 
_atom_site.pdbx_PDB_ins_code 
_atom_site.Cartn_x 
_atom_site.Cartn_y 
_atom_site.Cartn_z 
_atom_site.occupancy 
_atom_site.B_iso_or_equiv 
_atom_site.pdbx_formal_charge 
_atom_site.auth_seq_id 
_atom_site.auth_comp_id 
_atom_site.auth_asym_id 
_atom_site.auth_atom_id 
_atom_site.pdbx_PDB_model_num 
ATOM   1    O OP3   . G   A 1 1  ? 24.323  2.332   -5.997  1.00 69.39 ? 2   G   A OP3   1 
ATOM   2    P P     . G   A 1 1  ? 24.802  3.670   -5.450  1.00 70.00 ? 2   G   A P     1 
ATOM   3    O OP1   . G   A 1 1  ? 26.145  3.579   -4.739  1.00 70.00 ? 2   G   A OP1   1 
ATOM   4    O OP2   . G   A 1 1  ? 23.747  4.392   -4.628  1.00 70.00 ? 2   G   A OP2   1 
ATOM   5    O "O5'" . G   A 1 1  ? 25.061  4.615   -6.754  1.00 68.23 ? 2   G   A "O5'" 1 
ATOM   6    C "C5'" . G   A 1 1  ? 25.434  5.996   -6.602  1.00 63.95 ? 2   G   A "C5'" 1 
ATOM   7    C "C4'" . G   A 1 1  ? 24.670  6.846   -7.585  1.00 60.87 ? 2   G   A "C4'" 1 
ATOM   8    O "O4'" . G   A 1 1  ? 25.049  6.476   -8.935  1.00 58.59 ? 2   G   A "O4'" 1 
ATOM   9    C "C3'" . G   A 1 1  ? 23.165  6.661   -7.552  1.00 59.18 ? 2   G   A "C3'" 1 
ATOM   10   O "O3'" . G   A 1 1  ? 22.588  7.478   -6.544  1.00 59.81 ? 2   G   A "O3'" 1 
ATOM   11   C "C2'" . G   A 1 1  ? 22.755  7.089   -8.955  1.00 58.03 ? 2   G   A "C2'" 1 
ATOM   12   O "O2'" . G   A 1 1  ? 22.684  8.493   -9.105  1.00 58.16 ? 2   G   A "O2'" 1 
ATOM   13   C "C1'" . G   A 1 1  ? 23.918  6.545   -9.786  1.00 56.05 ? 2   G   A "C1'" 1 
ATOM   14   N N9    . G   A 1 1  ? 23.678  5.213   -10.334 1.00 52.14 ? 2   G   A N9    1 
ATOM   15   C C8    . G   A 1 1  ? 24.056  4.010   -9.789  1.00 51.48 ? 2   G   A C8    1 
ATOM   16   N N7    . G   A 1 1  ? 23.713  2.984   -10.522 1.00 50.04 ? 2   G   A N7    1 
ATOM   17   C C5    . G   A 1 1  ? 23.069  3.544   -11.615 1.00 49.78 ? 2   G   A C5    1 
ATOM   18   C C6    . G   A 1 1  ? 22.480  2.928   -12.749 1.00 47.97 ? 2   G   A C6    1 
ATOM   19   O O6    . G   A 1 1  ? 22.409  1.723   -13.024 1.00 46.35 ? 2   G   A O6    1 
ATOM   20   N N1    . G   A 1 1  ? 21.934  3.871   -13.615 1.00 47.25 ? 2   G   A N1    1 
ATOM   21   C C2    . G   A 1 1  ? 21.949  5.230   -13.415 1.00 48.12 ? 2   G   A C2    1 
ATOM   22   N N2    . G   A 1 1  ? 21.368  5.976   -14.362 1.00 46.75 ? 2   G   A N2    1 
ATOM   23   N N3    . G   A 1 1  ? 22.495  5.815   -12.363 1.00 48.58 ? 2   G   A N3    1 
ATOM   24   C C4    . G   A 1 1  ? 23.033  4.920   -11.511 1.00 50.17 ? 2   G   A C4    1 
ATOM   25   P P     . C   A 1 2  ? 21.013  7.385   -6.254  1.00 59.75 ? 3   C   A P     1 
ATOM   26   O OP1   . C   A 1 2  ? 20.748  8.015   -4.933  1.00 61.52 ? 3   C   A OP1   1 
ATOM   27   O OP2   . C   A 1 2  ? 20.571  5.988   -6.501  1.00 59.23 ? 3   C   A OP2   1 
ATOM   28   O "O5'" . C   A 1 2  ? 20.376  8.323   -7.371  1.00 59.78 ? 3   C   A "O5'" 1 
ATOM   29   C "C5'" . C   A 1 2  ? 19.002  8.220   -7.687  1.00 56.81 ? 3   C   A "C5'" 1 
ATOM   30   C "C4'" . C   A 1 2  ? 18.745  8.674   -9.101  1.00 54.76 ? 3   C   A "C4'" 1 
ATOM   31   O "O4'" . C   A 1 2  ? 19.729  8.113   -10.015 1.00 53.21 ? 3   C   A "O4'" 1 
ATOM   32   C "C3'" . C   A 1 2  ? 17.411  8.177   -9.617  1.00 53.32 ? 3   C   A "C3'" 1 
ATOM   33   O "O3'" . C   A 1 2  ? 16.374  9.047   -9.207  1.00 54.65 ? 3   C   A "O3'" 1 
ATOM   34   C "C2'" . C   A 1 2  ? 17.630  8.137   -11.118 1.00 52.40 ? 3   C   A "C2'" 1 
ATOM   35   O "O2'" . C   A 1 2  ? 17.520  9.414   -11.706 1.00 50.76 ? 3   C   A "O2'" 1 
ATOM   36   C "C1'" . C   A 1 2  ? 19.077  7.639   -11.185 1.00 51.10 ? 3   C   A "C1'" 1 
ATOM   37   N N1    . C   A 1 2  ? 19.186  6.173   -11.187 1.00 49.04 ? 3   C   A N1    1 
ATOM   38   C C2    . C   A 1 2  ? 18.689  5.445   -12.277 1.00 47.96 ? 3   C   A C2    1 
ATOM   39   O O2    . C   A 1 2  ? 18.153  6.052   -13.215 1.00 46.23 ? 3   C   A O2    1 
ATOM   40   N N3    . C   A 1 2  ? 18.806  4.096   -12.276 1.00 47.33 ? 3   C   A N3    1 
ATOM   41   C C4    . C   A 1 2  ? 19.384  3.476   -11.243 1.00 48.90 ? 3   C   A C4    1 
ATOM   42   N N4    . C   A 1 2  ? 19.474  2.144   -11.282 1.00 49.77 ? 3   C   A N4    1 
ATOM   43   C C5    . C   A 1 2  ? 19.894  4.194   -10.123 1.00 48.59 ? 3   C   A C5    1 
ATOM   44   C C6    . C   A 1 2  ? 19.773  5.526   -10.136 1.00 49.06 ? 3   C   A C6    1 
ATOM   45   P P     . G   A 1 3  ? 15.125  8.448   -8.404  1.00 56.01 ? 4   G   A P     1 
ATOM   46   O OP1   . G   A 1 3  ? 14.352  9.602   -7.868  1.00 56.19 ? 4   G   A OP1   1 
ATOM   47   O OP2   . G   A 1 3  ? 15.618  7.394   -7.480  1.00 53.47 ? 4   G   A OP2   1 
ATOM   48   O "O5'" . G   A 1 3  ? 14.273  7.750   -9.549  1.00 53.30 ? 4   G   A "O5'" 1 
ATOM   49   C "C5'" . G   A 1 3  ? 13.812  8.506   -10.652 1.00 50.96 ? 4   G   A "C5'" 1 
ATOM   50   C "C4'" . G   A 1 3  ? 13.354  7.592   -11.753 1.00 49.70 ? 4   G   A "C4'" 1 
ATOM   51   O "O4'" . G   A 1 3  ? 14.488  6.893   -12.335 1.00 46.78 ? 4   G   A "O4'" 1 
ATOM   52   C "C3'" . G   A 1 3  ? 12.450  6.448   -11.338 1.00 49.34 ? 4   G   A "C3'" 1 
ATOM   53   O "O3'" . G   A 1 3  ? 11.114  6.857   -11.100 1.00 53.73 ? 4   G   A "O3'" 1 
ATOM   54   C "C2'" . G   A 1 3  ? 12.551  5.544   -12.554 1.00 47.37 ? 4   G   A "C2'" 1 
ATOM   55   O "O2'" . G   A 1 3  ? 11.781  6.011   -13.641 1.00 47.54 ? 4   G   A "O2'" 1 
ATOM   56   C "C1'" . G   A 1 3  ? 14.043  5.653   -12.870 1.00 44.58 ? 4   G   A "C1'" 1 
ATOM   57   N N9    . G   A 1 3  ? 14.754  4.570   -12.207 1.00 41.45 ? 4   G   A N9    1 
ATOM   58   C C8    . G   A 1 3  ? 15.531  4.638   -11.075 1.00 39.58 ? 4   G   A C8    1 
ATOM   59   N N7    . G   A 1 3  ? 15.987  3.476   -10.700 1.00 37.12 ? 4   G   A N7    1 
ATOM   60   C C5    . G   A 1 3  ? 15.492  2.590   -11.648 1.00 35.98 ? 4   G   A C5    1 
ATOM   61   C C6    . G   A 1 3  ? 15.645  1.186   -11.763 1.00 32.83 ? 4   G   A C6    1 
ATOM   62   O O6    . G   A 1 3  ? 16.273  0.417   -11.030 1.00 33.03 ? 4   G   A O6    1 
ATOM   63   N N1    . G   A 1 3  ? 14.971  0.688   -12.873 1.00 33.12 ? 4   G   A N1    1 
ATOM   64   C C2    . G   A 1 3  ? 14.245  1.440   -13.762 1.00 35.63 ? 4   G   A C2    1 
ATOM   65   N N2    . G   A 1 3  ? 13.670  0.771   -14.774 1.00 35.29 ? 4   G   A N2    1 
ATOM   66   N N3    . G   A 1 3  ? 14.094  2.751   -13.666 1.00 35.35 ? 4   G   A N3    1 
ATOM   67   C C4    . G   A 1 3  ? 14.739  3.255   -12.591 1.00 36.80 ? 4   G   A C4    1 
ATOM   68   P P     . U   A 1 4  ? 10.117  5.856   -10.342 1.00 54.79 ? 5   U   A P     1 
ATOM   69   O OP1   . U   A 1 4  ? 8.781   6.497   -10.292 1.00 58.07 ? 5   U   A OP1   1 
ATOM   70   O OP2   . U   A 1 4  ? 10.760  5.394   -9.088  1.00 53.78 ? 5   U   A OP2   1 
ATOM   71   O "O5'" . U   A 1 4  ? 10.028  4.619   -11.335 1.00 52.57 ? 5   U   A "O5'" 1 
ATOM   72   C "C5'" . U   A 1 4  ? 9.333   3.455   -10.957 1.00 48.42 ? 5   U   A "C5'" 1 
ATOM   73   C "C4'" . U   A 1 4  ? 9.527   2.371   -11.980 1.00 46.25 ? 5   U   A "C4'" 1 
ATOM   74   O "O4'" . U   A 1 4  ? 10.942  2.162   -12.244 1.00 44.68 ? 5   U   A "O4'" 1 
ATOM   75   C "C3'" . U   A 1 4  ? 9.019   1.042   -11.467 1.00 44.96 ? 5   U   A "C3'" 1 
ATOM   76   O "O3'" . U   A 1 4  ? 7.632   0.946   -11.743 1.00 45.91 ? 5   U   A "O3'" 1 
ATOM   77   C "C2'" . U   A 1 4  ? 9.888   0.038   -12.215 1.00 44.08 ? 5   U   A "C2'" 1 
ATOM   78   O "O2'" . U   A 1 4  ? 9.439   -0.209  -13.527 1.00 42.57 ? 5   U   A "O2'" 1 
ATOM   79   C "C1'" . U   A 1 4  ? 11.230  0.774   -12.255 1.00 41.53 ? 5   U   A "C1'" 1 
ATOM   80   N N1    . U   A 1 4  ? 12.107  0.498   -11.108 1.00 41.36 ? 5   U   A N1    1 
ATOM   81   C C2    . U   A 1 4  ? 12.635  -0.776  -10.964 1.00 40.24 ? 5   U   A C2    1 
ATOM   82   O O2    . U   A 1 4  ? 12.400  -1.687  -11.735 1.00 39.84 ? 5   U   A O2    1 
ATOM   83   N N3    . U   A 1 4  ? 13.452  -0.940  -9.873  1.00 42.98 ? 5   U   A N3    1 
ATOM   84   C C4    . U   A 1 4  ? 13.785  0.013   -8.935  1.00 43.17 ? 5   U   A C4    1 
ATOM   85   O O4    . U   A 1 4  ? 14.583  -0.269  -8.044  1.00 44.68 ? 5   U   A O4    1 
ATOM   86   C C5    . U   A 1 4  ? 13.192  1.297   -9.151  1.00 44.45 ? 5   U   A C5    1 
ATOM   87   C C6    . U   A 1 4  ? 12.394  1.490   -10.202 1.00 40.85 ? 5   U   A C6    1 
ATOM   88   P P     . C   A 1 5  ? 6.652   0.275   -10.666 1.00 43.42 ? 6   C   A P     1 
ATOM   89   O OP1   . C   A 1 5  ? 5.257   0.580   -11.092 1.00 45.86 ? 6   C   A OP1   1 
ATOM   90   O OP2   . C   A 1 5  ? 7.094   0.644   -9.300  1.00 42.99 ? 6   C   A OP2   1 
ATOM   91   O "O5'" . C   A 1 5  ? 6.896   -1.272  -10.901 1.00 43.11 ? 6   C   A "O5'" 1 
ATOM   92   C "C5'" . C   A 1 5  ? 6.664   -1.838  -12.176 1.00 42.67 ? 6   C   A "C5'" 1 
ATOM   93   C "C4'" . C   A 1 5  ? 7.171   -3.246  -12.208 1.00 42.91 ? 6   C   A "C4'" 1 
ATOM   94   O "O4'" . C   A 1 5  ? 8.622   -3.249  -12.175 1.00 40.61 ? 6   C   A "O4'" 1 
ATOM   95   C "C3'" . C   A 1 5  ? 6.809   -4.073  -10.993 1.00 42.48 ? 6   C   A "C3'" 1 
ATOM   96   O "O3'" . C   A 1 5  ? 5.467   -4.523  -11.029 1.00 44.41 ? 6   C   A "O3'" 1 
ATOM   97   C "C2'" . C   A 1 5  ? 7.825   -5.197  -11.090 1.00 42.08 ? 6   C   A "C2'" 1 
ATOM   98   O "O2'" . C   A 1 5  ? 7.507   -6.141  -12.090 1.00 42.16 ? 6   C   A "O2'" 1 
ATOM   99   C "C1'" . C   A 1 5  ? 9.073   -4.415  -11.499 1.00 41.49 ? 6   C   A "C1'" 1 
ATOM   100  N N1    . C   A 1 5  ? 9.860   -4.005  -10.327 1.00 36.80 ? 6   C   A N1    1 
ATOM   101  C C2    . C   A 1 5  ? 10.748  -4.924  -9.768  1.00 36.83 ? 6   C   A C2    1 
ATOM   102  O O2    . C   A 1 5  ? 10.840  -6.050  -10.277 1.00 36.03 ? 6   C   A O2    1 
ATOM   103  N N3    . C   A 1 5  ? 11.482  -4.566  -8.692  1.00 36.41 ? 6   C   A N3    1 
ATOM   104  C C4    . C   A 1 5  ? 11.352  -3.345  -8.173  1.00 34.87 ? 6   C   A C4    1 
ATOM   105  N N4    . C   A 1 5  ? 12.104  -3.032  -7.113  1.00 34.12 ? 6   C   A N4    1 
ATOM   106  C C5    . C   A 1 5  ? 10.448  -2.388  -8.718  1.00 38.25 ? 6   C   A C5    1 
ATOM   107  C C6    . C   A 1 5  ? 9.728   -2.757  -9.787  1.00 36.04 ? 6   C   A C6    1 
ATOM   108  P P     . A   A 1 6  ? 4.692   -4.792  -9.648  1.00 44.03 ? 7   A   A P     1 
ATOM   109  O OP1   . A   A 1 6  ? 3.285   -5.124  -9.981  1.00 40.83 ? 7   A   A OP1   1 
ATOM   110  O OP2   . A   A 1 6  ? 4.981   -3.682  -8.707  1.00 40.60 ? 7   A   A OP2   1 
ATOM   111  O "O5'" . A   A 1 6  ? 5.394   -6.103  -9.089  1.00 41.66 ? 7   A   A "O5'" 1 
ATOM   112  C "C5'" . A   A 1 6  ? 5.510   -7.254  -9.904  1.00 41.18 ? 7   A   A "C5'" 1 
ATOM   113  C "C4'" . A   A 1 6  ? 6.387   -8.277  -9.235  1.00 39.72 ? 7   A   A "C4'" 1 
ATOM   114  O "O4'" . A   A 1 6  ? 7.770   -7.822  -9.197  1.00 37.33 ? 7   A   A "O4'" 1 
ATOM   115  C "C3'" . A   A 1 6  ? 6.079   -8.519  -7.772  1.00 38.31 ? 7   A   A "C3'" 1 
ATOM   116  O "O3'" . A   A 1 6  ? 4.950   -9.356  -7.616  1.00 38.73 ? 7   A   A "O3'" 1 
ATOM   117  C "C2'" . A   A 1 6  ? 7.356   -9.197  -7.306  1.00 36.15 ? 7   A   A "C2'" 1 
ATOM   118  O "O2'" . A   A 1 6  ? 7.409   -10.545 -7.728  1.00 37.13 ? 7   A   A "O2'" 1 
ATOM   119  C "C1'" . A   A 1 6  ? 8.411   -8.377  -8.054  1.00 35.07 ? 7   A   A "C1'" 1 
ATOM   120  N N9    . A   A 1 6  ? 8.936   -7.286  -7.234  1.00 31.44 ? 7   A   A N9    1 
ATOM   121  C C8    . A   A 1 6  ? 8.614   -5.954  -7.287  1.00 30.59 ? 7   A   A C8    1 
ATOM   122  N N7    . A   A 1 6  ? 9.248   -5.222  -6.402  1.00 27.38 ? 7   A   A N7    1 
ATOM   123  C C5    . A   A 1 6  ? 10.041  -6.132  -5.722  1.00 29.04 ? 7   A   A C5    1 
ATOM   124  C C6    . A   A 1 6  ? 10.942  -5.985  -4.655  1.00 27.31 ? 7   A   A C6    1 
ATOM   125  N N6    . A   A 1 6  ? 11.205  -4.819  -4.068  1.00 23.81 ? 7   A   A N6    1 
ATOM   126  N N1    . A   A 1 6  ? 11.571  -7.094  -4.208  1.00 29.08 ? 7   A   A N1    1 
ATOM   127  C C2    . A   A 1 6  ? 11.300  -8.269  -4.799  1.00 29.06 ? 7   A   A C2    1 
ATOM   128  N N3    . A   A 1 6  ? 10.468  -8.533  -5.803  1.00 28.61 ? 7   A   A N3    1 
ATOM   129  C C4    . A   A 1 6  ? 9.863   -7.408  -6.225  1.00 29.30 ? 7   A   A C4    1 
ATOM   130  P P     . C   A 1 7  ? 3.952   -9.099  -6.392  1.00 39.09 ? 8   C   A P     1 
ATOM   131  O OP1   . C   A 1 7  ? 2.848   -10.083 -6.511  1.00 40.76 ? 8   C   A OP1   1 
ATOM   132  O OP2   . C   A 1 7  ? 3.641   -7.654  -6.315  1.00 36.33 ? 8   C   A OP2   1 
ATOM   133  O "O5'" . C   A 1 7  ? 4.821   -9.484  -5.115  1.00 36.57 ? 8   C   A "O5'" 1 
ATOM   134  C "C5'" . C   A 1 7  ? 5.327   -10.801 -4.953  1.00 36.64 ? 8   C   A "C5'" 1 
ATOM   135  C "C4'" . C   A 1 7  ? 6.182   -10.882 -3.712  1.00 35.75 ? 8   C   A "C4'" 1 
ATOM   136  O "O4'" . C   A 1 7  ? 7.421   -10.142 -3.898  1.00 35.53 ? 8   C   A "O4'" 1 
ATOM   137  C "C3'" . C   A 1 7  ? 5.584   -10.246 -2.473  1.00 35.99 ? 8   C   A "C3'" 1 
ATOM   138  O "O3'" . C   A 1 7  ? 4.628   -11.091 -1.860  1.00 38.54 ? 8   C   A "O3'" 1 
ATOM   139  C "C2'" . C   A 1 7  ? 6.816   -10.048 -1.606  1.00 33.69 ? 8   C   A "C2'" 1 
ATOM   140  O "O2'" . C   A 1 7  ? 7.243   -11.264 -1.029  1.00 32.63 ? 8   C   A "O2'" 1 
ATOM   141  C "C1'" . C   A 1 7  ? 7.830   -9.585  -2.653  1.00 34.18 ? 8   C   A "C1'" 1 
ATOM   142  N N1    . C   A 1 7  ? 7.869   -8.118  -2.787  1.00 31.20 ? 8   C   A N1    1 
ATOM   143  C C2    . C   A 1 7  ? 8.641   -7.377  -1.882  1.00 29.90 ? 8   C   A C2    1 
ATOM   144  O O2    . C   A 1 7  ? 9.268   -7.976  -0.997  1.00 30.09 ? 8   C   A O2    1 
ATOM   145  N N3    . C   A 1 7  ? 8.684   -6.029  -1.995  1.00 28.87 ? 8   C   A N3    1 
ATOM   146  C C4    . C   A 1 7  ? 7.991   -5.420  -2.961  1.00 29.27 ? 8   C   A C4    1 
ATOM   147  N N4    . C   A 1 7  ? 8.069   -4.090  -3.043  1.00 27.00 ? 8   C   A N4    1 
ATOM   148  C C5    . C   A 1 7  ? 7.192   -6.149  -3.890  1.00 28.13 ? 8   C   A C5    1 
ATOM   149  C C6    . C   A 1 7  ? 7.163   -7.484  -3.770  1.00 30.91 ? 8   C   A C6    1 
ATOM   150  P P     . A   A 1 8  ? 3.382   -10.436 -1.097  1.00 39.74 ? 9   A   A P     1 
ATOM   151  O OP1   . A   A 1 8  ? 2.475   -11.541 -0.709  1.00 38.56 ? 9   A   A OP1   1 
ATOM   152  O OP2   . A   A 1 8  ? 2.863   -9.297  -1.900  1.00 37.77 ? 9   A   A OP2   1 
ATOM   153  O "O5'" . A   A 1 8  ? 4.037   -9.832  0.222   1.00 39.55 ? 9   A   A "O5'" 1 
ATOM   154  C "C5'" . A   A 1 8  ? 4.624   -10.683 1.194   1.00 35.22 ? 9   A   A "C5'" 1 
ATOM   155  C "C4'" . A   A 1 8  ? 5.237   -9.862  2.299   1.00 35.61 ? 9   A   A "C4'" 1 
ATOM   156  O "O4'" . A   A 1 8  ? 6.370   -9.111  1.784   1.00 34.39 ? 9   A   A "O4'" 1 
ATOM   157  C "C3'" . A   A 1 8  ? 4.349   -8.791  2.906   1.00 34.70 ? 9   A   A "C3'" 1 
ATOM   158  O "O3'" . A   A 1 8  ? 3.451   -9.333  3.863   1.00 35.39 ? 9   A   A "O3'" 1 
ATOM   159  C "C2'" . A   A 1 8  ? 5.384   -7.886  3.552   1.00 33.62 ? 9   A   A "C2'" 1 
ATOM   160  O "O2'" . A   A 1 8  ? 5.920   -8.477  4.716   1.00 33.80 ? 9   A   A "O2'" 1 
ATOM   161  C "C1'" . A   A 1 8  ? 6.469   -7.874  2.474   1.00 32.62 ? 9   A   A "C1'" 1 
ATOM   162  N N9    . A   A 1 8  ? 6.295   -6.793  1.504   1.00 29.35 ? 9   A   A N9    1 
ATOM   163  C C8    . A   A 1 8  ? 5.688   -6.846  0.275   1.00 29.65 ? 9   A   A C8    1 
ATOM   164  N N7    . A   A 1 8  ? 5.720   -5.714  -0.378  1.00 27.87 ? 9   A   A N7    1 
ATOM   165  C C5    . A   A 1 8  ? 6.391   -4.854  0.480   1.00 29.53 ? 9   A   A C5    1 
ATOM   166  C C6    . A   A 1 8  ? 6.766   -3.503  0.368   1.00 27.51 ? 9   A   A C6    1 
ATOM   167  N N6    . A   A 1 8  ? 6.528   -2.749  -0.707  1.00 26.48 ? 9   A   A N6    1 
ATOM   168  N N1    . A   A 1 8  ? 7.411   -2.946  1.411   1.00 28.60 ? 9   A   A N1    1 
ATOM   169  C C2    . A   A 1 8  ? 7.666   -3.699  2.486   1.00 27.19 ? 9   A   A C2    1 
ATOM   170  N N3    . A   A 1 8  ? 7.376   -4.975  2.705   1.00 27.14 ? 9   A   A N3    1 
ATOM   171  C C4    . A   A 1 8  ? 6.735   -5.502  1.650   1.00 28.40 ? 9   A   A C4    1 
ATOM   172  P P     . C   A 1 9  ? 1.995   -8.674  4.046   1.00 35.56 ? 10  C   A P     1 
ATOM   173  O OP1   . C   A 1 9  ? 1.195   -9.646  4.833   1.00 34.57 ? 10  C   A OP1   1 
ATOM   174  O OP2   . C   A 1 9  ? 1.491   -8.210  2.729   1.00 35.64 ? 10  C   A OP2   1 
ATOM   175  O "O5'" . C   A 1 9  ? 2.250   -7.374  4.933   1.00 34.48 ? 10  C   A "O5'" 1 
ATOM   176  C "C5'" . C   A 1 9  ? 2.765   -7.478  6.251   1.00 31.33 ? 10  C   A "C5'" 1 
ATOM   177  C "C4'" . C   A 1 9  ? 3.462   -6.194  6.637   1.00 29.61 ? 10  C   A "C4'" 1 
ATOM   178  O "O4'" . C   A 1 9  ? 4.443   -5.868  5.615   1.00 29.87 ? 10  C   A "O4'" 1 
ATOM   179  C "C3'" . C   A 1 9  ? 2.610   -4.936  6.712   1.00 29.71 ? 10  C   A "C3'" 1 
ATOM   180  O "O3'" . C   A 1 9  ? 1.926   -4.832  7.958   1.00 29.55 ? 10  C   A "O3'" 1 
ATOM   181  C "C2'" . C   A 1 9  ? 3.664   -3.846  6.582   1.00 27.56 ? 10  C   A "C2'" 1 
ATOM   182  O "O2'" . C   A 1 9  ? 4.382   -3.641  7.784   1.00 26.80 ? 10  C   A "O2'" 1 
ATOM   183  C "C1'" . C   A 1 9  ? 4.594   -4.460  5.535   1.00 29.23 ? 10  C   A "C1'" 1 
ATOM   184  N N1    . C   A 1 9  ? 4.244   -4.028  4.176   1.00 25.48 ? 10  C   A N1    1 
ATOM   185  C C2    . C   A 1 9  ? 4.708   -2.797  3.742   1.00 27.87 ? 10  C   A C2    1 
ATOM   186  O O2    . C   A 1 9  ? 5.395   -2.123  4.512   1.00 27.34 ? 10  C   A O2    1 
ATOM   187  N N3    . C   A 1 9  ? 4.401   -2.369  2.496   1.00 25.84 ? 10  C   A N3    1 
ATOM   188  C C4    . C   A 1 9  ? 3.660   -3.133  1.695   1.00 29.35 ? 10  C   A C4    1 
ATOM   189  N N4    . C   A 1 9  ? 3.393   -2.678  0.464   1.00 28.52 ? 10  C   A N4    1 
ATOM   190  C C5    . C   A 1 9  ? 3.162   -4.401  2.116   1.00 29.54 ? 10  C   A C5    1 
ATOM   191  C C6    . C   A 1 9  ? 3.477   -4.806  3.357   1.00 27.97 ? 10  C   A C6    1 
ATOM   192  P P     . C   A 1 10 ? 0.597   -3.930  8.063   1.00 31.76 ? 11  C   A P     1 
ATOM   193  O OP1   . C   A 1 10 ? 0.000   -4.183  9.397   1.00 33.85 ? 11  C   A OP1   1 
ATOM   194  O OP2   . C   A 1 10 ? -0.216  -4.155  6.840   1.00 33.31 ? 11  C   A OP2   1 
ATOM   195  O "O5'" . C   A 1 10 ? 1.137   -2.433  8.028   1.00 27.79 ? 11  C   A "O5'" 1 
ATOM   196  C "C5'" . C   A 1 10 ? 1.995   -1.948  9.051   1.00 29.54 ? 11  C   A "C5'" 1 
ATOM   197  C "C4'" . C   A 1 10 ? 2.337   -0.500  8.802   1.00 29.28 ? 11  C   A "C4'" 1 
ATOM   198  O "O4'" . C   A 1 10 ? 3.218   -0.368  7.647   1.00 27.61 ? 11  C   A "O4'" 1 
ATOM   199  C "C3'" . C   A 1 10 ? 1.154   0.382   8.445   1.00 28.80 ? 11  C   A "C3'" 1 
ATOM   200  O "O3'" . C   A 1 10 ? 0.444   0.769   9.607   1.00 28.97 ? 11  C   A "O3'" 1 
ATOM   201  C "C2'" . C   A 1 10 ? 1.848   1.557   7.778   1.00 27.48 ? 11  C   A "C2'" 1 
ATOM   202  O "O2'" . C   A 1 10 ? 2.489   2.383   8.729   1.00 26.52 ? 11  C   A "O2'" 1 
ATOM   203  C "C1'" . C   A 1 10 ? 2.909   0.832   6.951   1.00 24.87 ? 11  C   A "C1'" 1 
ATOM   204  N N1    . C   A 1 10 ? 2.430   0.473   5.606   1.00 25.58 ? 11  C   A N1    1 
ATOM   205  C C2    . C   A 1 10 ? 2.474   1.439   4.598   1.00 24.19 ? 11  C   A C2    1 
ATOM   206  O O2    . C   A 1 10 ? 2.852   2.573   4.885   1.00 25.51 ? 11  C   A O2    1 
ATOM   207  N N3    . C   A 1 10 ? 2.094   1.109   3.344   1.00 26.27 ? 11  C   A N3    1 
ATOM   208  C C4    . C   A 1 10 ? 1.654   -0.125  3.086   1.00 26.26 ? 11  C   A C4    1 
ATOM   209  N N4    . C   A 1 10 ? 1.291   -0.412  1.832   1.00 26.86 ? 11  C   A N4    1 
ATOM   210  C C5    . C   A 1 10 ? 1.568   -1.124  4.104   1.00 27.33 ? 11  C   A C5    1 
ATOM   211  C C6    . C   A 1 10 ? 1.963   -0.782  5.337   1.00 25.44 ? 11  C   A C6    1 
ATOM   212  P P     . G   A 1 11 ? -1.114  1.125   9.496   1.00 29.83 ? 12  G   A P     1 
ATOM   213  O OP1   . G   A 1 11 ? -1.561  1.387   10.896  1.00 32.81 ? 12  G   A OP1   1 
ATOM   214  O OP2   . G   A 1 11 ? -1.823  0.112   8.673   1.00 28.75 ? 12  G   A OP2   1 
ATOM   215  O "O5'" . G   A 1 11 ? -1.115  2.517   8.725   1.00 27.64 ? 12  G   A "O5'" 1 
ATOM   216  C "C5'" . G   A 1 11 ? -0.543  3.660   9.347   1.00 26.77 ? 12  G   A "C5'" 1 
ATOM   217  C "C4'" . G   A 1 11 ? -0.494  4.824   8.394   1.00 27.63 ? 12  G   A "C4'" 1 
ATOM   218  O "O4'" . G   A 1 11 ? 0.378   4.499   7.277   1.00 28.09 ? 12  G   A "O4'" 1 
ATOM   219  C "C3'" . G   A 1 11 ? -1.793  5.229   7.710   1.00 28.78 ? 12  G   A "C3'" 1 
ATOM   220  O "O3'" . G   A 1 11 ? -2.659  5.973   8.565   1.00 29.14 ? 12  G   A "O3'" 1 
ATOM   221  C "C2'" . G   A 1 11 ? -1.253  6.060   6.548   1.00 28.01 ? 12  G   A "C2'" 1 
ATOM   222  O "O2'" . G   A 1 11 ? -0.770  7.330   6.962   1.00 28.36 ? 12  G   A "O2'" 1 
ATOM   223  C "C1'" . G   A 1 11 ? -0.055  5.207   6.126   1.00 27.43 ? 12  G   A "C1'" 1 
ATOM   224  N N9    . G   A 1 11 ? -0.399  4.240   5.090   1.00 27.74 ? 12  G   A N9    1 
ATOM   225  C C8    . G   A 1 11 ? -0.635  2.895   5.234   1.00 26.72 ? 12  G   A C8    1 
ATOM   226  N N7    . G   A 1 11 ? -0.881  2.300   4.100   1.00 27.45 ? 12  G   A N7    1 
ATOM   227  C C5    . G   A 1 11 ? -0.809  3.314   3.155   1.00 25.38 ? 12  G   A C5    1 
ATOM   228  C C6    . G   A 1 11 ? -0.972  3.276   1.740   1.00 24.93 ? 12  G   A C6    1 
ATOM   229  O O6    . G   A 1 11 ? -1.196  2.297   1.013   1.00 26.32 ? 12  G   A O6    1 
ATOM   230  N N1    . G   A 1 11 ? -0.841  4.541   1.177   1.00 25.34 ? 12  G   A N1    1 
ATOM   231  C C2    . G   A 1 11 ? -0.573  5.691   1.876   1.00 24.96 ? 12  G   A C2    1 
ATOM   232  N N2    . G   A 1 11 ? -0.500  6.820   1.154   1.00 23.98 ? 12  G   A N2    1 
ATOM   233  N N3    . G   A 1 11 ? -0.397  5.736   3.187   1.00 25.40 ? 12  G   A N3    1 
ATOM   234  C C4    . G   A 1 11 ? -0.531  4.520   3.756   1.00 25.00 ? 12  G   A C4    1 
ATOM   235  P P     . G   A 1 12 ? -4.234  6.030   8.239   1.00 30.54 ? 13  G   A P     1 
ATOM   236  O OP1   . G   A 1 12 ? -4.889  6.741   9.356   1.00 33.42 ? 13  G   A OP1   1 
ATOM   237  O OP2   . G   A 1 12 ? -4.712  4.682   7.848   1.00 33.00 ? 13  G   A OP2   1 
ATOM   238  O "O5'" . G   A 1 12 ? -4.324  6.947   6.942   1.00 29.54 ? 13  G   A "O5'" 1 
ATOM   239  C "C5'" . G   A 1 12 ? -3.871  8.293   6.970   1.00 29.50 ? 13  G   A "C5'" 1 
ATOM   240  C "C4'" . G   A 1 12 ? -3.860  8.872   5.576   1.00 28.61 ? 13  G   A "C4'" 1 
ATOM   241  O "O4'" . G   A 1 12 ? -2.939  8.113   4.747   1.00 29.58 ? 13  G   A "O4'" 1 
ATOM   242  C "C3'" . G   A 1 12 ? -5.173  8.802   4.816   1.00 28.52 ? 13  G   A "C3'" 1 
ATOM   243  O "O3'" . G   A 1 12 ? -6.028  9.884   5.156   1.00 29.47 ? 13  G   A "O3'" 1 
ATOM   244  C "C2'" . G   A 1 12 ? -4.699  8.911   3.376   1.00 27.35 ? 13  G   A "C2'" 1 
ATOM   245  O "O2'" . G   A 1 12 ? -4.329  10.229  3.044   1.00 27.19 ? 13  G   A "O2'" 1 
ATOM   246  C "C1'" . G   A 1 12 ? -3.441  8.047   3.424   1.00 27.98 ? 13  G   A "C1'" 1 
ATOM   247  N N9    . G   A 1 12 ? -3.704  6.651   3.103   1.00 26.82 ? 13  G   A N9    1 
ATOM   248  C C8    . G   A 1 12 ? -3.765  5.592   3.976   1.00 28.71 ? 13  G   A C8    1 
ATOM   249  N N7    . G   A 1 12 ? -3.983  4.452   3.379   1.00 28.51 ? 13  G   A N7    1 
ATOM   250  C C5    . G   A 1 12 ? -4.074  4.783   2.033   1.00 27.62 ? 13  G   A C5    1 
ATOM   251  C C6    . G   A 1 12 ? -4.293  3.965   0.894   1.00 26.64 ? 13  G   A C6    1 
ATOM   252  O O6    . G   A 1 12 ? -4.430  2.740   0.842   1.00 27.08 ? 13  G   A O6    1 
ATOM   253  N N1    . G   A 1 12 ? -4.337  4.716   -0.275  1.00 26.02 ? 13  G   A N1    1 
ATOM   254  C C2    . G   A 1 12 ? -4.177  6.074   -0.349  1.00 26.40 ? 13  G   A C2    1 
ATOM   255  N N2    . G   A 1 12 ? -4.257  6.613   -1.575  1.00 26.06 ? 13  G   A N2    1 
ATOM   256  N N3    . G   A 1 12 ? -3.955  6.848   0.701   1.00 27.95 ? 13  G   A N3    1 
ATOM   257  C C4    . G   A 1 12 ? -3.920  6.140   1.851   1.00 27.26 ? 13  G   A C4    1 
ATOM   258  P P     . U   A 1 13 ? -7.611  9.650   5.221   1.00 30.28 ? 14  U   A P     1 
ATOM   259  O OP1   . U   A 1 13 ? -8.222  10.908  5.739   1.00 31.00 ? 14  U   A OP1   1 
ATOM   260  O OP2   . U   A 1 13 ? -7.897  8.364   5.896   1.00 29.82 ? 14  U   A OP2   1 
ATOM   261  O "O5'" . U   A 1 13 ? -8.034  9.496   3.694   1.00 30.46 ? 14  U   A "O5'" 1 
ATOM   262  C "C5'" . U   A 1 13 ? -7.853  10.570  2.784   1.00 30.58 ? 14  U   A "C5'" 1 
ATOM   263  C "C4'" . U   A 1 13 ? -8.016  10.090  1.362   1.00 30.99 ? 14  U   A "C4'" 1 
ATOM   264  O "O4'" . U   A 1 13 ? -6.992  9.105   1.055   1.00 28.25 ? 14  U   A "O4'" 1 
ATOM   265  C "C3'" . U   A 1 13 ? -9.308  9.360   1.023   1.00 30.90 ? 14  U   A "C3'" 1 
ATOM   266  O "O3'" . U   A 1 13 ? -10.381 10.260  0.779   1.00 32.73 ? 14  U   A "O3'" 1 
ATOM   267  C "C2'" . U   A 1 13 ? -8.908  8.646   -0.257  1.00 30.44 ? 14  U   A "C2'" 1 
ATOM   268  O "O2'" . U   A 1 13 ? -8.824  9.561   -1.332  1.00 32.52 ? 14  U   A "O2'" 1 
ATOM   269  C "C1'" . U   A 1 13 ? -7.495  8.183   0.102   1.00 28.27 ? 14  U   A "C1'" 1 
ATOM   270  N N1    . U   A 1 13 ? -7.494  6.845   0.704   1.00 28.88 ? 14  U   A N1    1 
ATOM   271  C C2    . U   A 1 13 ? -7.610  5.768   -0.149  1.00 28.89 ? 14  U   A C2    1 
ATOM   272  O O2    . U   A 1 13 ? -7.735  5.894   -1.354  1.00 29.50 ? 14  U   A O2    1 
ATOM   273  N N3    . U   A 1 13 ? -7.580  4.539   0.458   1.00 27.89 ? 14  U   A N3    1 
ATOM   274  C C4    . U   A 1 13 ? -7.455  4.279   1.802   1.00 29.47 ? 14  U   A C4    1 
ATOM   275  O O4    . U   A 1 13 ? -7.388  3.108   2.186   1.00 28.69 ? 14  U   A O4    1 
ATOM   276  C C5    . U   A 1 13 ? -7.360  5.448   2.632   1.00 28.44 ? 14  U   A C5    1 
ATOM   277  C C6    . U   A 1 13 ? -7.379  6.661   2.068   1.00 26.94 ? 14  U   A C6    1 
ATOM   278  P P     . G   A 1 14 ? -11.893 9.731   0.878   1.00 31.56 ? 15  G   A P     1 
ATOM   279  O OP1   . G   A 1 14 ? -12.777 10.913  0.736   1.00 32.52 ? 15  G   A OP1   1 
ATOM   280  O OP2   . G   A 1 14 ? -12.032 8.854   2.074   1.00 32.46 ? 15  G   A OP2   1 
ATOM   281  O "O5'" . G   A 1 14 ? -12.078 8.811   -0.406  1.00 31.60 ? 15  G   A "O5'" 1 
ATOM   282  C "C5'" . G   A 1 14 ? -12.043 9.363   -1.717  1.00 32.20 ? 15  G   A "C5'" 1 
ATOM   283  C "C4'" . G   A 1 14 ? -12.257 8.272   -2.738  1.00 32.55 ? 15  G   A "C4'" 1 
ATOM   284  O "O4'" . G   A 1 14 ? -11.128 7.360   -2.703  1.00 31.78 ? 15  G   A "O4'" 1 
ATOM   285  C "C3'" . G   A 1 14 ? -13.448 7.366   -2.471  1.00 31.79 ? 15  G   A "C3'" 1 
ATOM   286  O "O3'" . G   A 1 14 ? -14.646 7.936   -2.965  1.00 31.59 ? 15  G   A "O3'" 1 
ATOM   287  C "C2'" . G   A 1 14 ? -13.072 6.127   -3.269  1.00 32.49 ? 15  G   A "C2'" 1 
ATOM   288  O "O2'" . G   A 1 14 ? -13.295 6.287   -4.660  1.00 32.43 ? 15  G   A "O2'" 1 
ATOM   289  C "C1'" . G   A 1 14 ? -11.575 6.044   -2.984  1.00 31.75 ? 15  G   A "C1'" 1 
ATOM   290  N N9    . G   A 1 14 ? -11.311 5.211   -1.820  1.00 30.64 ? 15  G   A N9    1 
ATOM   291  C C8    . G   A 1 14 ? -11.101 5.625   -0.526  1.00 28.82 ? 15  G   A C8    1 
ATOM   292  N N7    . G   A 1 14 ? -10.874 4.637   0.296   1.00 30.65 ? 15  G   A N7    1 
ATOM   293  C C5    . G   A 1 14 ? -10.946 3.502   -0.505  1.00 30.15 ? 15  G   A C5    1 
ATOM   294  C C6    . G   A 1 14 ? -10.777 2.134   -0.175  1.00 31.59 ? 15  G   A C6    1 
ATOM   295  O O6    . G   A 1 14 ? -10.500 1.633   0.924   1.00 29.32 ? 15  G   A O6    1 
ATOM   296  N N1    . G   A 1 14 ? -10.954 1.316   -1.285  1.00 32.77 ? 15  G   A N1    1 
ATOM   297  C C2    . G   A 1 14 ? -11.246 1.754   -2.557  1.00 33.57 ? 15  G   A C2    1 
ATOM   298  N N2    . G   A 1 14 ? -11.389 0.801   -3.490  1.00 32.64 ? 15  G   A N2    1 
ATOM   299  N N3    . G   A 1 14 ? -11.389 3.033   -2.884  1.00 31.78 ? 15  G   A N3    1 
ATOM   300  C C4    . G   A 1 14 ? -11.227 3.843   -1.812  1.00 30.63 ? 15  G   A C4    1 
ATOM   301  P P     . A   A 1 15 ? -15.888 8.162   -1.980  1.00 32.84 ? 16  A   A P     1 
ATOM   302  O OP1   . A   A 1 15 ? -15.981 9.616   -1.700  1.00 34.89 ? 16  A   A OP1   1 
ATOM   303  O OP2   . A   A 1 15 ? -15.815 7.199   -0.840  1.00 32.29 ? 16  A   A OP2   1 
ATOM   304  O "O5'" . A   A 1 15 ? -17.126 7.734   -2.878  1.00 32.92 ? 16  A   A "O5'" 1 
ATOM   305  C "C5'" . A   A 1 15 ? -17.377 6.361   -3.139  1.00 32.26 ? 16  A   A "C5'" 1 
ATOM   306  C "C4'" . A   A 1 15 ? -18.824 6.056   -2.873  1.00 31.67 ? 16  A   A "C4'" 1 
ATOM   307  O "O4'" . A   A 1 15 ? -19.631 6.630   -3.934  1.00 32.43 ? 16  A   A "O4'" 1 
ATOM   308  C "C3'" . A   A 1 15 ? -19.193 4.583   -2.875  1.00 31.62 ? 16  A   A "C3'" 1 
ATOM   309  O "O3'" . A   A 1 15 ? -18.947 4.061   -1.577  1.00 31.78 ? 16  A   A "O3'" 1 
ATOM   310  C "C2'" . A   A 1 15 ? -20.684 4.643   -3.180  1.00 32.01 ? 16  A   A "C2'" 1 
ATOM   311  O "O2'" . A   A 1 15 ? -21.424 5.027   -2.040  1.00 31.78 ? 16  A   A "O2'" 1 
ATOM   312  C "C1'" . A   A 1 15 ? -20.732 5.786   -4.200  1.00 30.62 ? 16  A   A "C1'" 1 
ATOM   313  N N9    . A   A 1 15 ? -20.637 5.344   -5.588  1.00 30.62 ? 16  A   A N9    1 
ATOM   314  C C8    . A   A 1 15 ? -19.530 5.316   -6.399  1.00 31.61 ? 16  A   A C8    1 
ATOM   315  N N7    . A   A 1 15 ? -19.774 4.867   -7.607  1.00 33.01 ? 16  A   A N7    1 
ATOM   316  C C5    . A   A 1 15 ? -21.134 4.582   -7.588  1.00 31.63 ? 16  A   A C5    1 
ATOM   317  C C6    . A   A 1 15 ? -22.012 4.073   -8.564  1.00 32.96 ? 16  A   A C6    1 
ATOM   318  N N6    . A   A 1 15 ? -21.640 3.746   -9.800  1.00 34.17 ? 16  A   A N6    1 
ATOM   319  N N1    . A   A 1 15 ? -23.308 3.906   -8.218  1.00 33.28 ? 16  A   A N1    1 
ATOM   320  C C2    . A   A 1 15 ? -23.684 4.228   -6.975  1.00 33.68 ? 16  A   A C2    1 
ATOM   321  N N3    . A   A 1 15 ? -22.954 4.709   -5.971  1.00 31.20 ? 16  A   A N3    1 
ATOM   322  C C4    . A   A 1 15 ? -21.674 4.867   -6.349  1.00 30.32 ? 16  A   A C4    1 
ATOM   323  P P     . A   A 1 16 ? -18.689 2.491   -1.383  1.00 30.31 ? 17  A   A P     1 
ATOM   324  O OP1   . A   A 1 16 ? -18.265 2.336   0.036   1.00 30.39 ? 17  A   A OP1   1 
ATOM   325  O OP2   . A   A 1 16 ? -17.816 1.991   -2.468  1.00 27.98 ? 17  A   A OP2   1 
ATOM   326  O "O5'" . A   A 1 16 ? -20.134 1.842   -1.554  1.00 29.47 ? 17  A   A "O5'" 1 
ATOM   327  C "C5'" . A   A 1 16 ? -21.083 1.899   -0.494  1.00 30.07 ? 17  A   A "C5'" 1 
ATOM   328  C "C4'" . A   A 1 16 ? -22.375 1.231   -0.906  1.00 33.08 ? 17  A   A "C4'" 1 
ATOM   329  O "O4'" . A   A 1 16 ? -22.941 1.950   -2.031  1.00 31.72 ? 17  A   A "O4'" 1 
ATOM   330  C "C3'" . A   A 1 16 ? -22.271 -0.198  -1.412  1.00 33.00 ? 17  A   A "C3'" 1 
ATOM   331  O "O3'" . A   A 1 16 ? -22.255 -1.123  -0.336  1.00 34.87 ? 17  A   A "O3'" 1 
ATOM   332  C "C2'" . A   A 1 16 ? -23.558 -0.333  -2.211  1.00 33.63 ? 17  A   A "C2'" 1 
ATOM   333  O "O2'" . A   A 1 16 ? -24.681 -0.549  -1.383  1.00 33.20 ? 17  A   A "O2'" 1 
ATOM   334  C "C1'" . A   A 1 16 ? -23.656 1.048   -2.858  1.00 33.00 ? 17  A   A "C1'" 1 
ATOM   335  N N9    . A   A 1 16 ? -23.042 1.058   -4.181  1.00 33.53 ? 17  A   A N9    1 
ATOM   336  C C8    . A   A 1 16 ? -21.725 1.258   -4.502  1.00 34.37 ? 17  A   A C8    1 
ATOM   337  N N7    . A   A 1 16 ? -21.476 1.177   -5.786  1.00 34.91 ? 17  A   A N7    1 
ATOM   338  C C5    . A   A 1 16 ? -22.718 0.910   -6.348  1.00 34.73 ? 17  A   A C5    1 
ATOM   339  C C6    . A   A 1 16 ? -23.132 0.705   -7.676  1.00 33.60 ? 17  A   A C6    1 
ATOM   340  N N6    . A   A 1 16 ? -22.306 0.732   -8.721  1.00 32.44 ? 17  A   A N6    1 
ATOM   341  N N1    . A   A 1 16 ? -24.441 0.465   -7.894  1.00 33.59 ? 17  A   A N1    1 
ATOM   342  C C2    . A   A 1 16 ? -25.271 0.435   -6.845  1.00 34.68 ? 17  A   A C2    1 
ATOM   343  N N3    . A   A 1 16 ? -25.003 0.607   -5.553  1.00 35.63 ? 17  A   A N3    1 
ATOM   344  C C4    . A   A 1 16 ? -23.692 0.842   -5.371  1.00 34.89 ? 17  A   A C4    1 
ATOM   345  P P     . G   A 1 17 ? -20.853 -1.726  0.158   1.00 34.95 ? 18  G   A P     1 
ATOM   346  O OP1   . G   A 1 17 ? -20.542 -1.072  1.453   1.00 35.98 ? 18  G   A OP1   1 
ATOM   347  O OP2   . G   A 1 17 ? -19.879 -1.635  -0.963  1.00 36.81 ? 18  G   A OP2   1 
ATOM   348  O "O5'" . G   A 1 17 ? -21.161 -3.259  0.435   1.00 36.00 ? 18  G   A "O5'" 1 
ATOM   349  C "C5'" . G   A 1 17 ? -21.450 -4.159  -0.632  1.00 34.47 ? 18  G   A "C5'" 1 
ATOM   350  C "C4'" . G   A 1 17 ? -20.562 -5.376  -0.528  1.00 34.59 ? 18  G   A "C4'" 1 
ATOM   351  O "O4'" . G   A 1 17 ? -19.233 -5.072  -1.030  1.00 34.33 ? 18  G   A "O4'" 1 
ATOM   352  C "C3'" . G   A 1 17 ? -20.330 -5.873  0.889   1.00 35.50 ? 18  G   A "C3'" 1 
ATOM   353  O "O3'" . G   A 1 17 ? -21.383 -6.729  1.307   1.00 35.43 ? 18  G   A "O3'" 1 
ATOM   354  C "C2'" . G   A 1 17 ? -19.017 -6.627  0.738   1.00 34.41 ? 18  G   A "C2'" 1 
ATOM   355  O "O2'" . G   A 1 17 ? -19.205 -7.893  0.141   1.00 33.03 ? 18  G   A "O2'" 1 
ATOM   356  C "C1'" . G   A 1 17 ? -18.257 -5.697  -0.212  1.00 33.59 ? 18  G   A "C1'" 1 
ATOM   357  N N9    . G   A 1 17 ? -17.576 -4.646  0.532   1.00 33.62 ? 18  G   A N9    1 
ATOM   358  C C8    . G   A 1 17 ? -17.773 -3.290  0.416   1.00 30.78 ? 18  G   A C8    1 
ATOM   359  N N7    . G   A 1 17 ? -17.076 -2.596  1.273   1.00 30.33 ? 18  G   A N7    1 
ATOM   360  C C5    . G   A 1 17 ? -16.366 -3.552  1.991   1.00 31.65 ? 18  G   A C5    1 
ATOM   361  C C6    . G   A 1 17 ? -15.465 -3.401  3.069   1.00 30.34 ? 18  G   A C6    1 
ATOM   362  O O6    . G   A 1 17 ? -15.111 -2.363  3.630   1.00 26.77 ? 18  G   A O6    1 
ATOM   363  N N1    . G   A 1 17 ? -14.963 -4.632  3.495   1.00 31.61 ? 18  G   A N1    1 
ATOM   364  C C2    . G   A 1 17 ? -15.294 -5.850  2.953   1.00 33.39 ? 18  G   A C2    1 
ATOM   365  N N2    . G   A 1 17 ? -14.696 -6.928  3.499   1.00 34.23 ? 18  G   A N2    1 
ATOM   366  N N3    . G   A 1 17 ? -16.147 -6.003  1.952   1.00 33.07 ? 18  G   A N3    1 
ATOM   367  C C4    . G   A 1 17 ? -16.643 -4.819  1.525   1.00 31.01 ? 18  G   A C4    1 
ATOM   368  P P     . U   A 1 18 ? -21.835 -6.737  2.848   1.00 35.00 ? 19  U   A P     1 
ATOM   369  O OP1   . U   A 1 18 ? -23.099 -7.519  2.912   1.00 34.46 ? 19  U   A OP1   1 
ATOM   370  O OP2   . U   A 1 18 ? -21.791 -5.355  3.386   1.00 33.38 ? 19  U   A OP2   1 
ATOM   371  O "O5'" . U   A 1 18 ? -20.694 -7.571  3.581   1.00 35.09 ? 19  U   A "O5'" 1 
ATOM   372  C "C5'" . U   A 1 18 ? -20.409 -8.908  3.196   1.00 36.42 ? 19  U   A "C5'" 1 
ATOM   373  C "C4'" . U   A 1 18 ? -19.250 -9.437  3.998   1.00 36.52 ? 19  U   A "C4'" 1 
ATOM   374  O "O4'" . U   A 1 18 ? -18.087 -8.605  3.747   1.00 35.59 ? 19  U   A "O4'" 1 
ATOM   375  C "C3'" . U   A 1 18 ? -19.424 -9.369  5.507   1.00 36.91 ? 19  U   A "C3'" 1 
ATOM   376  O "O3'" . U   A 1 18 ? -20.150 -10.495 5.987   1.00 37.86 ? 19  U   A "O3'" 1 
ATOM   377  C "C2'" . U   A 1 18 ? -17.980 -9.381  5.985   1.00 36.68 ? 19  U   A "C2'" 1 
ATOM   378  O "O2'" . U   A 1 18 ? -17.414 -10.673 5.913   1.00 38.48 ? 19  U   A "O2'" 1 
ATOM   379  C "C1'" . U   A 1 18 ? -17.313 -8.500  4.929   1.00 35.94 ? 19  U   A "C1'" 1 
ATOM   380  N N1    . U   A 1 18 ? -17.230 -7.085  5.311   1.00 35.50 ? 19  U   A N1    1 
ATOM   381  C C2    . U   A 1 18 ? -16.314 -6.748  6.292   1.00 35.38 ? 19  U   A C2    1 
ATOM   382  O O2    . U   A 1 18 ? -15.623 -7.577  6.864   1.00 34.54 ? 19  U   A O2    1 
ATOM   383  N N3    . U   A 1 18 ? -16.242 -5.409  6.585   1.00 34.65 ? 19  U   A N3    1 
ATOM   384  C C4    . U   A 1 18 ? -16.984 -4.392  6.019   1.00 33.15 ? 19  U   A C4    1 
ATOM   385  O O4    . U   A 1 18 ? -16.752 -3.225  6.344   1.00 31.73 ? 19  U   A O4    1 
ATOM   386  C C5    . U   A 1 18 ? -17.936 -4.824  5.033   1.00 32.49 ? 19  U   A C5    1 
ATOM   387  C C6    . U   A 1 18 ? -18.021 -6.123  4.717   1.00 33.44 ? 19  U   A C6    1 
ATOM   388  P P     . C   A 1 19 ? -21.069 -10.352 7.298   1.00 38.68 ? 20  C   A P     1 
ATOM   389  O OP1   . C   A 1 19 ? -21.829 -11.621 7.407   1.00 38.54 ? 20  C   A OP1   1 
ATOM   390  O OP2   . C   A 1 19 ? -21.805 -9.066  7.228   1.00 37.29 ? 20  C   A OP2   1 
ATOM   391  O "O5'" . C   A 1 19 ? -20.019 -10.270 8.494   1.00 39.51 ? 20  C   A "O5'" 1 
ATOM   392  C "C5'" . C   A 1 19 ? -19.145 -11.365 8.768   1.00 39.79 ? 20  C   A "C5'" 1 
ATOM   393  C "C4'" . C   A 1 19 ? -18.152 -10.997 9.849   1.00 37.70 ? 20  C   A "C4'" 1 
ATOM   394  O "O4'" . C   A 1 19 ? -17.218 -9.999  9.357   1.00 38.37 ? 20  C   A "O4'" 1 
ATOM   395  C "C3'" . C   A 1 19 ? -18.725 -10.344 11.093  1.00 39.20 ? 20  C   A "C3'" 1 
ATOM   396  O "O3'" . C   A 1 19 ? -19.300 -11.286 11.979  1.00 40.09 ? 20  C   A "O3'" 1 
ATOM   397  C "C2'" . C   A 1 19 ? -17.489 -9.694  11.696  1.00 39.01 ? 20  C   A "C2'" 1 
ATOM   398  O "O2'" . C   A 1 19 ? -16.654 -10.610 12.373  1.00 39.26 ? 20  C   A "O2'" 1 
ATOM   399  C "C1'" . C   A 1 19 ? -16.787 -9.183  10.438  1.00 37.65 ? 20  C   A "C1'" 1 
ATOM   400  N N1    . C   A 1 19 ? -17.152 -7.787  10.153  1.00 35.98 ? 20  C   A N1    1 
ATOM   401  C C2    . C   A 1 19 ? -16.481 -6.771  10.843  1.00 38.13 ? 20  C   A C2    1 
ATOM   402  O O2    . C   A 1 19 ? -15.607 -7.086  11.672  1.00 36.99 ? 20  C   A O2    1 
ATOM   403  N N3    . C   A 1 19 ? -16.800 -5.476  10.595  1.00 36.05 ? 20  C   A N3    1 
ATOM   404  C C4    . C   A 1 19 ? -17.745 -5.184  9.701   1.00 35.02 ? 20  C   A C4    1 
ATOM   405  N N4    . C   A 1 19 ? -18.019 -3.896  9.476   1.00 34.04 ? 20  C   A N4    1 
ATOM   406  C C5    . C   A 1 19 ? -18.451 -6.201  8.989   1.00 35.06 ? 20  C   A C5    1 
ATOM   407  C C6    . C   A 1 19 ? -18.124 -7.477  9.243   1.00 35.08 ? 20  C   A C6    1 
ATOM   408  P P     . G   A 1 20 ? -20.508 -10.832 12.928  1.00 41.04 ? 21  G   A P     1 
ATOM   409  O OP1   . G   A 1 20 ? -20.977 -12.051 13.633  1.00 43.72 ? 21  G   A OP1   1 
ATOM   410  O OP2   . G   A 1 20 ? -21.462 -10.042 12.108  1.00 42.32 ? 21  G   A OP2   1 
ATOM   411  O "O5'" . G   A 1 20 ? -19.823 -9.854  13.986  1.00 43.01 ? 21  G   A "O5'" 1 
ATOM   412  C "C5'" . G   A 1 20 ? -18.786 -10.333 14.838  1.00 45.49 ? 21  G   A "C5'" 1 
ATOM   413  C "C4'" . G   A 1 20 ? -18.157 -9.200  15.622  1.00 47.95 ? 21  G   A "C4'" 1 
ATOM   414  O "O4'" . G   A 1 20 ? -17.448 -8.291  14.736  1.00 47.35 ? 21  G   A "O4'" 1 
ATOM   415  C "C3'" . G   A 1 20 ? -19.082 -8.281  16.399  1.00 48.50 ? 21  G   A "C3'" 1 
ATOM   416  O "O3'" . G   A 1 20 ? -19.516 -8.865  17.622  1.00 52.71 ? 21  G   A "O3'" 1 
ATOM   417  C "C2'" . G   A 1 20 ? -18.174 -7.083  16.650  1.00 47.76 ? 21  G   A "C2'" 1 
ATOM   418  O "O2'" . G   A 1 20 ? -17.260 -7.304  17.708  1.00 47.09 ? 21  G   A "O2'" 1 
ATOM   419  C "C1'" . G   A 1 20 ? -17.414 -6.996  15.322  1.00 46.35 ? 21  G   A "C1'" 1 
ATOM   420  N N9    . G   A 1 20 ? -18.037 -6.050  14.402  1.00 45.62 ? 21  G   A N9    1 
ATOM   421  C C8    . G   A 1 20 ? -18.802 -6.344  13.299  1.00 43.89 ? 21  G   A C8    1 
ATOM   422  N N7    . G   A 1 20 ? -19.249 -5.281  12.688  1.00 43.31 ? 21  G   A N7    1 
ATOM   423  C C5    . G   A 1 20 ? -18.743 -4.219  13.427  1.00 42.32 ? 21  G   A C5    1 
ATOM   424  C C6    . G   A 1 20 ? -18.892 -2.819  13.247  1.00 42.26 ? 21  G   A C6    1 
ATOM   425  O O6    . G   A 1 20 ? -19.521 -2.217  12.370  1.00 41.51 ? 21  G   A O6    1 
ATOM   426  N N1    . G   A 1 20 ? -18.211 -2.102  14.227  1.00 41.78 ? 21  G   A N1    1 
ATOM   427  C C2    . G   A 1 20 ? -17.482 -2.655  15.246  1.00 41.10 ? 21  G   A C2    1 
ATOM   428  N N2    . G   A 1 20 ? -16.902 -1.789  16.095  1.00 39.15 ? 21  G   A N2    1 
ATOM   429  N N3    . G   A 1 20 ? -17.330 -3.959  15.423  1.00 42.66 ? 21  G   A N3    1 
ATOM   430  C C4    . G   A 1 20 ? -17.986 -4.676  14.484  1.00 43.41 ? 21  G   A C4    1 
ATOM   431  P P     . C   A 1 21 ? -20.843 -8.303  18.339  1.00 55.54 ? 22  C   A P     1 
ATOM   432  O OP1   . C   A 1 21 ? -20.999 -9.043  19.621  1.00 56.75 ? 22  C   A OP1   1 
ATOM   433  O OP2   . C   A 1 21 ? -21.953 -8.307  17.349  1.00 56.02 ? 22  C   A OP2   1 
ATOM   434  O "O5'" . C   A 1 21 ? -20.489 -6.785  18.681  1.00 55.76 ? 22  C   A "O5'" 1 
ATOM   435  C "C5'" . C   A 1 21 ? -19.464 -6.468  19.621  1.00 54.53 ? 22  C   A "C5'" 1 
ATOM   436  C "C4'" . C   A 1 21 ? -19.385 -4.973  19.831  1.00 54.50 ? 22  C   A "C4'" 1 
ATOM   437  O "O4'" . C   A 1 21 ? -19.055 -4.317  18.580  1.00 53.31 ? 22  C   A "O4'" 1 
ATOM   438  C "C3'" . C   A 1 21 ? -20.676 -4.284  20.240  1.00 54.42 ? 22  C   A "C3'" 1 
ATOM   439  O "O3'" . C   A 1 21 ? -21.050 -4.509  21.601  1.00 55.60 ? 22  C   A "O3'" 1 
ATOM   440  C "C2'" . C   A 1 21 ? -20.387 -2.831  19.881  1.00 53.91 ? 22  C   A "C2'" 1 
ATOM   441  O "O2'" . C   A 1 21 ? -19.620 -2.155  20.860  1.00 54.66 ? 22  C   A "O2'" 1 
ATOM   442  C "C1'" . C   A 1 21 ? -19.561 -2.990  18.601  1.00 51.86 ? 22  C   A "C1'" 1 
ATOM   443  N N1    . C   A 1 21 ? -20.340 -2.754  17.374  1.00 50.16 ? 22  C   A N1    1 
ATOM   444  C C2    . C   A 1 21 ? -20.543 -1.432  16.958  1.00 48.99 ? 22  C   A C2    1 
ATOM   445  O O2    . C   A 1 21 ? -20.065 -0.510  17.637  1.00 48.11 ? 22  C   A O2    1 
ATOM   446  N N3    . C   A 1 21 ? -21.253 -1.194  15.831  1.00 47.13 ? 22  C   A N3    1 
ATOM   447  C C4    . C   A 1 21 ? -21.753 -2.215  15.129  1.00 47.53 ? 22  C   A C4    1 
ATOM   448  N N4    . C   A 1 21 ? -22.448 -1.933  14.022  1.00 46.34 ? 22  C   A N4    1 
ATOM   449  C C5    . C   A 1 21 ? -21.564 -3.573  15.532  1.00 47.55 ? 22  C   A C5    1 
ATOM   450  C C6    . C   A 1 21 ? -20.858 -3.794  16.650  1.00 48.24 ? 22  C   A C6    1 
ATOM   451  O OP3   . G   B 1 1  ? -22.447 6.621   9.034   1.00 69.13 ? 24  G   B OP3   1 
ATOM   452  P P     . G   B 1 1  ? -22.944 7.809   9.851   1.00 70.00 ? 24  G   B P     1 
ATOM   453  O OP1   . G   B 1 1  ? -24.438 7.734   10.137  1.00 70.00 ? 24  G   B OP1   1 
ATOM   454  O OP2   . G   B 1 1  ? -22.518 9.152   9.273   1.00 70.00 ? 24  G   B OP2   1 
ATOM   455  O "O5'" . G   B 1 1  ? -22.207 7.681   11.302  1.00 67.21 ? 24  G   B "O5'" 1 
ATOM   456  C "C5'" . G   B 1 1  ? -22.096 8.816   12.183  1.00 63.59 ? 24  G   B "C5'" 1 
ATOM   457  C "C4'" . G   B 1 1  ? -21.627 8.370   13.550  1.00 61.21 ? 24  G   B "C4'" 1 
ATOM   458  O "O4'" . G   B 1 1  ? -22.658 7.554   14.168  1.00 59.89 ? 24  G   B "O4'" 1 
ATOM   459  C "C3'" . G   B 1 1  ? -20.394 7.481   13.561  1.00 59.81 ? 24  G   B "C3'" 1 
ATOM   460  O "O3'" . G   B 1 1  ? -19.193 8.240   13.517  1.00 58.38 ? 24  G   B "O3'" 1 
ATOM   461  C "C2'" . G   B 1 1  ? -20.545 6.743   14.881  1.00 58.22 ? 24  G   B "C2'" 1 
ATOM   462  O "O2'" . G   B 1 1  ? -20.142 7.524   15.986  1.00 57.98 ? 24  G   B "O2'" 1 
ATOM   463  C "C1'" . G   B 1 1  ? -22.056 6.510   14.917  1.00 57.96 ? 24  G   B "C1'" 1 
ATOM   464  N N9    . G   B 1 1  ? -22.430 5.242   14.300  1.00 55.87 ? 24  G   B N9    1 
ATOM   465  C C8    . G   B 1 1  ? -23.152 5.060   13.144  1.00 54.84 ? 24  G   B C8    1 
ATOM   466  N N7    . G   B 1 1  ? -23.312 3.802   12.832  1.00 53.93 ? 24  G   B N7    1 
ATOM   467  C C5    . G   B 1 1  ? -22.662 3.112   13.849  1.00 53.01 ? 24  G   B C5    1 
ATOM   468  C C6    . G   B 1 1  ? -22.497 1.717   14.055  1.00 51.85 ? 24  G   B C6    1 
ATOM   469  O O6    . G   B 1 1  ? -22.906 0.783   13.360  1.00 51.64 ? 24  G   B O6    1 
ATOM   470  N N1    . G   B 1 1  ? -21.768 1.455   15.212  1.00 50.81 ? 24  G   B N1    1 
ATOM   471  C C2    . G   B 1 1  ? -21.263 2.407   16.059  1.00 50.32 ? 24  G   B C2    1 
ATOM   472  N N2    . G   B 1 1  ? -20.582 1.954   17.122  1.00 49.03 ? 24  G   B N2    1 
ATOM   473  N N3    . G   B 1 1  ? -21.411 3.709   15.879  1.00 52.06 ? 24  G   B N3    1 
ATOM   474  C C4    . G   B 1 1  ? -22.115 3.987   14.763  1.00 53.46 ? 24  G   B C4    1 
ATOM   475  P P     . C   B 1 2  ? -17.848 7.560   12.962  1.00 56.78 ? 25  C   B P     1 
ATOM   476  O OP1   . C   B 1 2  ? -16.794 8.605   12.958  1.00 56.56 ? 25  C   B OP1   1 
ATOM   477  O OP2   . C   B 1 2  ? -18.170 6.836   11.705  1.00 56.11 ? 25  C   B OP2   1 
ATOM   478  O "O5'" . C   B 1 2  ? -17.480 6.485   14.079  1.00 54.06 ? 25  C   B "O5'" 1 
ATOM   479  C "C5'" . C   B 1 2  ? -17.126 6.896   15.394  1.00 50.22 ? 25  C   B "C5'" 1 
ATOM   480  C "C4'" . C   B 1 2  ? -16.629 5.715   16.192  1.00 49.66 ? 25  C   B "C4'" 1 
ATOM   481  O "O4'" . C   B 1 2  ? -17.725 4.793   16.446  1.00 47.88 ? 25  C   B "O4'" 1 
ATOM   482  C "C3'" . C   B 1 2  ? -15.591 4.857   15.492  1.00 47.56 ? 25  C   B "C3'" 1 
ATOM   483  O "O3'" . C   B 1 2  ? -14.285 5.400   15.599  1.00 47.51 ? 25  C   B "O3'" 1 
ATOM   484  C "C2'" . C   B 1 2  ? -15.725 3.540   16.237  1.00 47.36 ? 25  C   B "C2'" 1 
ATOM   485  O "O2'" . C   B 1 2  ? -15.084 3.560   17.495  1.00 47.22 ? 25  C   B "O2'" 1 
ATOM   486  C "C1'" . C   B 1 2  ? -17.240 3.461   16.425  1.00 46.61 ? 25  C   B "C1'" 1 
ATOM   487  N N1    . C   B 1 2  ? -17.887 2.747   15.314  1.00 45.28 ? 25  C   B N1    1 
ATOM   488  C C2    . C   B 1 2  ? -17.880 1.353   15.330  1.00 43.54 ? 25  C   B C2    1 
ATOM   489  O O2    . C   B 1 2  ? -17.350 0.774   16.289  1.00 42.58 ? 25  C   B O2    1 
ATOM   490  N N3    . C   B 1 2  ? -18.447 0.675   14.309  1.00 43.57 ? 25  C   B N3    1 
ATOM   491  C C4    . C   B 1 2  ? -19.014 1.341   13.299  1.00 43.91 ? 25  C   B C4    1 
ATOM   492  N N4    . C   B 1 2  ? -19.565 0.626   12.308  1.00 42.60 ? 25  C   B N4    1 
ATOM   493  C C5    . C   B 1 2  ? -19.042 2.766   13.259  1.00 44.76 ? 25  C   B C5    1 
ATOM   494  C C6    . C   B 1 2  ? -18.472 3.423   14.279  1.00 44.73 ? 25  C   B C6    1 
ATOM   495  P P     . G   B 1 3  ? -13.180 5.013   14.499  1.00 46.69 ? 26  G   B P     1 
ATOM   496  O OP1   . G   B 1 3  ? -11.960 5.811   14.794  1.00 44.74 ? 26  G   B OP1   1 
ATOM   497  O OP2   . G   B 1 3  ? -13.818 5.107   13.158  1.00 47.47 ? 26  G   B OP2   1 
ATOM   498  O "O5'" . G   B 1 3  ? -12.877 3.480   14.802  1.00 44.09 ? 26  G   B "O5'" 1 
ATOM   499  C "C5'" . G   B 1 3  ? -12.225 3.097   16.001  1.00 43.26 ? 26  G   B "C5'" 1 
ATOM   500  C "C4'" . G   B 1 3  ? -11.928 1.620   15.987  1.00 41.82 ? 26  G   B "C4'" 1 
ATOM   501  O "O4'" . G   B 1 3  ? -13.164 0.858   16.090  1.00 40.28 ? 26  G   B "O4'" 1 
ATOM   502  C "C3'" . G   B 1 3  ? -11.306 1.082   14.714  1.00 41.02 ? 26  G   B "C3'" 1 
ATOM   503  O "O3'" . G   B 1 3  ? -9.923  1.392   14.602  1.00 42.40 ? 26  G   B "O3'" 1 
ATOM   504  C "C2'" . G   B 1 3  ? -11.587 -0.409  14.857  1.00 40.14 ? 26  G   B "C2'" 1 
ATOM   505  O "O2'" . G   B 1 3  ? -10.727 -1.061  15.770  1.00 40.68 ? 26  G   B "O2'" 1 
ATOM   506  C "C1'" . G   B 1 3  ? -13.016 -0.382  15.406  1.00 38.60 ? 26  G   B "C1'" 1 
ATOM   507  N N9    . G   B 1 3  ? -13.981 -0.432  14.313  1.00 36.06 ? 26  G   B N9    1 
ATOM   508  C C8    . G   B 1 3  ? -14.549 0.634   13.658  1.00 35.99 ? 26  G   B C8    1 
ATOM   509  N N7    . G   B 1 3  ? -15.330 0.275   12.674  1.00 35.56 ? 26  G   B N7    1 
ATOM   510  C C5    . G   B 1 3  ? -15.287 -1.114  12.689  1.00 34.96 ? 26  G   B C5    1 
ATOM   511  C C6    . G   B 1 3  ? -15.925 -2.063  11.844  1.00 36.64 ? 26  G   B C6    1 
ATOM   512  O O6    . G   B 1 3  ? -16.677 -1.858  10.883  1.00 36.69 ? 26  G   B O6    1 
ATOM   513  N N1    . G   B 1 3  ? -15.606 -3.368  12.208  1.00 35.60 ? 26  G   B N1    1 
ATOM   514  C C2    . G   B 1 3  ? -14.780 -3.719  13.248  1.00 37.27 ? 26  G   B C2    1 
ATOM   515  N N2    . G   B 1 3  ? -14.593 -5.039  13.438  1.00 36.09 ? 26  G   B N2    1 
ATOM   516  N N3    . G   B 1 3  ? -14.178 -2.844  14.044  1.00 34.59 ? 26  G   B N3    1 
ATOM   517  C C4    . G   B 1 3  ? -14.472 -1.567  13.705  1.00 36.34 ? 26  G   B C4    1 
ATOM   518  P P     . U   B 1 4  ? -9.148  1.046   13.234  1.00 42.36 ? 27  U   B P     1 
ATOM   519  O OP1   . U   B 1 4  ? -7.779  1.611   13.305  1.00 43.84 ? 27  U   B OP1   1 
ATOM   520  O OP2   . U   B 1 4  ? -10.023 1.391   12.082  1.00 41.00 ? 27  U   B OP2   1 
ATOM   521  O "O5'" . U   B 1 4  ? -9.029  -0.533  13.308  1.00 42.52 ? 27  U   B "O5'" 1 
ATOM   522  C "C5'" . U   B 1 4  ? -9.042  -1.312  12.133  1.00 42.47 ? 27  U   B "C5'" 1 
ATOM   523  C "C4'" . U   B 1 4  ? -9.103  -2.769  12.491  1.00 43.53 ? 27  U   B "C4'" 1 
ATOM   524  O "O4'" . U   B 1 4  ? -10.458 -3.148  12.865  1.00 41.92 ? 27  U   B "O4'" 1 
ATOM   525  C "C3'" . U   B 1 4  ? -8.794  -3.682  11.332  1.00 43.12 ? 27  U   B "C3'" 1 
ATOM   526  O "O3'" . U   B 1 4  ? -7.391  -3.748  11.149  1.00 45.61 ? 27  U   B "O3'" 1 
ATOM   527  C "C2'" . U   B 1 4  ? -9.425  -4.989  11.785  1.00 44.47 ? 27  U   B "C2'" 1 
ATOM   528  O "O2'" . U   B 1 4  ? -8.647  -5.674  12.748  1.00 44.84 ? 27  U   B "O2'" 1 
ATOM   529  C "C1'" . U   B 1 4  ? -10.717 -4.475  12.424  1.00 42.59 ? 27  U   B "C1'" 1 
ATOM   530  N N1    . U   B 1 4  ? -11.811 -4.432  11.444  1.00 42.24 ? 27  U   B N1    1 
ATOM   531  C C2    . U   B 1 4  ? -12.335 -5.638  11.012  1.00 41.51 ? 27  U   B C2    1 
ATOM   532  O O2    . U   B 1 4  ? -11.959 -6.721  11.441  1.00 43.37 ? 27  U   B O2    1 
ATOM   533  N N3    . U   B 1 4  ? -13.320 -5.532  10.060  1.00 42.90 ? 27  U   B N3    1 
ATOM   534  C C4    . U   B 1 4  ? -13.830 -4.367  9.517   1.00 40.67 ? 27  U   B C4    1 
ATOM   535  O O4    . U   B 1 4  ? -14.679 -4.437  8.624   1.00 41.82 ? 27  U   B O4    1 
ATOM   536  C C5    . U   B 1 4  ? -13.252 -3.164  10.036  1.00 39.57 ? 27  U   B C5    1 
ATOM   537  C C6    . U   B 1 4  ? -12.289 -3.233  10.956  1.00 39.38 ? 27  U   B C6    1 
ATOM   538  P P     . C   B 1 5  ? -6.815  -3.953  9.675   1.00 46.25 ? 28  C   B P     1 
ATOM   539  O OP1   . C   B 1 5  ? -5.344  -4.151  9.739   1.00 46.37 ? 28  C   B OP1   1 
ATOM   540  O OP2   . C   B 1 5  ? -7.373  -2.894  8.798   1.00 45.52 ? 28  C   B OP2   1 
ATOM   541  O "O5'" . C   B 1 5  ? -7.475  -5.337  9.290   1.00 46.84 ? 28  C   B "O5'" 1 
ATOM   542  C "C5'" . C   B 1 5  ? -7.746  -5.638  7.959   1.00 44.11 ? 28  C   B "C5'" 1 
ATOM   543  C "C4'" . C   B 1 5  ? -8.595  -6.867  7.863   1.00 41.98 ? 28  C   B "C4'" 1 
ATOM   544  O "O4'" . C   B 1 5  ? -9.903  -6.646  8.463   1.00 41.01 ? 28  C   B "O4'" 1 
ATOM   545  C "C3'" . C   B 1 5  ? -8.866  -7.122  6.406   1.00 41.90 ? 28  C   B "C3'" 1 
ATOM   546  O "O3'" . C   B 1 5  ? -7.785  -7.870  5.889   1.00 42.89 ? 28  C   B "O3'" 1 
ATOM   547  C "C2'" . C   B 1 5  ? -10.233 -7.774  6.414   1.00 39.54 ? 28  C   B "C2'" 1 
ATOM   548  O "O2'" . C   B 1 5  ? -10.202 -9.143  6.727   1.00 40.06 ? 28  C   B "O2'" 1 
ATOM   549  C "C1'" . C   B 1 5  ? -10.915 -6.977  7.528   1.00 38.64 ? 28  C   B "C1'" 1 
ATOM   550  N N1    . C   B 1 5  ? -11.495 -5.711  7.048   1.00 35.43 ? 28  C   B N1    1 
ATOM   551  C C2    . C   B 1 5  ? -12.511 -5.748  6.088   1.00 33.63 ? 28  C   B C2    1 
ATOM   552  O O2    . C   B 1 5  ? -12.903 -6.849  5.669   1.00 34.50 ? 28  C   B O2    1 
ATOM   553  N N3    . C   B 1 5  ? -13.039 -4.583  5.640   1.00 34.40 ? 28  C   B N3    1 
ATOM   554  C C4    . C   B 1 5  ? -12.585 -3.417  6.113   1.00 34.18 ? 28  C   B C4    1 
ATOM   555  N N4    . C   B 1 5  ? -13.126 -2.292  5.639   1.00 33.72 ? 28  C   B N4    1 
ATOM   556  C C5    . C   B 1 5  ? -11.553 -3.352  7.094   1.00 35.13 ? 28  C   B C5    1 
ATOM   557  C C6    . C   B 1 5  ? -11.042 -4.513  7.530   1.00 34.55 ? 28  C   B C6    1 
ATOM   558  P P     . A   B 1 6  ? -6.974  -7.292  4.644   1.00 43.77 ? 29  A   B P     1 
ATOM   559  O OP1   . A   B 1 6  ? -5.779  -8.151  4.423   1.00 45.26 ? 29  A   B OP1   1 
ATOM   560  O OP2   . A   B 1 6  ? -6.804  -5.833  4.830   1.00 42.56 ? 29  A   B OP2   1 
ATOM   561  O "O5'" . A   B 1 6  ? -8.004  -7.545  3.464   1.00 43.17 ? 29  A   B "O5'" 1 
ATOM   562  C "C5'" . A   B 1 6  ? -8.698  -8.781  3.386   1.00 40.88 ? 29  A   B "C5'" 1 
ATOM   563  C "C4'" . A   B 1 6  ? -9.776  -8.701  2.345   1.00 38.77 ? 29  A   B "C4'" 1 
ATOM   564  O "O4'" . A   B 1 6  ? -10.902 -7.932  2.840   1.00 36.49 ? 29  A   B "O4'" 1 
ATOM   565  C "C3'" . A   B 1 6  ? -9.381  -7.963  1.083   1.00 39.69 ? 29  A   B "C3'" 1 
ATOM   566  O "O3'" . A   B 1 6  ? -8.600  -8.780  0.230   1.00 39.49 ? 29  A   B "O3'" 1 
ATOM   567  C "C2'" . A   B 1 6  ? -10.739 -7.625  0.487   1.00 36.49 ? 29  A   B "C2'" 1 
ATOM   568  O "O2'" . A   B 1 6  ? -11.320 -8.733  -0.172  1.00 37.75 ? 29  A   B "O2'" 1 
ATOM   569  C "C1'" . A   B 1 6  ? -11.538 -7.283  1.748   1.00 34.55 ? 29  A   B "C1'" 1 
ATOM   570  N N9    . A   B 1 6  ? -11.566 -5.843  2.005   1.00 30.80 ? 29  A   B N9    1 
ATOM   571  C C8    . A   B 1 6  ? -10.879 -5.108  2.940   1.00 29.82 ? 29  A   B C8    1 
ATOM   572  N N7    . A   B 1 6  ? -11.136 -3.819  2.889   1.00 29.78 ? 29  A   B N7    1 
ATOM   573  C C5    . A   B 1 6  ? -12.056 -3.706  1.855   1.00 27.34 ? 29  A   B C5    1 
ATOM   574  C C6    . A   B 1 6  ? -12.728 -2.600  1.303   1.00 29.04 ? 29  A   B C6    1 
ATOM   575  N N6    . A   B 1 6  ? -12.574 -1.346  1.735   1.00 27.91 ? 29  A   B N6    1 
ATOM   576  N N1    . A   B 1 6  ? -13.578 -2.831  0.277   1.00 30.96 ? 29  A   B N1    1 
ATOM   577  C C2    . A   B 1 6  ? -13.738 -4.090  -0.152  1.00 29.81 ? 29  A   B C2    1 
ATOM   578  N N3    . A   B 1 6  ? -13.165 -5.207  0.288   1.00 28.51 ? 29  A   B N3    1 
ATOM   579  C C4    . A   B 1 6  ? -12.326 -4.941  1.302   1.00 29.29 ? 29  A   B C4    1 
ATOM   580  P P     . C   B 1 7  ? -7.440  -8.110  -0.646  1.00 41.25 ? 30  C   B P     1 
ATOM   581  O OP1   . C   B 1 7  ? -6.794  -9.193  -1.426  1.00 43.75 ? 30  C   B OP1   1 
ATOM   582  O OP2   . C   B 1 7  ? -6.623  -7.252  0.247   1.00 43.26 ? 30  C   B OP2   1 
ATOM   583  O "O5'" . C   B 1 7  ? -8.226  -7.176  -1.661  1.00 39.89 ? 30  C   B "O5'" 1 
ATOM   584  C "C5'" . C   B 1 7  ? -9.093  -7.738  -2.629  1.00 38.69 ? 30  C   B "C5'" 1 
ATOM   585  C "C4'" . C   B 1 7  ? -9.777  -6.645  -3.404  1.00 37.53 ? 30  C   B "C4'" 1 
ATOM   586  O "O4'" . C   B 1 7  ? -10.662 -5.911  -2.517  1.00 37.79 ? 30  C   B "O4'" 1 
ATOM   587  C "C3'" . C   B 1 7  ? -8.871  -5.556  -3.950  1.00 38.68 ? 30  C   B "C3'" 1 
ATOM   588  O "O3'" . C   B 1 7  ? -8.205  -5.953  -5.140  1.00 38.25 ? 30  C   B "O3'" 1 
ATOM   589  C "C2'" . C   B 1 7  ? -9.873  -4.441  -4.200  1.00 36.83 ? 30  C   B "C2'" 1 
ATOM   590  O "O2'" . C   B 1 7  ? -10.649 -4.661  -5.361  1.00 39.53 ? 30  C   B "O2'" 1 
ATOM   591  C "C1'" . C   B 1 7  ? -10.768 -4.571  -2.968  1.00 35.98 ? 30  C   B "C1'" 1 
ATOM   592  N N1    . C   B 1 7  ? -10.346 -3.669  -1.886  1.00 34.13 ? 30  C   B N1    1 
ATOM   593  C C2    . C   B 1 7  ? -10.784 -2.350  -1.930  1.00 30.65 ? 30  C   B C2    1 
ATOM   594  O O2    . C   B 1 7  ? -11.507 -2.000  -2.869  1.00 31.31 ? 30  C   B O2    1 
ATOM   595  N N3    . C   B 1 7  ? -10.414 -1.490  -0.954  1.00 30.38 ? 30  C   B N3    1 
ATOM   596  C C4    . C   B 1 7  ? -9.634  -1.914  0.045   1.00 29.14 ? 30  C   B C4    1 
ATOM   597  N N4    . C   B 1 7  ? -9.301  -1.029  0.997   1.00 25.73 ? 30  C   B N4    1 
ATOM   598  C C5    . C   B 1 7  ? -9.165  -3.261  0.114   1.00 29.37 ? 30  C   B C5    1 
ATOM   599  C C6    . C   B 1 7  ? -9.543  -4.098  -0.865  1.00 30.01 ? 30  C   B C6    1 
ATOM   600  P P     . A   B 1 8  ? -6.763  -5.333  -5.484  1.00 42.53 ? 31  A   B P     1 
ATOM   601  O OP1   . A   B 1 8  ? -6.237  -6.055  -6.677  1.00 43.16 ? 31  A   B OP1   1 
ATOM   602  O OP2   . A   B 1 8  ? -5.954  -5.284  -4.235  1.00 42.69 ? 31  A   B OP2   1 
ATOM   603  O "O5'" . A   B 1 8  ? -7.077  -3.839  -5.921  1.00 40.14 ? 31  A   B "O5'" 1 
ATOM   604  C "C5'" . A   B 1 8  ? -7.886  -3.576  -7.055  1.00 40.16 ? 31  A   B "C5'" 1 
ATOM   605  C "C4'" . A   B 1 8  ? -8.166  -2.103  -7.154  1.00 39.20 ? 31  A   B "C4'" 1 
ATOM   606  O "O4'" . A   B 1 8  ? -8.945  -1.684  -6.003  1.00 39.29 ? 31  A   B "O4'" 1 
ATOM   607  C "C3'" . A   B 1 8  ? -6.941  -1.211  -7.098  1.00 39.00 ? 31  A   B "C3'" 1 
ATOM   608  O "O3'" . A   B 1 8  ? -6.324  -1.123  -8.373  1.00 41.37 ? 31  A   B "O3'" 1 
ATOM   609  C "C2'" . A   B 1 8  ? -7.546  0.116   -6.663  1.00 38.94 ? 31  A   B "C2'" 1 
ATOM   610  O "O2'" . A   B 1 8  ? -8.195  0.774   -7.731  1.00 39.16 ? 31  A   B "O2'" 1 
ATOM   611  C "C1'" . A   B 1 8  ? -8.595  -0.355  -5.655  1.00 36.53 ? 31  A   B "C1'" 1 
ATOM   612  N N9    . A   B 1 8  ? -8.130  -0.347  -4.268  1.00 33.76 ? 31  A   B N9    1 
ATOM   613  C C8    . A   B 1 8  ? -7.727  -1.407  -3.493  1.00 32.80 ? 31  A   B C8    1 
ATOM   614  N N7    . A   B 1 8  ? -7.410  -1.071  -2.267  1.00 33.30 ? 31  A   B N7    1 
ATOM   615  C C5    . A   B 1 8  ? -7.612  0.304   -2.234  1.00 31.31 ? 31  A   B C5    1 
ATOM   616  C C6    . A   B 1 8  ? -7.467  1.260   -1.209  1.00 29.69 ? 31  A   B C6    1 
ATOM   617  N N6    . A   B 1 8  ? -7.089  0.964   0.038   1.00 28.27 ? 31  A   B N6    1 
ATOM   618  N N1    . A   B 1 8  ? -7.734  2.549   -1.512  1.00 28.12 ? 31  A   B N1    1 
ATOM   619  C C2    . A   B 1 8  ? -8.129  2.846   -2.757  1.00 28.54 ? 31  A   B C2    1 
ATOM   620  N N3    . A   B 1 8  ? -8.315  2.034   -3.799  1.00 30.71 ? 31  A   B N3    1 
ATOM   621  C C4    . A   B 1 8  ? -8.037  0.763   -3.465  1.00 30.69 ? 31  A   B C4    1 
ATOM   622  P P     . C   B 1 9  ? -4.746  -0.836  -8.477  1.00 41.58 ? 32  C   B P     1 
ATOM   623  O OP1   . C   B 1 9  ? -4.360  -1.058  -9.895  1.00 44.28 ? 32  C   B OP1   1 
ATOM   624  O OP2   . C   B 1 9  ? -4.051  -1.581  -7.398  1.00 40.07 ? 32  C   B OP2   1 
ATOM   625  O "O5'" . C   B 1 9  ? -4.606  0.720   -8.183  1.00 39.38 ? 32  C   B "O5'" 1 
ATOM   626  C "C5'" . C   B 1 9  ? -5.223  1.670   -9.038  1.00 38.86 ? 32  C   B "C5'" 1 
ATOM   627  C "C4'" . C   B 1 9  ? -5.290  3.014   -8.360  1.00 37.39 ? 32  C   B "C4'" 1 
ATOM   628  O "O4'" . C   B 1 9  ? -6.086  2.904   -7.151  1.00 37.22 ? 32  C   B "O4'" 1 
ATOM   629  C "C3'" . C   B 1 9  ? -3.970  3.579   -7.864  1.00 37.57 ? 32  C   B "C3'" 1 
ATOM   630  O "O3'" . C   B 1 9  ? -3.242  4.208   -8.913  1.00 35.49 ? 32  C   B "O3'" 1 
ATOM   631  C "C2'" . C   B 1 9  ? -4.443  4.579   -6.819  1.00 33.74 ? 32  C   B "C2'" 1 
ATOM   632  O "O2'" . C   B 1 9  ? -4.961  5.755   -7.400  1.00 30.53 ? 32  C   B "O2'" 1 
ATOM   633  C "C1'" . C   B 1 9  ? -5.592  3.808   -6.172  1.00 34.27 ? 32  C   B "C1'" 1 
ATOM   634  N N1    . C   B 1 9  ? -5.171  3.043   -4.989  1.00 32.75 ? 32  C   B N1    1 
ATOM   635  C C2    . C   B 1 9  ? -5.021  3.721   -3.778  1.00 32.18 ? 32  C   B C2    1 
ATOM   636  O O2    . C   B 1 9  ? -5.219  4.939   -3.754  1.00 32.41 ? 32  C   B O2    1 
ATOM   637  N N3    . C   B 1 9  ? -4.663  3.037   -2.668  1.00 30.95 ? 32  C   B N3    1 
ATOM   638  C C4    . C   B 1 9  ? -4.452  1.721   -2.736  1.00 30.83 ? 32  C   B C4    1 
ATOM   639  N N4    . C   B 1 9  ? -4.120  1.082   -1.599  1.00 29.72 ? 32  C   B N4    1 
ATOM   640  C C5    . C   B 1 9  ? -4.576  1.000   -3.964  1.00 32.19 ? 32  C   B C5    1 
ATOM   641  C C6    . C   B 1 9  ? -4.935  1.696   -5.058  1.00 32.33 ? 32  C   B C6    1 
ATOM   642  P P     . C   B 1 10 ? -1.652  4.384   -8.779  1.00 39.61 ? 33  C   B P     1 
ATOM   643  O OP1   . C   B 1 10 ? -1.163  5.008   -10.035 1.00 38.97 ? 33  C   B OP1   1 
ATOM   644  O OP2   . C   B 1 10 ? -1.061  3.109   -8.312  1.00 39.56 ? 33  C   B OP2   1 
ATOM   645  O "O5'" . C   B 1 10 ? -1.482  5.459   -7.618  1.00 36.11 ? 33  C   B "O5'" 1 
ATOM   646  C "C5'" . C   B 1 10 ? -2.032  6.761   -7.752  1.00 35.52 ? 33  C   B "C5'" 1 
ATOM   647  C "C4'" . C   B 1 10 ? -1.667  7.600   -6.559  1.00 33.76 ? 33  C   B "C4'" 1 
ATOM   648  O "O4'" . C   B 1 10 ? -2.400  7.154   -5.389  1.00 33.37 ? 33  C   B "O4'" 1 
ATOM   649  C "C3'" . C   B 1 10 ? -0.209  7.493   -6.153  1.00 32.39 ? 33  C   B "C3'" 1 
ATOM   650  O "O3'" . C   B 1 10 ? 0.572   8.350   -6.973  1.00 32.52 ? 33  C   B "O3'" 1 
ATOM   651  C "C2'" . C   B 1 10 ? -0.260  7.916   -4.689  1.00 32.40 ? 33  C   B "C2'" 1 
ATOM   652  O "O2'" . C   B 1 10 ? -0.346  9.317   -4.523  1.00 32.63 ? 33  C   B "O2'" 1 
ATOM   653  C "C1'" . C   B 1 10 ? -1.577  7.277   -4.238  1.00 31.47 ? 33  C   B "C1'" 1 
ATOM   654  N N1    . C   B 1 10 ? -1.429  5.937   -3.653  1.00 28.84 ? 33  C   B N1    1 
ATOM   655  C C2    . C   B 1 10 ? -1.129  5.822   -2.290  1.00 27.49 ? 33  C   B C2    1 
ATOM   656  O O2    . C   B 1 10 ? -0.951  6.854   -1.624  1.00 26.07 ? 33  C   B O2    1 
ATOM   657  N N3    . C   B 1 10 ? -1.034  4.589   -1.737  1.00 27.10 ? 33  C   B N3    1 
ATOM   658  C C4    . C   B 1 10 ? -1.210  3.501   -2.491  1.00 29.73 ? 33  C   B C4    1 
ATOM   659  N N4    . C   B 1 10 ? -1.117  2.303   -1.893  1.00 27.52 ? 33  C   B N4    1 
ATOM   660  C C5    . C   B 1 10 ? -1.492  3.591   -3.890  1.00 28.72 ? 33  C   B C5    1 
ATOM   661  C C6    . C   B 1 10 ? -1.591  4.817   -4.422  1.00 30.11 ? 33  C   B C6    1 
ATOM   662  P P     . G   B 1 11 ? 2.151   8.092   -7.126  1.00 33.69 ? 34  G   B P     1 
ATOM   663  O OP1   . G   B 1 11 ? 2.657   9.094   -8.105  1.00 35.11 ? 34  G   B OP1   1 
ATOM   664  O OP2   . G   B 1 11 ? 2.393   6.649   -7.356  1.00 31.60 ? 34  G   B OP2   1 
ATOM   665  O "O5'" . G   B 1 11 ? 2.714   8.507   -5.695  1.00 29.73 ? 34  G   B "O5'" 1 
ATOM   666  C "C5'" . G   B 1 11 ? 3.666   7.708   -5.008  1.00 28.77 ? 34  G   B "C5'" 1 
ATOM   667  C "C4'" . G   B 1 11 ? 3.647   8.055   -3.538  1.00 28.04 ? 34  G   B "C4'" 1 
ATOM   668  O "O4'" . G   B 1 11 ? 2.391   7.605   -2.952  1.00 28.90 ? 34  G   B "O4'" 1 
ATOM   669  C "C3'" . G   B 1 11 ? 4.704   7.377   -2.683  1.00 28.07 ? 34  G   B "C3'" 1 
ATOM   670  O "O3'" . G   B 1 11 ? 5.939   8.067   -2.778  1.00 28.80 ? 34  G   B "O3'" 1 
ATOM   671  C "C2'" . G   B 1 11 ? 4.074   7.470   -1.301  1.00 25.44 ? 34  G   B "C2'" 1 
ATOM   672  O "O2'" . G   B 1 11 ? 4.141   8.771   -0.736  1.00 26.57 ? 34  G   B "O2'" 1 
ATOM   673  C "C1'" . G   B 1 11 ? 2.622   7.133   -1.632  1.00 24.81 ? 34  G   B "C1'" 1 
ATOM   674  N N9    . G   B 1 11 ? 2.377   5.695   -1.610  1.00 26.67 ? 34  G   B N9    1 
ATOM   675  C C8    . G   B 1 11 ? 2.120   4.871   -2.683  1.00 26.33 ? 34  G   B C8    1 
ATOM   676  N N7    . G   B 1 11 ? 1.947   3.625   -2.340  1.00 27.30 ? 34  G   B N7    1 
ATOM   677  C C5    . G   B 1 11 ? 2.099   3.625   -0.958  1.00 25.81 ? 34  G   B C5    1 
ATOM   678  C C6    . G   B 1 11 ? 2.008   2.563   -0.023  1.00 25.68 ? 34  G   B C6    1 
ATOM   679  O O6    . G   B 1 11 ? 1.762   1.370   -0.233  1.00 26.88 ? 34  G   B O6    1 
ATOM   680  N N1    . G   B 1 11 ? 2.234   3.007   1.276   1.00 24.70 ? 34  G   B N1    1 
ATOM   681  C C2    . G   B 1 11 ? 2.511   4.304   1.632   1.00 24.54 ? 34  G   B C2    1 
ATOM   682  N N2    . G   B 1 11 ? 2.724   4.536   2.937   1.00 24.17 ? 34  G   B N2    1 
ATOM   683  N N3    . G   B 1 11 ? 2.583   5.304   0.772   1.00 25.25 ? 34  G   B N3    1 
ATOM   684  C C4    . G   B 1 11 ? 2.368   4.894   -0.496  1.00 26.52 ? 34  G   B C4    1 
ATOM   685  P P     . G   B 1 12 ? 7.323   7.244   -2.689  1.00 28.81 ? 35  G   B P     1 
ATOM   686  O OP1   . G   B 1 12 ? 8.402   8.215   -2.945  1.00 28.51 ? 35  G   B OP1   1 
ATOM   687  O OP2   . G   B 1 12 ? 7.232   6.009   -3.510  1.00 29.62 ? 35  G   B OP2   1 
ATOM   688  O "O5'" . G   B 1 12 ? 7.409   6.821   -1.154  1.00 30.18 ? 35  G   B "O5'" 1 
ATOM   689  C "C5'" . G   B 1 12 ? 7.402   7.810   -0.135  1.00 29.11 ? 35  G   B "C5'" 1 
ATOM   690  C "C4'" . G   B 1 12 ? 7.267   7.171   1.224   1.00 26.65 ? 35  G   B "C4'" 1 
ATOM   691  O "O4'" . G   B 1 12 ? 5.999   6.463   1.306   1.00 27.99 ? 35  G   B "O4'" 1 
ATOM   692  C "C3'" . G   B 1 12 ? 8.297   6.103   1.561   1.00 25.59 ? 35  G   B "C3'" 1 
ATOM   693  O "O3'" . G   B 1 12 ? 9.491   6.702   2.027   1.00 25.83 ? 35  G   B "O3'" 1 
ATOM   694  C "C2'" . G   B 1 12 ? 7.578   5.331   2.656   1.00 23.58 ? 35  G   B "C2'" 1 
ATOM   695  O "O2'" . G   B 1 12 ? 7.571   6.065   3.866   1.00 25.41 ? 35  G   B "O2'" 1 
ATOM   696  C "C1'" . G   B 1 12 ? 6.155   5.298   2.099   1.00 25.94 ? 35  G   B "C1'" 1 
ATOM   697  N N9    . G   B 1 12 ? 5.871   4.144   1.252   1.00 26.37 ? 35  G   B N9    1 
ATOM   698  C C8    . G   B 1 12 ? 5.738   4.138   -0.116  1.00 26.36 ? 35  G   B C8    1 
ATOM   699  N N7    . G   B 1 12 ? 5.429   2.965   -0.595  1.00 25.43 ? 35  G   B N7    1 
ATOM   700  C C5    . G   B 1 12 ? 5.366   2.143   0.521   1.00 25.20 ? 35  G   B C5    1 
ATOM   701  C C6    . G   B 1 12 ? 5.063   0.758   0.628   1.00 26.15 ? 35  G   B C6    1 
ATOM   702  O O6    . G   B 1 12 ? 4.761   -0.046  -0.275  1.00 23.42 ? 35  G   B O6    1 
ATOM   703  N N1    . G   B 1 12 ? 5.125   0.324   1.948   1.00 25.56 ? 35  G   B N1    1 
ATOM   704  C C2    . G   B 1 12 ? 5.428   1.120   3.024   1.00 25.24 ? 35  G   B C2    1 
ATOM   705  N N2    . G   B 1 12 ? 5.431   0.523   4.223   1.00 26.65 ? 35  G   B N2    1 
ATOM   706  N N3    . G   B 1 12 ? 5.705   2.411   2.939   1.00 26.44 ? 35  G   B N3    1 
ATOM   707  C C4    . G   B 1 12 ? 5.654   2.852   1.668   1.00 27.07 ? 35  G   B C4    1 
ATOM   708  P P     . U   B 1 13 ? 10.910  6.061   1.629   1.00 26.62 ? 36  U   B P     1 
ATOM   709  O OP1   . U   B 1 13 ? 11.936  7.059   1.972   1.00 24.36 ? 36  U   B OP1   1 
ATOM   710  O OP2   . U   B 1 13 ? 10.808  5.548   0.243   1.00 24.59 ? 36  U   B OP2   1 
ATOM   711  O "O5'" . U   B 1 13 ? 11.052  4.815   2.618   1.00 25.49 ? 36  U   B "O5'" 1 
ATOM   712  C "C5'" . U   B 1 13 ? 11.056  5.008   4.028   1.00 26.86 ? 36  U   B "C5'" 1 
ATOM   713  C "C4'" . U   B 1 13 ? 10.794  3.702   4.748   1.00 24.54 ? 36  U   B "C4'" 1 
ATOM   714  O "O4'" . U   B 1 13 ? 9.468   3.212   4.402   1.00 24.67 ? 36  U   B "O4'" 1 
ATOM   715  C "C3'" . U   B 1 13 ? 11.699  2.521   4.413   1.00 26.87 ? 36  U   B "C3'" 1 
ATOM   716  O "O3'" . U   B 1 13 ? 12.938  2.572   5.113   1.00 26.92 ? 36  U   B "O3'" 1 
ATOM   717  C "C2'" . U   B 1 13 ? 10.845  1.363   4.902   1.00 26.38 ? 36  U   B "C2'" 1 
ATOM   718  O "O2'" . U   B 1 13 ? 10.816  1.346   6.319   1.00 29.01 ? 36  U   B "O2'" 1 
ATOM   719  C "C1'" . U   B 1 13 ? 9.466   1.797   4.407   1.00 26.22 ? 36  U   B "C1'" 1 
ATOM   720  N N1    . U   B 1 13 ? 9.138   1.325   3.053   1.00 25.74 ? 36  U   B N1    1 
ATOM   721  C C2    . U   B 1 13 ? 8.737   0.014   2.927   1.00 25.60 ? 36  U   B C2    1 
ATOM   722  O O2    . U   B 1 13 ? 8.698   -0.753  3.872   1.00 23.16 ? 36  U   B O2    1 
ATOM   723  N N3    . U   B 1 13 ? 8.388   -0.372  1.652   1.00 25.75 ? 36  U   B N3    1 
ATOM   724  C C4    . U   B 1 13 ? 8.409   0.406   0.515   1.00 26.50 ? 36  U   B C4    1 
ATOM   725  O O4    . U   B 1 13 ? 7.949   -0.048  -0.539  1.00 24.89 ? 36  U   B O4    1 
ATOM   726  C C5    . U   B 1 13 ? 8.868   1.747   0.723   1.00 26.21 ? 36  U   B C5    1 
ATOM   727  C C6    . U   B 1 13 ? 9.210   2.151   1.957   1.00 27.40 ? 36  U   B C6    1 
ATOM   728  P P     . G   B 1 14 ? 14.196  1.738   4.550   1.00 26.56 ? 37  G   B P     1 
ATOM   729  O OP1   . G   B 1 14 ? 15.350  2.118   5.399   1.00 27.89 ? 37  G   B OP1   1 
ATOM   730  O OP2   . G   B 1 14 ? 14.270  1.939   3.080   1.00 25.26 ? 37  G   B OP2   1 
ATOM   731  O "O5'" . G   B 1 14 ? 13.785  0.222   4.795   1.00 25.07 ? 37  G   B "O5'" 1 
ATOM   732  C "C5'" . G   B 1 14 ? 13.590  -0.284  6.108   1.00 26.87 ? 37  G   B "C5'" 1 
ATOM   733  C "C4'" . G   B 1 14 ? 13.305  -1.764  6.059   1.00 26.14 ? 37  G   B "C4'" 1 
ATOM   734  O "O4'" . G   B 1 14 ? 11.969  -2.013  5.555   1.00 24.38 ? 37  G   B "O4'" 1 
ATOM   735  C "C3'" . G   B 1 14 ? 14.211  -2.572  5.149   1.00 29.25 ? 37  G   B "C3'" 1 
ATOM   736  O "O3'" . G   B 1 14 ? 15.420  -2.870  5.832   1.00 29.40 ? 37  G   B "O3'" 1 
ATOM   737  C "C2'" . G   B 1 14 ? 13.362  -3.806  4.868   1.00 25.15 ? 37  G   B "C2'" 1 
ATOM   738  O "O2'" . G   B 1 14 ? 13.347  -4.732  5.941   1.00 28.03 ? 37  G   B "O2'" 1 
ATOM   739  C "C1'" . G   B 1 14 ? 11.975  -3.183  4.747   1.00 27.51 ? 37  G   B "C1'" 1 
ATOM   740  N N9    . G   B 1 14 ? 11.663  -2.798  3.376   1.00 25.38 ? 37  G   B N9    1 
ATOM   741  C C8    . G   B 1 14 ? 11.871  -1.574  2.786   1.00 26.29 ? 37  G   B C8    1 
ATOM   742  N N7    . G   B 1 14 ? 11.478  -1.533  1.541   1.00 24.84 ? 37  G   B N7    1 
ATOM   743  C C5    . G   B 1 14 ? 10.984  -2.806  1.295   1.00 25.55 ? 37  G   B C5    1 
ATOM   744  C C6    . G   B 1 14 ? 10.414  -3.358  0.121   1.00 26.78 ? 37  G   B C6    1 
ATOM   745  O O6    . G   B 1 14 ? 10.195  -2.801  -0.966  1.00 28.91 ? 37  G   B O6    1 
ATOM   746  N N1    . G   B 1 14 ? 10.070  -4.694  0.301   1.00 25.99 ? 37  G   B N1    1 
ATOM   747  C C2    . G   B 1 14 ? 10.239  -5.402  1.470   1.00 26.13 ? 37  G   B C2    1 
ATOM   748  N N2    . G   B 1 14 ? 9.856   -6.681  1.453   1.00 23.45 ? 37  G   B N2    1 
ATOM   749  N N3    . G   B 1 14 ? 10.748  -4.888  2.576   1.00 27.36 ? 37  G   B N3    1 
ATOM   750  C C4    . G   B 1 14 ? 11.100  -3.600  2.417   1.00 25.92 ? 37  G   B C4    1 
ATOM   751  P P     . A   B 1 15 ? 16.745  -3.207  4.999   1.00 33.13 ? 38  A   B P     1 
ATOM   752  O OP1   . A   B 1 15 ? 17.898  -2.697  5.775   1.00 35.97 ? 38  A   B OP1   1 
ATOM   753  O OP2   . A   B 1 15 ? 16.587  -2.796  3.587   1.00 35.23 ? 38  A   B OP2   1 
ATOM   754  O "O5'" . A   B 1 15 ? 16.792  -4.792  5.090   1.00 35.07 ? 38  A   B "O5'" 1 
ATOM   755  C "C5'" . A   B 1 15 ? 16.788  -5.585  3.925   1.00 31.32 ? 38  A   B "C5'" 1 
ATOM   756  C "C4'" . A   B 1 15 ? 18.170  -6.124  3.687   1.00 28.82 ? 38  A   B "C4'" 1 
ATOM   757  O "O4'" . A   B 1 15 ? 18.572  -6.964  4.799   1.00 31.61 ? 38  A   B "O4'" 1 
ATOM   758  C "C3'" . A   B 1 15 ? 18.302  -7.017  2.478   1.00 28.47 ? 38  A   B "C3'" 1 
ATOM   759  O "O3'" . A   B 1 15 ? 18.459  -6.191  1.338   1.00 27.05 ? 38  A   B "O3'" 1 
ATOM   760  C "C2'" . A   B 1 15 ? 19.555  -7.819  2.810   1.00 28.08 ? 38  A   B "C2'" 1 
ATOM   761  O "O2'" . A   B 1 15 ? 20.731  -7.083  2.561   1.00 26.56 ? 38  A   B "O2'" 1 
ATOM   762  C "C1'" . A   B 1 15 ? 19.404  -8.005  4.323   1.00 28.05 ? 38  A   B "C1'" 1 
ATOM   763  N N9    . A   B 1 15 ? 18.812  -9.275  4.732   1.00 28.69 ? 38  A   B N9    1 
ATOM   764  C C8    . A   B 1 15 ? 17.491  -9.560  4.977   1.00 28.21 ? 38  A   B C8    1 
ATOM   765  N N7    . A   B 1 15 ? 17.288  -10.786 5.397   1.00 29.95 ? 38  A   B N7    1 
ATOM   766  C C5    . A   B 1 15 ? 18.557  -11.349 5.412   1.00 27.30 ? 38  A   B C5    1 
ATOM   767  C C6    . A   B 1 15 ? 19.024  -12.629 5.768   1.00 26.31 ? 38  A   B C6    1 
ATOM   768  N N6    . A   B 1 15 ? 18.236  -13.616 6.203   1.00 25.21 ? 38  A   B N6    1 
ATOM   769  N N1    . A   B 1 15 ? 20.350  -12.861 5.664   1.00 24.44 ? 38  A   B N1    1 
ATOM   770  C C2    . A   B 1 15 ? 21.142  -11.877 5.229   1.00 26.92 ? 38  A   B C2    1 
ATOM   771  N N3    . A   B 1 15 ? 20.822  -10.638 4.864   1.00 27.34 ? 38  A   B N3    1 
ATOM   772  C C4    . A   B 1 15 ? 19.500  -10.436 4.986   1.00 26.51 ? 38  A   B C4    1 
ATOM   773  P P     . A   B 1 16 ? 17.625  -6.517  0.015   1.00 27.74 ? 39  A   B P     1 
ATOM   774  O OP1   . A   B 1 16 ? 17.550  -5.264  -0.782  1.00 27.52 ? 39  A   B OP1   1 
ATOM   775  O OP2   . A   B 1 16 ? 16.386  -7.234  0.390   1.00 28.46 ? 39  A   B OP2   1 
ATOM   776  O "O5'" . A   B 1 16 ? 18.553  -7.549  -0.760  1.00 26.16 ? 39  A   B "O5'" 1 
ATOM   777  C "C5'" . A   B 1 16 ? 19.882  -7.208  -1.128  1.00 22.56 ? 39  A   B "C5'" 1 
ATOM   778  C "C4'" . A   B 1 16 ? 20.663  -8.473  -1.364  1.00 24.11 ? 39  A   B "C4'" 1 
ATOM   779  O "O4'" . A   B 1 16 ? 20.619  -9.240  -0.136  1.00 26.34 ? 39  A   B "O4'" 1 
ATOM   780  C "C3'" . A   B 1 16 ? 20.038  -9.377  -2.418  1.00 24.66 ? 39  A   B "C3'" 1 
ATOM   781  O "O3'" . A   B 1 16 ? 20.618  -9.098  -3.693  1.00 26.86 ? 39  A   B "O3'" 1 
ATOM   782  C "C2'" . A   B 1 16 ? 20.472  -10.769 -1.959  1.00 25.69 ? 39  A   B "C2'" 1 
ATOM   783  O "O2'" . A   B 1 16 ? 21.768  -11.088 -2.413  1.00 27.02 ? 39  A   B "O2'" 1 
ATOM   784  C "C1'" . A   B 1 16 ? 20.486  -10.616 -0.438  1.00 25.59 ? 39  A   B "C1'" 1 
ATOM   785  N N9    . A   B 1 16 ? 19.306  -11.144 0.250   1.00 25.04 ? 39  A   B N9    1 
ATOM   786  C C8    . A   B 1 16 ? 17.988  -10.806 0.105   1.00 24.55 ? 39  A   B C8    1 
ATOM   787  N N7    . A   B 1 16 ? 17.178  -11.487 0.884   1.00 27.31 ? 39  A   B N7    1 
ATOM   788  C C5    . A   B 1 16 ? 18.025  -12.334 1.588   1.00 26.40 ? 39  A   B C5    1 
ATOM   789  C C6    . A   B 1 16 ? 17.790  -13.313 2.580   1.00 25.68 ? 39  A   B C6    1 
ATOM   790  N N6    . A   B 1 16 ? 16.578  -13.633 3.051   1.00 25.91 ? 39  A   B N6    1 
ATOM   791  N N1    . A   B 1 16 ? 18.864  -13.967 3.081   1.00 24.54 ? 39  A   B N1    1 
ATOM   792  C C2    . A   B 1 16 ? 20.079  -13.668 2.605   1.00 24.50 ? 39  A   B C2    1 
ATOM   793  N N3    . A   B 1 16 ? 20.424  -12.778 1.671   1.00 25.65 ? 39  A   B N3    1 
ATOM   794  C C4    . A   B 1 16 ? 19.338  -12.135 1.204   1.00 25.98 ? 39  A   B C4    1 
ATOM   795  P P     . G   B 1 17 ? 19.780  -8.289  -4.818  1.00 29.73 ? 40  G   B P     1 
ATOM   796  O OP1   . G   B 1 17 ? 20.771  -7.979  -5.871  1.00 27.63 ? 40  G   B OP1   1 
ATOM   797  O OP2   . G   B 1 17 ? 19.050  -7.175  -4.155  1.00 29.61 ? 40  G   B OP2   1 
ATOM   798  O "O5'" . G   B 1 17 ? 18.705  -9.324  -5.367  1.00 29.55 ? 40  G   B "O5'" 1 
ATOM   799  C "C5'" . G   B 1 17 ? 19.087  -10.610 -5.851  1.00 28.52 ? 40  G   B "C5'" 1 
ATOM   800  C "C4'" . G   B 1 17 ? 17.931  -11.249 -6.586  1.00 28.29 ? 40  G   B "C4'" 1 
ATOM   801  O "O4'" . G   B 1 17 ? 16.768  -11.266 -5.709  1.00 28.91 ? 40  G   B "O4'" 1 
ATOM   802  C "C3'" . G   B 1 17 ? 17.450  -10.515 -7.831  1.00 28.53 ? 40  G   B "C3'" 1 
ATOM   803  O "O3'" . G   B 1 17 ? 18.170  -10.918 -8.992  1.00 30.35 ? 40  G   B "O3'" 1 
ATOM   804  C "C2'" . G   B 1 17 ? 16.003  -10.973 -7.911  1.00 30.04 ? 40  G   B "C2'" 1 
ATOM   805  O "O2'" . G   B 1 17 ? 15.907  -12.310 -8.368  1.00 31.49 ? 40  G   B "O2'" 1 
ATOM   806  C "C1'" . G   B 1 17 ? 15.602  -10.905 -6.438  1.00 28.05 ? 40  G   B "C1'" 1 
ATOM   807  N N9    . G   B 1 17 ? 15.254  -9.535  -6.066  1.00 29.68 ? 40  G   B N9    1 
ATOM   808  C C8    . G   B 1 17 ? 15.807  -8.794  -5.047  1.00 28.86 ? 40  G   B C8    1 
ATOM   809  N N7    . G   B 1 17 ? 15.359  -7.566  -5.008  1.00 27.77 ? 40  G   B N7    1 
ATOM   810  C C5    . G   B 1 17 ? 14.448  -7.496  -6.052  1.00 28.54 ? 40  G   B C5    1 
ATOM   811  C C6    . G   B 1 17 ? 13.672  -6.402  -6.520  1.00 27.32 ? 40  G   B C6    1 
ATOM   812  O O6    . G   B 1 17 ? 13.667  -5.231  -6.114  1.00 27.50 ? 40  G   B O6    1 
ATOM   813  N N1    . G   B 1 17 ? 12.856  -6.774  -7.585  1.00 30.35 ? 40  G   B N1    1 
ATOM   814  C C2    . G   B 1 17 ? 12.813  -8.031  -8.142  1.00 29.60 ? 40  G   B C2    1 
ATOM   815  N N2    . G   B 1 17 ? 11.950  -8.202  -9.152  1.00 31.63 ? 40  G   B N2    1 
ATOM   816  N N3    . G   B 1 17 ? 13.556  -9.045  -7.738  1.00 29.65 ? 40  G   B N3    1 
ATOM   817  C C4    . G   B 1 17 ? 14.345  -8.710  -6.696  1.00 27.36 ? 40  G   B C4    1 
ATOM   818  P P     . U   B 1 18 ? 18.435  -9.858  -10.184 1.00 28.91 ? 41  U   B P     1 
ATOM   819  O OP1   . U   B 1 18 ? 19.208  -10.577 -11.233 1.00 29.30 ? 41  U   B OP1   1 
ATOM   820  O OP2   . U   B 1 18 ? 18.982  -8.609  -9.608  1.00 27.48 ? 41  U   B OP2   1 
ATOM   821  O "O5'" . U   B 1 18 ? 16.993  -9.508  -10.762 1.00 27.75 ? 41  U   B "O5'" 1 
ATOM   822  C "C5'" . U   B 1 18 ? 16.222  -10.466 -11.480 1.00 25.54 ? 41  U   B "C5'" 1 
ATOM   823  C "C4'" . U   B 1 18 ? 15.159  -9.769  -12.301 1.00 30.73 ? 41  U   B "C4'" 1 
ATOM   824  O "O4'" . U   B 1 18 ? 14.227  -9.079  -11.421 1.00 31.10 ? 41  U   B "O4'" 1 
ATOM   825  C "C3'" . U   B 1 18 ? 15.661  -8.666  -13.220 1.00 29.91 ? 41  U   B "C3'" 1 
ATOM   826  O "O3'" . U   B 1 18 ? 16.200  -9.211  -14.415 1.00 31.40 ? 41  U   B "O3'" 1 
ATOM   827  C "C2'" . U   B 1 18 ? 14.390  -7.862  -13.443 1.00 30.30 ? 41  U   B "C2'" 1 
ATOM   828  O "O2'" . U   B 1 18 ? 13.496  -8.510  -14.316 1.00 28.47 ? 41  U   B "O2'" 1 
ATOM   829  C "C1'" . U   B 1 18 ? 13.781  -7.887  -12.040 1.00 31.41 ? 41  U   B "C1'" 1 
ATOM   830  N N1    . U   B 1 18 ? 14.185  -6.736  -11.218 1.00 30.65 ? 41  U   B N1    1 
ATOM   831  C C2    . U   B 1 18 ? 13.600  -5.521  -11.520 1.00 30.11 ? 41  U   B C2    1 
ATOM   832  O O2    . U   B 1 18 ? 12.789  -5.381  -12.423 1.00 32.22 ? 41  U   B O2    1 
ATOM   833  N N3    . U   B 1 18 ? 14.003  -4.473  -10.736 1.00 29.14 ? 41  U   B N3    1 
ATOM   834  C C4    . U   B 1 18 ? 14.925  -4.507  -9.705  1.00 31.05 ? 41  U   B C4    1 
ATOM   835  O O4    . U   B 1 18 ? 15.194  -3.465  -9.108  1.00 30.41 ? 41  U   B O4    1 
ATOM   836  C C5    . U   B 1 18 ? 15.496  -5.801  -9.450  1.00 28.51 ? 41  U   B C5    1 
ATOM   837  C C6    . U   B 1 18 ? 15.110  -6.848  -10.197 1.00 31.25 ? 41  U   B C6    1 
ATOM   838  P P     . C   B 1 19 ? 17.307  -8.388  -15.249 1.00 32.65 ? 42  C   B P     1 
ATOM   839  O OP1   . C   B 1 19 ? 17.775  -9.319  -16.303 1.00 34.62 ? 42  C   B OP1   1 
ATOM   840  O OP2   . C   B 1 19 ? 18.290  -7.750  -14.338 1.00 32.81 ? 42  C   B OP2   1 
ATOM   841  O "O5'" . C   B 1 19 ? 16.470  -7.230  -15.949 1.00 31.63 ? 42  C   B "O5'" 1 
ATOM   842  C "C5'" . C   B 1 19 ? 15.442  -7.541  -16.882 1.00 33.75 ? 42  C   B "C5'" 1 
ATOM   843  C "C4'" . C   B 1 19 ? 14.623  -6.309  -17.182 1.00 34.62 ? 42  C   B "C4'" 1 
ATOM   844  O "O4'" . C   B 1 19 ? 13.995  -5.841  -15.957 1.00 35.45 ? 42  C   B "O4'" 1 
ATOM   845  C "C3'" . C   B 1 19 ? 15.390  -5.087  -17.666 1.00 33.33 ? 42  C   B "C3'" 1 
ATOM   846  O "O3'" . C   B 1 19 ? 15.665  -5.155  -19.057 1.00 33.98 ? 42  C   B "O3'" 1 
ATOM   847  C "C2'" . C   B 1 19 ? 14.402  -3.976  -17.355 1.00 33.16 ? 42  C   B "C2'" 1 
ATOM   848  O "O2'" . C   B 1 19 ? 13.326  -3.980  -18.276 1.00 32.49 ? 42  C   B "O2'" 1 
ATOM   849  C "C1'" . C   B 1 19 ? 13.885  -4.426  -15.987 1.00 34.36 ? 42  C   B "C1'" 1 
ATOM   850  N N1    . C   B 1 19 ? 14.660  -3.875  -14.864 1.00 33.07 ? 42  C   B N1    1 
ATOM   851  C C2    . C   B 1 19 ? 14.416  -2.557  -14.458 1.00 35.34 ? 42  C   B C2    1 
ATOM   852  O O2    . C   B 1 19 ? 13.578  -1.888  -15.074 1.00 33.28 ? 42  C   B O2    1 
ATOM   853  N N3    . C   B 1 19 ? 15.108  -2.048  -13.411 1.00 34.13 ? 42  C   B N3    1 
ATOM   854  C C4    . C   B 1 19 ? 16.018  -2.801  -12.785 1.00 35.11 ? 42  C   B C4    1 
ATOM   855  N N4    . C   B 1 19 ? 16.676  -2.262  -11.756 1.00 32.57 ? 42  C   B N4    1 
ATOM   856  C C5    . C   B 1 19 ? 16.295  -4.138  -13.187 1.00 34.00 ? 42  C   B C5    1 
ATOM   857  C C6    . C   B 1 19 ? 15.598  -4.631  -14.220 1.00 36.34 ? 42  C   B C6    1 
ATOM   858  P P     . G   B 1 20 ? 16.865  -4.274  -19.668 1.00 33.42 ? 43  G   B P     1 
ATOM   859  O OP1   . G   B 1 20 ? 17.023  -4.661  -21.090 1.00 37.16 ? 43  G   B OP1   1 
ATOM   860  O OP2   . G   B 1 20 ? 18.028  -4.380  -18.755 1.00 36.60 ? 43  G   B OP2   1 
ATOM   861  O "O5'" . G   B 1 20 ? 16.335  -2.776  -19.577 1.00 34.83 ? 43  G   B "O5'" 1 
ATOM   862  C "C5'" . G   B 1 20 ? 15.222  -2.336  -20.344 1.00 37.27 ? 43  G   B "C5'" 1 
ATOM   863  C "C4'" . G   B 1 20 ? 15.010  -0.855  -20.136 1.00 37.81 ? 43  G   B "C4'" 1 
ATOM   864  O "O4'" . G   B 1 20 ? 14.646  -0.611  -18.750 1.00 37.97 ? 43  G   B "O4'" 1 
ATOM   865  C "C3'" . G   B 1 20 ? 16.250  -0.004  -20.344 1.00 38.93 ? 43  G   B "C3'" 1 
ATOM   866  O "O3'" . G   B 1 20 ? 16.431  0.313   -21.718 1.00 40.01 ? 43  G   B "O3'" 1 
ATOM   867  C "C2'" . G   B 1 20 ? 15.944  1.232   -19.509 1.00 39.12 ? 43  G   B "C2'" 1 
ATOM   868  O "O2'" . G   B 1 20 ? 15.090  2.137   -20.173 1.00 41.85 ? 43  G   B "O2'" 1 
ATOM   869  C "C1'" . G   B 1 20 ? 15.213  0.614   -18.315 1.00 38.93 ? 43  G   B "C1'" 1 
ATOM   870  N N9    . G   B 1 20 ? 16.089  0.335   -17.179 1.00 37.69 ? 43  G   B N9    1 
ATOM   871  C C8    . G   B 1 20 ? 16.582  -0.888  -16.792 1.00 37.16 ? 43  G   B C8    1 
ATOM   872  N N7    . G   B 1 20 ? 17.320  -0.824  -15.717 1.00 36.30 ? 43  G   B N7    1 
ATOM   873  C C5    . G   B 1 20 ? 17.316  0.521   -15.376 1.00 36.88 ? 43  G   B C5    1 
ATOM   874  C C6    . G   B 1 20 ? 17.938  1.198   -14.295 1.00 37.02 ? 43  G   B C6    1 
ATOM   875  O O6    . G   B 1 20 ? 18.630  0.728   -13.387 1.00 37.84 ? 43  G   B O6    1 
ATOM   876  N N1    . G   B 1 20 ? 17.682  2.564   -14.333 1.00 36.86 ? 43  G   B N1    1 
ATOM   877  C C2    . G   B 1 20 ? 16.925  3.198   -15.285 1.00 38.88 ? 43  G   B C2    1 
ATOM   878  N N2    . G   B 1 20 ? 16.796  4.524   -15.153 1.00 39.17 ? 43  G   B N2    1 
ATOM   879  N N3    . G   B 1 20 ? 16.336  2.578   -16.292 1.00 38.20 ? 43  G   B N3    1 
ATOM   880  C C4    . G   B 1 20 ? 16.570  1.251   -16.276 1.00 36.43 ? 43  G   B C4    1 
ATOM   881  P P     . C   B 1 21 ? 17.917  0.472   -22.304 1.00 41.48 ? 44  C   B P     1 
ATOM   882  O OP1   . C   B 1 21 ? 17.794  0.569   -23.783 1.00 44.40 ? 44  C   B OP1   1 
ATOM   883  O OP2   . C   B 1 21 ? 18.774  -0.583  -21.710 1.00 41.86 ? 44  C   B OP2   1 
ATOM   884  O "O5'" . C   B 1 21 ? 18.404  1.877   -21.730 1.00 43.13 ? 44  C   B "O5'" 1 
ATOM   885  C "C5'" . C   B 1 21 ? 17.698  3.077   -22.030 1.00 45.63 ? 44  C   B "C5'" 1 
ATOM   886  C "C4'" . C   B 1 21 ? 18.220  4.219   -21.188 1.00 45.51 ? 44  C   B "C4'" 1 
ATOM   887  O "O4'" . C   B 1 21 ? 17.919  3.982   -19.790 1.00 47.27 ? 44  C   B "O4'" 1 
ATOM   888  C "C3'" . C   B 1 21 ? 19.726  4.424   -21.186 1.00 46.90 ? 44  C   B "C3'" 1 
ATOM   889  O "O3'" . C   B 1 21 ? 20.247  5.022   -22.377 1.00 46.57 ? 44  C   B "O3'" 1 
ATOM   890  C "C2'" . C   B 1 21 ? 19.929  5.251   -19.924 1.00 46.53 ? 44  C   B "C2'" 1 
ATOM   891  O "O2'" . C   B 1 21 ? 19.605  6.614   -20.120 1.00 48.45 ? 44  C   B "O2'" 1 
ATOM   892  C "C1'" . C   B 1 21 ? 18.900  4.618   -18.982 1.00 47.04 ? 44  C   B "C1'" 1 
ATOM   893  N N1    . C   B 1 21 ? 19.486  3.617   -18.077 1.00 46.98 ? 44  C   B N1    1 
ATOM   894  C C2    . C   B 1 21 ? 20.048  4.051   -16.873 1.00 46.64 ? 44  C   B C2    1 
ATOM   895  O O2    . C   B 1 21 ? 20.030  5.265   -16.605 1.00 47.35 ? 44  C   B O2    1 
ATOM   896  N N3    . C   B 1 21 ? 20.595  3.142   -16.032 1.00 46.36 ? 44  C   B N3    1 
ATOM   897  C C4    . C   B 1 21 ? 20.593  1.847   -16.360 1.00 46.68 ? 44  C   B C4    1 
ATOM   898  N N4    . C   B 1 21 ? 21.145  0.984   -15.503 1.00 45.81 ? 44  C   B N4    1 
ATOM   899  C C5    . C   B 1 21 ? 20.025  1.379   -17.580 1.00 46.25 ? 44  C   B C5    1 
ATOM   900  C C6    . C   B 1 21 ? 19.487  2.289   -18.401 1.00 46.19 ? 44  C   B C6    1 
HETATM 901  C C11   . LHA C 2 .  ? -14.562 1.937   1.774   1.00 29.61 ? 51  LHA A C11   1 
HETATM 902  O O11   . LHA C 2 .  ? -15.788 1.886   2.190   1.00 30.57 ? 51  LHA A O11   1 
HETATM 903  C C21   . LHA C 2 .  ? -14.167 3.378   1.232   1.00 28.83 ? 51  LHA A C21   1 
HETATM 904  N N21   . LHA C 2 .  ? -14.452 4.368   2.206   1.00 24.31 ? 51  LHA A N21   1 
HETATM 905  C C31   . LHA C 2 .  ? -14.906 3.653   -0.144  1.00 27.92 ? 51  LHA A C31   1 
HETATM 906  O O31   . LHA C 2 .  ? -14.504 4.913   -0.580  1.00 29.38 ? 51  LHA A O31   1 
HETATM 907  C C41   . LHA C 2 .  ? -14.538 2.491   -1.184  1.00 29.69 ? 51  LHA A C41   1 
HETATM 908  O O41   . LHA C 2 .  ? -15.235 2.749   -2.481  1.00 32.10 ? 51  LHA A O41   1 
HETATM 909  C C51   . LHA C 2 .  ? -15.019 1.079   -0.587  1.00 30.80 ? 51  LHA A C51   1 
HETATM 910  O O51   . LHA C 2 .  ? -14.286 0.915   0.706   1.00 29.45 ? 51  LHA A O51   1 
HETATM 911  C C61   . LHA C 2 .  ? -14.671 0.023   -1.520  1.00 26.39 ? 51  LHA A C61   1 
HETATM 912  O O61   . LHA C 2 .  ? -15.098 -1.073  -0.966  1.00 30.80 ? 51  LHA A O61   1 
HETATM 913  C C12   . LHA C 2 .  ? -18.121 -0.004  5.281   1.00 30.86 ? 51  LHA A C12   1 
HETATM 914  N N12   . LHA C 2 .  ? -18.663 -1.061  6.209   1.00 32.74 ? 51  LHA A N12   1 
HETATM 915  C C22   . LHA C 2 .  ? -18.307 -0.587  3.747   1.00 30.56 ? 51  LHA A C22   1 
HETATM 916  C C32   . LHA C 2 .  ? -17.784 0.515   2.706   1.00 29.96 ? 51  LHA A C32   1 
HETATM 917  N N32   . LHA C 2 .  ? -17.915 0.030   1.309   1.00 26.58 ? 51  LHA A N32   1 
HETATM 918  C C42   . LHA C 2 .  ? -16.196 0.909   3.069   1.00 30.93 ? 51  LHA A C42   1 
HETATM 919  C C52   . LHA C 2 .  ? -16.083 1.419   4.581   1.00 29.52 ? 51  LHA A C52   1 
HETATM 920  O O52   . LHA C 2 .  ? -14.671 1.719   4.826   1.00 29.76 ? 51  LHA A O52   1 
HETATM 921  C C62   . LHA C 2 .  ? -16.577 0.316   5.557   1.00 29.95 ? 51  LHA A C62   1 
HETATM 922  O O62   . LHA C 2 .  ? -16.459 0.805   6.870   1.00 28.02 ? 51  LHA A O62   1 
HETATM 923  C C13   . LHA C 2 .  ? -14.437 2.890   5.611   1.00 29.56 ? 51  LHA A C13   1 
HETATM 924  O O13   . LHA C 2 .  ? -13.580 3.773   4.838   1.00 28.15 ? 51  LHA A O13   1 
HETATM 925  C C23   . LHA C 2 .  ? -13.645 2.823   6.877   1.00 31.54 ? 51  LHA A C23   1 
HETATM 926  O O23   . LHA C 2 .  ? -13.869 4.002   7.682   1.00 37.02 ? 51  LHA A O23   1 
HETATM 927  C C33   . LHA C 2 .  ? -12.261 2.620   6.328   1.00 30.94 ? 51  LHA A C33   1 
HETATM 928  O O33   . LHA C 2 .  ? -11.236 2.563   7.226   1.00 32.00 ? 51  LHA A O33   1 
HETATM 929  C C43   . LHA C 2 .  ? -12.119 3.711   5.235   1.00 30.66 ? 51  LHA A C43   1 
HETATM 930  C C53   . LHA C 2 .  ? -11.178 3.357   3.951   1.00 30.12 ? 51  LHA A C53   1 
HETATM 931  O O53   . LHA C 2 .  ? -11.607 2.204   3.320   1.00 30.46 ? 51  LHA A O53   1 
HETATM 932  C C14   . LHA C 2 .  ? -10.344 1.481   7.243   1.00 29.52 ? 51  LHA A C14   1 
HETATM 933  C C24   . LHA C 2 .  ? -9.555  1.626   8.622   1.00 28.72 ? 51  LHA A C24   1 
HETATM 934  N N24   . LHA C 2 .  ? -8.942  2.990   8.660   1.00 28.26 ? 51  LHA A N24   1 
HETATM 935  C C34   . LHA C 2 .  ? -8.476  0.405   8.666   1.00 27.89 ? 51  LHA A C34   1 
HETATM 936  O O34   . LHA C 2 .  ? -9.240  -0.844  8.629   1.00 30.08 ? 51  LHA A O34   1 
HETATM 937  C C44   . LHA C 2 .  ? -7.449  0.527   7.349   1.00 28.29 ? 51  LHA A C44   1 
HETATM 938  O O44   . LHA C 2 .  ? -6.670  1.781   7.388   1.00 29.74 ? 51  LHA A O44   1 
HETATM 939  C C54   . LHA C 2 .  ? -8.361  0.446   5.962   1.00 29.88 ? 51  LHA A C54   1 
HETATM 940  O O54   . LHA C 2 .  ? -9.369  1.578   6.040   1.00 29.17 ? 51  LHA A O54   1 
HETATM 941  C C64   . LHA C 2 .  ? -7.422  0.609   4.717   1.00 30.43 ? 51  LHA A C64   1 
HETATM 942  N N64   . LHA C 2 .  ? -7.012  1.987   4.606   1.00 30.44 ? 51  LHA A N64   1 
HETATM 943  C C15   . LHA C 2 .  ? -14.565 3.979   8.917   1.00 44.65 ? 51  LHA A C15   1 
HETATM 944  C C25   . LHA C 2 .  ? -14.519 5.450   9.373   1.00 48.06 ? 51  LHA A C25   1 
HETATM 945  N N25   . LHA C 2 .  ? -15.268 6.362   8.458   1.00 53.85 ? 51  LHA A N25   1 
HETATM 946  C C35   . LHA C 2 .  ? -14.610 7.713   8.480   1.00 57.94 ? 51  LHA A C35   1 
HETATM 947  C C45   . LHA C 2 .  ? -15.652 8.874   8.498   1.00 61.27 ? 51  LHA A C45   1 
HETATM 948  C C16   . LHA C 2 .  ? -15.273 10.147  7.689   1.00 63.86 ? 51  LHA A C16   1 
HETATM 949  C C26   . LHA C 2 .  ? -14.434 11.218  8.326   1.00 64.73 ? 51  LHA A C26   1 
HETATM 950  C C36   . LHA C 2 .  ? -14.067 12.432  7.567   1.00 64.82 ? 51  LHA A C36   1 
HETATM 951  C C46   . LHA C 2 .  ? -14.531 12.608  6.162   1.00 65.04 ? 51  LHA A C46   1 
HETATM 952  C C56   . LHA C 2 .  ? -15.363 11.555  5.518   1.00 65.43 ? 51  LHA A C56   1 
HETATM 953  C C66   . LHA C 2 .  ? -15.736 10.323  6.282   1.00 64.98 ? 51  LHA A C66   1 
HETATM 954  C C17   . LHA C 2 .  ? -19.875 -0.828  6.741   1.00 36.21 ? 51  LHA A C17   1 
HETATM 955  O O17   . LHA C 2 .  ? -20.479 0.286   6.687   1.00 36.39 ? 51  LHA A O17   1 
HETATM 956  C C27   . LHA C 2 .  ? -20.462 -2.079  7.437   1.00 34.32 ? 51  LHA A C27   1 
HETATM 957  O O27   . LHA C 2 .  ? -19.748 -3.109  7.284   1.00 33.61 ? 51  LHA A O27   1 
HETATM 958  C C37   . LHA C 2 .  ? -20.631 -1.863  8.968   1.00 35.32 ? 51  LHA A C37   1 
HETATM 959  C C47   . LHA C 2 .  ? -21.824 -2.633  9.541   1.00 34.74 ? 51  LHA A C47   1 
HETATM 960  N N47   . LHA C 2 .  ? -21.911 -2.467  11.009  1.00 35.22 ? 51  LHA A N47   1 
HETATM 961  C C11   . LHA D 2 .  ? 14.197  -3.337  -1.929  1.00 22.86 ? 50  LHA B C11   1 
HETATM 962  O O11   . LHA D 2 .  ? 15.414  -3.523  -2.366  1.00 24.11 ? 50  LHA B O11   1 
HETATM 963  C C21   . LHA D 2 .  ? 14.182  -2.684  -0.482  1.00 25.00 ? 50  LHA B C21   1 
HETATM 964  N N21   . LHA D 2 .  ? 14.948  -1.493  -0.470  1.00 25.14 ? 50  LHA B N21   1 
HETATM 965  C C31   . LHA D 2 .  ? 14.710  -3.738  0.570   1.00 24.03 ? 50  LHA B C31   1 
HETATM 966  O O31   . LHA D 2 .  ? 14.654  -3.119  1.832   1.00 24.67 ? 50  LHA B O31   1 
HETATM 967  C C41   . LHA D 2 .  ? 13.809  -5.063  0.486   1.00 24.26 ? 50  LHA B C41   1 
HETATM 968  O O41   . LHA D 2 .  ? 14.311  -6.060  1.480   1.00 25.32 ? 50  LHA B O41   1 
HETATM 969  C C51   . LHA D 2 .  ? 13.915  -5.699  -0.998  1.00 24.47 ? 50  LHA B C51   1 
HETATM 970  O O51   . LHA D 2 .  ? 13.409  -4.612  -1.904  1.00 24.32 ? 50  LHA B O51   1 
HETATM 971  C C61   . LHA D 2 .  ? 13.076  -6.892  -1.073  1.00 24.22 ? 50  LHA B C61   1 
HETATM 972  O O61   . LHA D 2 .  ? 13.225  -7.377  -2.290  1.00 24.85 ? 50  LHA B O61   1 
HETATM 973  C C12   . LHA D 2 .  ? 17.543  -3.134  -6.093  1.00 26.34 ? 50  LHA B C12   1 
HETATM 974  N N12   . LHA D 2 .  ? 17.865  -3.274  -7.561  1.00 29.30 ? 50  LHA B N12   1 
HETATM 975  C C22   . LHA D 2 .  ? 17.325  -4.668  -5.507  1.00 23.68 ? 50  LHA B C22   1 
HETATM 976  C C32   . LHA D 2 .  ? 17.007  -4.580  -3.923  1.00 25.39 ? 50  LHA B C32   1 
HETATM 977  N N32   . LHA D 2 .  ? 16.796  -5.922  -3.320  1.00 21.23 ? 50  LHA B N32   1 
HETATM 978  C C42   . LHA D 2 .  ? 15.666  -3.605  -3.706  1.00 24.65 ? 50  LHA B C42   1 
HETATM 979  C C52   . LHA D 2 .  ? 15.931  -2.161  -4.331  1.00 25.87 ? 50  LHA B C52   1 
HETATM 980  O O52   . LHA D 2 .  ? 14.713  -1.381  -4.102  1.00 25.32 ? 50  LHA B O52   1 
HETATM 981  C C62   . LHA D 2 .  ? 16.223  -2.268  -5.848  1.00 26.19 ? 50  LHA B C62   1 
HETATM 982  O O62   . LHA D 2 .  ? 16.456  -0.950  -6.353  1.00 26.85 ? 50  LHA B O62   1 
HETATM 983  C C13   . LHA D 2 .  ? 14.927  -0.003  -3.776  1.00 27.26 ? 50  LHA B C13   1 
HETATM 984  O O13   . LHA D 2 .  ? 14.193  0.275   -2.546  1.00 30.33 ? 50  LHA B O13   1 
HETATM 985  C C23   . LHA D 2 .  ? 14.372  1.091   -4.644  1.00 28.94 ? 50  LHA B C23   1 
HETATM 986  O O23   . LHA D 2 .  ? 15.026  2.341   -4.380  1.00 33.25 ? 50  LHA B O23   1 
HETATM 987  C C33   . LHA D 2 .  ? 12.911  0.999   -4.315  1.00 29.97 ? 50  LHA B C33   1 
HETATM 988  O O33   . LHA D 2 .  ? 12.068  1.904   -4.896  1.00 29.50 ? 50  LHA B O33   1 
HETATM 989  C C43   . LHA D 2 .  ? 12.861  0.957   -2.767  1.00 28.65 ? 50  LHA B C43   1 
HETATM 990  C C53   . LHA D 2 .  ? 11.647  0.095   -2.095  1.00 27.19 ? 50  LHA B C53   1 
HETATM 991  O O53   . LHA D 2 .  ? 11.615  -1.197  -2.592  1.00 29.39 ? 50  LHA B O53   1 
HETATM 992  C C14   . LHA D 2 .  ? 10.912  1.457   -5.550  1.00 28.73 ? 50  LHA B C14   1 
HETATM 993  C C24   . LHA D 2 .  ? 10.469  2.671   -6.484  1.00 29.70 ? 50  LHA B C24   1 
HETATM 994  N N24   . LHA D 2 .  ? 10.315  3.885   -5.610  1.00 29.18 ? 50  LHA B N24   1 
HETATM 995  C C34   . LHA D 2 .  ? 9.112   2.193   -7.227  1.00 29.37 ? 50  LHA B C34   1 
HETATM 996  O O34   . LHA D 2 .  ? 9.441   1.024   -8.048  1.00 33.73 ? 50  LHA B O34   1 
HETATM 997  C C44   . LHA D 2 .  ? 7.939   1.816   -6.090  1.00 30.04 ? 50  LHA B C44   1 
HETATM 998  O O44   . LHA D 2 .  ? 7.602   2.995   -5.270  1.00 30.96 ? 50  LHA B O44   1 
HETATM 999  C C54   . LHA D 2 .  ? 8.514   0.594   -5.125  1.00 27.98 ? 50  LHA B C54   1 
HETATM 1000 O O54   . LHA D 2 .  ? 9.801   1.113   -4.513  1.00 27.81 ? 50  LHA B O54   1 
HETATM 1001 C C64   . LHA D 2 .  ? 7.442   0.238   -4.019  1.00 28.33 ? 50  LHA B C64   1 
HETATM 1002 N N64   . LHA D 2 .  ? 7.464   1.204   -2.948  1.00 26.12 ? 50  LHA B N64   1 
HETATM 1003 C C15   . LHA D 2 .  ? 16.108  2.827   -5.154  1.00 40.72 ? 50  LHA B C15   1 
HETATM 1004 C C25   . LHA D 2 .  ? 16.433  4.162   -4.473  1.00 45.17 ? 50  LHA B C25   1 
HETATM 1005 N N25   . LHA D 2 .  ? 17.194  3.975   -3.201  1.00 51.40 ? 50  LHA B N25   1 
HETATM 1006 C C35   . LHA D 2 .  ? 17.232  5.280   -2.452  1.00 54.87 ? 50  LHA B C35   1 
HETATM 1007 C C45   . LHA D 2 .  ? 18.668  5.891   -2.424  1.00 60.23 ? 50  LHA B C45   1 
HETATM 1008 C C16   . LHA D 2 .  ? 19.307  6.103   -1.019  1.00 62.50 ? 50  LHA B C16   1 
HETATM 1009 C C26   . LHA D 2 .  ? 19.099  7.402   -0.294  1.00 63.53 ? 50  LHA B C26   1 
HETATM 1010 C C36   . LHA D 2 .  ? 19.702  7.617   1.040   1.00 64.10 ? 50  LHA B C36   1 
HETATM 1011 C C46   . LHA D 2 .  ? 20.528  6.550   1.675   1.00 64.45 ? 50  LHA B C46   1 
HETATM 1012 C C56   . LHA D 2 .  ? 20.742  5.258   0.966   1.00 64.32 ? 50  LHA B C56   1 
HETATM 1013 C C66   . LHA D 2 .  ? 20.133  5.036   -0.384  1.00 63.70 ? 50  LHA B C66   1 
HETATM 1014 C C17   . LHA D 2 .  ? 19.145  -3.079  -7.952  1.00 34.49 ? 50  LHA B C17   1 
HETATM 1015 O O17   . LHA D 2 .  ? 20.089  -2.691  -7.197  1.00 36.00 ? 50  LHA B O17   1 
HETATM 1016 C C27   . LHA D 2 .  ? 19.342  -3.369  -9.463  1.00 34.76 ? 50  LHA B C27   1 
HETATM 1017 O O27   . LHA D 2 .  ? 18.346  -3.939  -9.986  1.00 31.85 ? 50  LHA B O27   1 
HETATM 1018 C C37   . LHA D 2 .  ? 19.595  -2.054  -10.258 1.00 38.04 ? 50  LHA B C37   1 
HETATM 1019 C C47   . LHA D 2 .  ? 20.422  -2.253  -11.536 1.00 40.73 ? 50  LHA B C47   1 
HETATM 1020 N N47   . LHA D 2 .  ? 20.303  -1.066  -12.421 1.00 42.22 ? 50  LHA B N47   1 
HETATM 1021 C C11   . LHA E 2 .  ? 8.792   17.834  4.033   1.00 33.73 ? 55  LHA B C11   1 
HETATM 1022 O O11   . LHA E 2 .  ? 8.780   16.529  3.867   1.00 35.85 ? 55  LHA B O11   1 
HETATM 1023 C C21   . LHA E 2 .  ? 8.497   18.574  2.656   1.00 34.83 ? 55  LHA B C21   1 
HETATM 1024 N N21   . LHA E 2 .  ? 7.262   18.142  2.112   1.00 33.66 ? 55  LHA B N21   1 
HETATM 1025 C C31   . LHA E 2 .  ? 9.700   18.332  1.661   1.00 34.56 ? 55  LHA B C31   1 
HETATM 1026 O O31   . LHA E 2 .  ? 9.406   19.000  0.470   1.00 35.97 ? 55  LHA B O31   1 
HETATM 1027 C C41   . LHA E 2 .  ? 11.059  18.839  2.341   1.00 33.86 ? 55  LHA B C41   1 
HETATM 1028 O O41   . LHA E 2 .  ? 12.198  18.624  1.427   1.00 32.77 ? 55  LHA B O41   1 
HETATM 1029 C C51   . LHA E 2 .  ? 11.312  18.039  3.705   1.00 34.47 ? 55  LHA B C51   1 
HETATM 1030 O O51   . LHA E 2 .  ? 10.121  18.298  4.562   1.00 32.89 ? 55  LHA B O51   1 
HETATM 1031 C C61   . LHA E 2 .  ? 12.544  18.506  4.318   1.00 35.93 ? 55  LHA B C61   1 
HETATM 1032 O O61   . LHA E 2 .  ? 12.351  19.703  4.778   1.00 37.00 ? 55  LHA B O61   1 
HETATM 1033 C C12   . LHA E 2 .  ? 8.465   12.895  6.187   1.00 31.16 ? 55  LHA B C12   1 
HETATM 1034 N N12   . LHA E 2 .  ? 7.999   11.927  7.257   1.00 31.12 ? 55  LHA B N12   1 
HETATM 1035 C C22   . LHA E 2 .  ? 9.019   14.249  7.002   1.00 32.89 ? 55  LHA B C22   1 
HETATM 1036 C C32   . LHA E 2 .  ? 9.546   15.307  5.928   1.00 33.18 ? 55  LHA B C32   1 
HETATM 1037 N N32   . LHA E 2 .  ? 10.023  16.527  6.597   1.00 34.16 ? 55  LHA B N32   1 
HETATM 1038 C C42   . LHA E 2 .  ? 8.324   15.652  4.830   1.00 32.38 ? 55  LHA B C42   1 
HETATM 1039 C C52   . LHA E 2 .  ? 7.840   14.321  4.139   1.00 33.07 ? 55  LHA B C52   1 
HETATM 1040 O O52   . LHA E 2 .  ? 6.800   14.697  3.226   1.00 34.00 ? 55  LHA B O52   1 
HETATM 1041 C C62   . LHA E 2 .  ? 7.313   13.313  5.187   1.00 31.35 ? 55  LHA B C62   1 
HETATM 1042 O O62   . LHA E 2 .  ? 6.895   12.150  4.523   1.00 30.12 ? 55  LHA B O62   1 
HETATM 1043 C C13   . LHA E 2 .  ? 6.887   14.092  1.953   1.00 34.95 ? 55  LHA B C13   1 
HETATM 1044 O O13   . LHA E 2 .  ? 7.408   15.105  1.065   1.00 36.58 ? 55  LHA B O13   1 
HETATM 1045 C C23   . LHA E 2 .  ? 5.634   13.654  1.327   1.00 36.68 ? 55  LHA B C23   1 
HETATM 1046 O O23   . LHA E 2 .  ? 5.301   12.336  1.805   1.00 37.68 ? 55  LHA B O23   1 
HETATM 1047 C C33   . LHA E 2 .  ? 5.905   13.809  -0.158  1.00 36.08 ? 55  LHA B C33   1 
HETATM 1048 O O33   . LHA E 2 .  ? 6.311   12.721  -0.857  1.00 38.73 ? 55  LHA B O33   1 
HETATM 1049 C C43   . LHA E 2 .  ? 6.879   15.011  -0.302  1.00 36.99 ? 55  LHA B C43   1 
HETATM 1050 C C53   . LHA E 2 .  ? 6.200   16.396  -0.736  1.00 36.83 ? 55  LHA B C53   1 
HETATM 1051 O O53   . LHA E 2 .  ? 5.371   16.842  0.284   1.00 39.75 ? 55  LHA B O53   1 
HETATM 1052 C C14   . LHA E 2 .  ? 5.959   12.571  -2.224  1.00 37.97 ? 55  LHA B C14   1 
HETATM 1053 C C24   . LHA E 2 .  ? 6.414   11.109  -2.620  1.00 36.80 ? 55  LHA B C24   1 
HETATM 1054 N N24   . LHA E 2 .  ? 7.872   10.962  -2.297  1.00 34.95 ? 55  LHA B N24   1 
HETATM 1055 C C34   . LHA E 2 .  ? 6.065   10.918  -4.184  1.00 37.51 ? 55  LHA B C34   1 
HETATM 1056 O O34   . LHA E 2 .  ? 4.612   11.070  -4.333  1.00 35.62 ? 55  LHA B O34   1 
HETATM 1057 C C44   . LHA E 2 .  ? 6.858   12.054  -5.094  1.00 40.33 ? 55  LHA B C44   1 
HETATM 1058 O O44   . LHA E 2 .  ? 8.322   11.909  -4.950  1.00 41.30 ? 55  LHA B O44   1 
HETATM 1059 C C54   . LHA E 2 .  ? 6.364   13.545  -4.597  1.00 39.91 ? 55  LHA B C54   1 
HETATM 1060 O O54   . LHA E 2 .  ? 6.693   13.628  -3.109  1.00 39.88 ? 55  LHA B O54   1 
HETATM 1061 C C64   . LHA E 2 .  ? 7.127   14.636  -5.445  1.00 42.87 ? 55  LHA B C64   1 
HETATM 1062 N N64   . LHA E 2 .  ? 8.185   15.232  -4.695  1.00 41.79 ? 55  LHA B N64   1 
HETATM 1063 C C15   . LHA E 2 .  ? 4.121   11.611  1.473   1.00 40.49 ? 55  LHA B C15   1 
HETATM 1064 C C25   . LHA E 2 .  ? 3.286   11.644  2.774   1.00 40.60 ? 55  LHA B C25   1 
HETATM 1065 N N25   . LHA E 2 .  ? 4.152   11.750  3.982   1.00 36.34 ? 55  LHA B N25   1 
HETATM 1066 C C35   . LHA E 2 .  ? 3.921   10.606  4.917   1.00 37.29 ? 55  LHA B C35   1 
HETATM 1067 C C45   . LHA E 2 .  ? 3.690   11.206  6.330   1.00 34.38 ? 55  LHA B C45   1 
HETATM 1068 C C16   . LHA E 2 .  ? 3.422   10.184  7.469   1.00 33.75 ? 55  LHA B C16   1 
HETATM 1069 C C26   . LHA E 2 .  ? 4.115   10.353  8.763   1.00 31.88 ? 55  LHA B C26   1 
HETATM 1070 C C36   . LHA E 2 .  ? 3.873   9.421   9.857   1.00 30.12 ? 55  LHA B C36   1 
HETATM 1071 C C46   . LHA E 2 .  ? 2.932   8.309   9.673   1.00 30.96 ? 55  LHA B C46   1 
HETATM 1072 C C56   . LHA E 2 .  ? 2.243   8.130   8.396   1.00 31.31 ? 55  LHA B C56   1 
HETATM 1073 C C66   . LHA E 2 .  ? 2.485   9.069   7.289   1.00 30.52 ? 55  LHA B C66   1 
HETATM 1074 C C17   . LHA E 2 .  ? 8.617   10.733  7.341   1.00 33.67 ? 55  LHA B C17   1 
HETATM 1075 O O17   . LHA E 2 .  ? 9.565   10.340  6.596   1.00 34.29 ? 55  LHA B O17   1 
HETATM 1076 C C27   . LHA E 2 .  ? 8.032   9.885   8.485   1.00 34.46 ? 55  LHA B C27   1 
HETATM 1077 O O27   . LHA E 2 .  ? 8.268   8.663   8.301   1.00 33.17 ? 55  LHA B O27   1 
HETATM 1078 C C37   . LHA E 2 .  ? 8.654   10.269  9.860   1.00 37.77 ? 55  LHA B C37   1 
HETATM 1079 C C47   . LHA E 2 .  ? 7.787   9.844   11.056  1.00 39.46 ? 55  LHA B C47   1 
HETATM 1080 N N47   . LHA E 2 .  ? 7.820   8.375   11.239  1.00 41.45 ? 55  LHA B N47   1 
HETATM 1081 O O     . HOH F 3 .  ? -11.132 -0.280  4.198   1.00 26.01 ? 101 HOH A O     1 
HETATM 1082 O O     . HOH F 3 .  ? -2.224  -0.381  4.018   1.00 33.62 ? 102 HOH A O     1 
HETATM 1083 O O     . HOH F 3 .  ? -3.854  0.350   6.737   1.00 33.23 ? 104 HOH A O     1 
HETATM 1084 O O     . HOH F 3 .  ? -14.349 7.220   1.835   1.00 36.25 ? 105 HOH A O     1 
HETATM 1085 O O     . HOH F 3 .  ? -20.608 6.197   0.258   1.00 27.88 ? 107 HOH A O     1 
HETATM 1086 O O     . HOH F 3 .  ? -15.537 -1.334  8.293   1.00 32.79 ? 111 HOH A O     1 
HETATM 1087 O O     . HOH F 3 .  ? 8.035   -2.844  -5.896  1.00 31.24 ? 113 HOH A O     1 
HETATM 1088 O O     . HOH F 3 .  ? 8.600   -5.380  5.135   1.00 33.03 ? 114 HOH A O     1 
HETATM 1089 O O     . HOH F 3 .  ? 0.647   8.169   4.702   1.00 34.26 ? 119 HOH A O     1 
HETATM 1090 O O     . HOH F 3 .  ? -7.587  4.464   6.435   1.00 31.93 ? 123 HOH A O     1 
HETATM 1091 O O     . HOH F 3 .  ? -1.998  -0.480  1.188   1.00 33.05 ? 124 HOH A O     1 
HETATM 1092 O O     . HOH F 3 .  ? -10.896 6.315   2.923   1.00 38.63 ? 127 HOH A O     1 
HETATM 1093 O O     . HOH F 3 .  ? -0.435  -6.351  2.861   1.00 41.36 ? 128 HOH A O     1 
HETATM 1094 O O     . HOH F 3 .  ? -18.501 4.150   -10.047 1.00 39.55 ? 129 HOH A O     1 
HETATM 1095 O O     . HOH F 3 .  ? -8.348  9.191   -3.963  1.00 42.93 ? 131 HOH A O     1 
HETATM 1096 O O     . HOH F 3 .  ? 7.117   -7.132  6.669   1.00 35.90 ? 134 HOH A O     1 
HETATM 1097 O O     . HOH F 3 .  ? -4.537  0.836   2.886   1.00 34.67 ? 140 HOH A O     1 
HETATM 1098 O O     . HOH F 3 .  ? -13.965 -8.019  8.885   1.00 39.48 ? 141 HOH A O     1 
HETATM 1099 O O     . HOH F 3 .  ? 10.296  -11.404 -6.416  1.00 47.80 ? 142 HOH A O     1 
HETATM 1100 O O     . HOH F 3 .  ? -9.610  6.396   5.273   1.00 31.88 ? 143 HOH A O     1 
HETATM 1101 O O     . HOH F 3 .  ? -23.906 -8.263  5.355   1.00 44.20 ? 144 HOH A O     1 
HETATM 1102 O O     . HOH F 3 .  ? 6.443   -1.397  -7.570  1.00 37.32 ? 149 HOH A O     1 
HETATM 1103 O O     . HOH F 3 .  ? -14.973 -9.926  2.362   1.00 44.28 ? 150 HOH A O     1 
HETATM 1104 O O     . HOH F 3 .  ? -0.046  -3.124  1.490   1.00 36.11 ? 151 HOH A O     1 
HETATM 1105 O O     . HOH F 3 .  ? -15.384 10.919  0.881   1.00 45.22 ? 152 HOH A O     1 
HETATM 1106 O O     . HOH F 3 .  ? -4.303  2.793   5.552   1.00 30.85 ? 153 HOH A O     1 
HETATM 1107 O O     . HOH F 3 .  ? -14.251 -8.908  13.147  1.00 45.45 ? 154 HOH A O     1 
HETATM 1108 O O     . HOH F 3 .  ? -7.670  6.599   -3.938  1.00 36.53 ? 156 HOH A O     1 
HETATM 1109 O O     . HOH F 3 .  ? 5.483   -5.995  8.960   1.00 47.48 ? 159 HOH A O     1 
HETATM 1110 O O     . HOH F 3 .  ? 4.749   -4.813  -5.981  1.00 48.96 ? 161 HOH A O     1 
HETATM 1111 O O     . HOH F 3 .  ? -23.448 -2.999  21.373  1.00 54.25 ? 163 HOH A O     1 
HETATM 1112 O O     . HOH F 3 .  ? 9.002   6.346   -6.853  1.00 52.61 ? 165 HOH A O     1 
HETATM 1113 O O     . HOH F 3 .  ? -17.925 2.623   8.485   1.00 42.15 ? 167 HOH A O     1 
HETATM 1114 O O     . HOH F 3 .  ? -7.323  3.167   10.892  1.00 38.53 ? 168 HOH A O     1 
HETATM 1115 O O     . HOH F 3 .  ? -23.140 0.702   6.049   1.00 53.13 ? 170 HOH A O     1 
HETATM 1116 O O     . HOH F 3 .  ? 12.546  3.503   -16.494 1.00 50.66 ? 171 HOH A O     1 
HETATM 1117 O O     . HOH F 3 .  ? 2.828   -7.256  -3.711  1.00 38.01 ? 174 HOH A O     1 
HETATM 1118 O O     . HOH F 3 .  ? 1.019   11.296  9.459   1.00 68.59 ? 178 HOH A O     1 
HETATM 1119 O O     . HOH F 3 .  ? 5.276   -6.277  -13.851 1.00 46.31 ? 179 HOH A O     1 
HETATM 1120 O O     . HOH F 3 .  ? -4.748  -1.573  5.140   1.00 48.71 ? 182 HOH A O     1 
HETATM 1121 O O     . HOH F 3 .  ? -24.458 -11.967 6.987   1.00 49.12 ? 185 HOH A O     1 
HETATM 1122 O O     . HOH F 3 .  ? 9.901   -7.827  -12.317 1.00 49.28 ? 187 HOH A O     1 
HETATM 1123 O O     . HOH F 3 .  ? -14.906 -11.059 7.336   1.00 48.16 ? 188 HOH A O     1 
HETATM 1124 O O     . HOH F 3 .  ? -3.602  2.421   11.866  1.00 44.95 ? 189 HOH A O     1 
HETATM 1125 O O     . HOH F 3 .  ? -21.459 -4.773  6.027   1.00 35.41 ? 191 HOH A O     1 
HETATM 1126 O O     . HOH F 3 .  ? -24.192 -11.285 4.205   1.00 43.06 ? 197 HOH A O     1 
HETATM 1127 O O     . HOH F 3 .  ? -18.138 6.917   0.907   1.00 36.95 ? 199 HOH A O     1 
HETATM 1128 O O     . HOH F 3 .  ? -11.096 4.976   8.936   1.00 53.13 ? 200 HOH A O     1 
HETATM 1129 O O     . HOH F 3 .  ? 27.060  5.985   -3.348  1.00 53.35 ? 201 HOH A O     1 
HETATM 1130 O O     . HOH F 3 .  ? -23.038 -1.731  4.711   1.00 46.79 ? 202 HOH A O     1 
HETATM 1131 O O     . HOH F 3 .  ? -22.565 -11.780 10.077  1.00 36.98 ? 204 HOH A O     1 
HETATM 1132 O O     . HOH F 3 .  ? -12.263 7.604   6.295   1.00 52.33 ? 205 HOH A O     1 
HETATM 1133 O O     . HOH F 3 .  ? 15.961  7.321   -4.733  1.00 70.00 ? 206 HOH A O     1 
HETATM 1134 O O     . HOH F 3 .  ? -16.389 6.218   -6.931  1.00 55.01 ? 207 HOH A O     1 
HETATM 1135 O O     . HOH F 3 .  ? -15.620 -4.953  17.699  1.00 49.32 ? 208 HOH A O     1 
HETATM 1136 O O     . HOH F 3 .  ? -0.162  -6.094  -3.706  1.00 65.72 ? 210 HOH A O     1 
HETATM 1137 O O     . HOH F 3 .  ? -17.073 -13.341 12.635  1.00 48.68 ? 216 HOH A O     1 
HETATM 1138 O O     . HOH F 3 .  ? -16.470 -8.853  0.561   1.00 59.63 ? 221 HOH A O     1 
HETATM 1139 O O     . HOH F 3 .  ? -16.787 -2.485  -2.900  1.00 52.32 ? 223 HOH A O     1 
HETATM 1140 O O     . HOH F 3 .  ? -12.707 -10.329 9.411   1.00 63.74 ? 224 HOH A O     1 
HETATM 1141 O O     . HOH F 3 .  ? -23.937 -2.790  2.120   1.00 60.40 ? 225 HOH A O     1 
HETATM 1142 O O     . HOH F 3 .  ? -19.273 1.474   -8.903  1.00 62.78 ? 229 HOH A O     1 
HETATM 1143 O O     . HOH F 3 .  ? -17.545 4.693   2.179   1.00 39.39 ? 230 HOH A O     1 
HETATM 1144 O O     . HOH F 3 .  ? -21.801 -14.244 11.247  1.00 53.37 ? 232 HOH A O     1 
HETATM 1145 O O     . HOH F 3 .  ? -3.466  8.381   10.388  1.00 45.58 ? 234 HOH A O     1 
HETATM 1146 O O     . HOH F 3 .  ? -0.273  -4.100  4.146   1.00 47.63 ? 235 HOH A O     1 
HETATM 1147 O O     . HOH F 3 .  ? -18.510 -13.212 5.204   1.00 62.52 ? 236 HOH A O     1 
HETATM 1148 O O     . HOH F 3 .  ? 5.028   -10.650 6.116   1.00 53.75 ? 238 HOH A O     1 
HETATM 1149 O O     . HOH F 3 .  ? -4.943  3.109   9.768   1.00 41.72 ? 240 HOH A O     1 
HETATM 1150 O O     . HOH F 3 .  ? -15.151 -0.204  -5.688  1.00 44.14 ? 241 HOH A O     1 
HETATM 1151 O O     . HOH F 3 .  ? 2.100   -7.441  0.088   1.00 50.51 ? 242 HOH A O     1 
HETATM 1152 O O     . HOH F 3 .  ? 6.202   -8.249  -15.848 1.00 65.44 ? 243 HOH A O     1 
HETATM 1153 O O     . HOH F 3 .  ? -22.611 -0.027  -11.285 1.00 62.36 ? 245 HOH A O     1 
HETATM 1154 O O     . HOH F 3 .  ? -12.909 -0.167  8.341   1.00 37.48 ? 246 HOH A O     1 
HETATM 1155 O O     . HOH F 3 .  ? -22.170 5.545   2.481   1.00 47.62 ? 247 HOH A O     1 
HETATM 1156 O O     . HOH F 3 .  ? 0.165   9.561   2.233   1.00 32.39 ? 251 HOH A O     1 
HETATM 1157 O O     . HOH F 3 .  ? 5.161   -2.959  -3.599  1.00 36.05 ? 252 HOH A O     1 
HETATM 1158 O O     . HOH F 3 .  ? 4.049   -5.169  -2.695  1.00 41.84 ? 257 HOH A O     1 
HETATM 1159 O O     . HOH F 3 .  ? 11.355  -10.006 -0.883  1.00 49.25 ? 259 HOH A O     1 
HETATM 1160 O O     . HOH F 3 .  ? -17.704 0.221   -4.440  1.00 41.36 ? 262 HOH A O     1 
HETATM 1161 O O     . HOH F 3 .  ? -13.985 0.499   -8.072  1.00 51.43 ? 263 HOH A O     1 
HETATM 1162 O O     . HOH F 3 .  ? -9.629  6.862   10.206  1.00 59.46 ? 265 HOH A O     1 
HETATM 1163 O O     . HOH F 3 .  ? 8.746   -11.445 1.292   1.00 48.93 ? 267 HOH A O     1 
HETATM 1164 O O     . HOH F 3 .  ? -0.798  8.801   9.808   1.00 48.20 ? 268 HOH A O     1 
HETATM 1165 O O     . HOH F 3 .  ? 4.200   -13.058 4.158   1.00 60.89 ? 270 HOH A O     1 
HETATM 1166 O O     . HOH F 3 .  ? -20.766 -2.843  3.514   1.00 36.49 ? 272 HOH A O     1 
HETATM 1167 O O     . HOH F 3 .  ? -22.076 0.712   2.638   1.00 40.78 ? 273 HOH A O     1 
HETATM 1168 O O     . HOH F 3 .  ? 11.072  -2.227  -14.149 1.00 56.73 ? 274 HOH A O     1 
HETATM 1169 O O     . HOH F 3 .  ? -16.408 8.900   3.084   1.00 60.18 ? 281 HOH A O     1 
HETATM 1170 O O     . HOH F 3 .  ? -18.971 1.798   -6.160  1.00 54.37 ? 283 HOH A O     1 
HETATM 1171 O O     . HOH F 3 .  ? -0.457  -9.740  1.277   1.00 50.36 ? 286 HOH A O     1 
HETATM 1172 O O     . HOH F 3 .  ? -16.850 3.553   -6.190  1.00 49.04 ? 287 HOH A O     1 
HETATM 1173 O O     . HOH F 3 .  ? -20.634 2.368   4.160   1.00 60.40 ? 288 HOH A O     1 
HETATM 1174 O O     . HOH F 3 .  ? -7.534  7.950   8.395   1.00 63.24 ? 295 HOH A O     1 
HETATM 1175 O O     . HOH F 3 .  ? -18.576 4.339   4.882   1.00 54.11 ? 298 HOH A O     1 
HETATM 1176 O O     . HOH F 3 .  ? -14.395 2.766   -4.872  1.00 39.63 ? 301 HOH A O     1 
HETATM 1177 O O     . HOH F 3 .  ? -12.050 0.479   -6.425  1.00 58.97 ? 302 HOH A O     1 
HETATM 1178 O O     . HOH G 3 .  ? 10.202  -0.800  7.850   1.00 28.08 ? 100 HOH B O     1 
HETATM 1179 O O     . HOH G 3 .  ? 15.847  -0.185  1.655   1.00 30.44 ? 103 HOH B O     1 
HETATM 1180 O O     . HOH G 3 .  ? 17.907  -2.498  -0.562  1.00 28.06 ? 106 HOH B O     1 
HETATM 1181 O O     . HOH G 3 .  ? 20.994  -13.243 -3.830  1.00 26.46 ? 108 HOH B O     1 
HETATM 1182 O O     . HOH G 3 .  ? 10.999  -6.509  5.372   1.00 31.64 ? 109 HOH B O     1 
HETATM 1183 O O     . HOH G 3 .  ? 12.813  -7.238  3.332   1.00 31.78 ? 110 HOH B O     1 
HETATM 1184 O O     . HOH G 3 .  ? 21.146  -11.985 -10.248 1.00 40.98 ? 112 HOH B O     1 
HETATM 1185 O O     . HOH G 3 .  ? -1.097  -0.132  -3.683  1.00 39.24 ? 115 HOH B O     1 
HETATM 1186 O O     . HOH G 3 .  ? 12.010  2.844   8.319   1.00 30.09 ? 116 HOH B O     1 
HETATM 1187 O O     . HOH G 3 .  ? 2.857   8.002   1.571   1.00 30.84 ? 117 HOH B O     1 
HETATM 1188 O O     . HOH G 3 .  ? 15.776  -8.963  -1.905  1.00 30.04 ? 118 HOH B O     1 
HETATM 1189 O O     . HOH G 3 .  ? 18.816  -2.298  1.950   1.00 32.71 ? 120 HOH B O     1 
HETATM 1190 O O     . HOH G 3 .  ? 21.840  -14.571 7.298   1.00 36.35 ? 121 HOH B O     1 
HETATM 1191 O O     . HOH G 3 .  ? 12.330  1.239   1.084   1.00 29.41 ? 122 HOH B O     1 
HETATM 1192 O O     . HOH G 3 .  ? 9.832   7.777   5.826   1.00 37.04 ? 125 HOH B O     1 
HETATM 1193 O O     . HOH G 3 .  ? 15.151  -6.498  7.309   1.00 37.38 ? 126 HOH B O     1 
HETATM 1194 O O     . HOH G 3 .  ? -6.811  -4.797  1.941   1.00 36.76 ? 130 HOH B O     1 
HETATM 1195 O O     . HOH G 3 .  ? -12.823 -9.622  5.876   1.00 42.57 ? 132 HOH B O     1 
HETATM 1196 O O     . HOH G 3 .  ? 18.088  -2.626  -24.705 1.00 49.99 ? 133 HOH B O     1 
HETATM 1197 O O     . HOH G 3 .  ? 11.145  -7.061  -14.949 1.00 47.06 ? 135 HOH B O     1 
HETATM 1198 O O     . HOH G 3 .  ? -9.112  -2.177  3.984   1.00 38.70 ? 136 HOH B O     1 
HETATM 1199 O O     . HOH G 3 .  ? 18.252  -5.884  7.609   1.00 38.97 ? 137 HOH B O     1 
HETATM 1200 O O     . HOH G 3 .  ? 3.534   9.076   -10.787 1.00 56.20 ? 138 HOH B O     1 
HETATM 1201 O O     . HOH G 3 .  ? 10.692  -1.863  -4.930  1.00 25.05 ? 139 HOH B O     1 
HETATM 1202 O O     . HOH G 3 .  ? 19.637  -1.836  -19.520 1.00 32.09 ? 145 HOH B O     1 
HETATM 1203 O O     . HOH G 3 .  ? 15.577  -11.544 -2.819  1.00 36.10 ? 146 HOH B O     1 
HETATM 1204 O O     . HOH G 3 .  ? 2.954   -0.141  -2.506  1.00 47.46 ? 147 HOH B O     1 
HETATM 1205 O O     . HOH G 3 .  ? 9.710   21.734  0.486   1.00 42.25 ? 148 HOH B O     1 
HETATM 1206 O O     . HOH G 3 .  ? 20.516  -4.565  -4.107  1.00 45.84 ? 155 HOH B O     1 
HETATM 1207 O O     . HOH G 3 .  ? 8.858   10.853  3.020   1.00 46.20 ? 157 HOH B O     1 
HETATM 1208 O O     . HOH G 3 .  ? -9.580  3.340   -5.814  1.00 53.12 ? 158 HOH B O     1 
HETATM 1209 O O     . HOH G 3 .  ? 20.355  -8.839  -13.199 1.00 41.95 ? 160 HOH B O     1 
HETATM 1210 O O     . HOH G 3 .  ? -16.261 2.087   10.915  1.00 40.31 ? 162 HOH B O     1 
HETATM 1211 O O     . HOH G 3 .  ? 4.799   2.268   -3.464  1.00 41.37 ? 164 HOH B O     1 
HETATM 1212 O O     . HOH G 3 .  ? 22.924  -10.247 -9.594  1.00 41.84 ? 166 HOH B O     1 
HETATM 1213 O O     . HOH G 3 .  ? 8.446   15.524  -8.083  1.00 47.29 ? 169 HOH B O     1 
HETATM 1214 O O     . HOH G 3 .  ? -7.967  -10.687 7.780   1.00 55.90 ? 172 HOH B O     1 
HETATM 1215 O O     . HOH G 3 .  ? -9.947  -6.361  -7.592  1.00 61.26 ? 173 HOH B O     1 
HETATM 1216 O O     . HOH G 3 .  ? 17.716  0.883   5.594   1.00 43.61 ? 175 HOH B O     1 
HETATM 1217 O O     . HOH G 3 .  ? 11.734  -1.852  -17.448 1.00 57.02 ? 176 HOH B O     1 
HETATM 1218 O O     . HOH G 3 .  ? 8.979   10.840  0.165   1.00 42.15 ? 177 HOH B O     1 
HETATM 1219 O O     . HOH G 3 .  ? 22.337  -2.181  -14.108 1.00 45.64 ? 180 HOH B O     1 
HETATM 1220 O O     . HOH G 3 .  ? 1.702   1.676   -4.158  1.00 44.75 ? 181 HOH B O     1 
HETATM 1221 O O     . HOH G 3 .  ? 18.737  -6.535  -11.323 1.00 39.87 ? 183 HOH B O     1 
HETATM 1222 O O     . HOH G 3 .  ? -5.674  -2.427  -0.632  1.00 47.80 ? 184 HOH B O     1 
HETATM 1223 O O     . HOH G 3 .  ? -13.097 -6.050  15.753  1.00 54.51 ? 186 HOH B O     1 
HETATM 1224 O O     . HOH G 3 .  ? -2.511  -6.744  1.379   1.00 62.36 ? 190 HOH B O     1 
HETATM 1225 O O     . HOH G 3 .  ? 4.670   10.570  -7.131  1.00 33.12 ? 192 HOH B O     1 
HETATM 1226 O O     . HOH G 3 .  ? 6.084   8.844   3.740   1.00 36.62 ? 193 HOH B O     1 
HETATM 1227 O O     . HOH G 3 .  ? 10.582  21.189  5.949   1.00 42.46 ? 194 HOH B O     1 
HETATM 1228 O O     . HOH G 3 .  ? -22.556 11.810  8.530   1.00 56.69 ? 195 HOH B O     1 
HETATM 1229 O O     . HOH G 3 .  ? -22.963 0.398   10.803  1.00 42.43 ? 196 HOH B O     1 
HETATM 1230 O O     . HOH G 3 .  ? -7.495  -3.264  6.041   1.00 40.87 ? 198 HOH B O     1 
HETATM 1231 O O     . HOH G 3 .  ? 14.913  2.618   8.065   1.00 49.69 ? 203 HOH B O     1 
HETATM 1232 O O     . HOH G 3 .  ? 9.125   3.702   -3.042  1.00 53.12 ? 209 HOH B O     1 
HETATM 1233 O O     . HOH G 3 .  ? 20.647  -4.539  1.622   1.00 45.26 ? 211 HOH B O     1 
HETATM 1234 O O     . HOH G 3 .  ? -13.905 -2.480  -4.262  1.00 53.83 ? 212 HOH B O     1 
HETATM 1235 O O     . HOH G 3 .  ? -12.410 -2.516  -6.408  1.00 58.25 ? 213 HOH B O     1 
HETATM 1236 O O     . HOH G 3 .  ? -20.591 4.846   18.437  1.00 60.74 ? 214 HOH B O     1 
HETATM 1237 O O     . HOH G 3 .  ? 18.364  6.478   -24.452 1.00 58.63 ? 215 HOH B O     1 
HETATM 1238 O O     . HOH G 3 .  ? 12.468  -9.932  1.964   1.00 42.68 ? 217 HOH B O     1 
HETATM 1239 O O     . HOH G 3 .  ? -6.342  -1.654  1.924   1.00 40.66 ? 218 HOH B O     1 
HETATM 1240 O O     . HOH G 3 .  ? 23.407  -4.828  -3.000  1.00 70.00 ? 219 HOH B O     1 
HETATM 1241 O O     . HOH G 3 .  ? 21.381  -5.498  -6.866  1.00 59.19 ? 220 HOH B O     1 
HETATM 1242 O O     . HOH G 3 .  ? -14.073 5.933   18.272  1.00 50.51 ? 222 HOH B O     1 
HETATM 1243 O O     . HOH G 3 .  ? -3.790  -4.421  1.945   1.00 42.13 ? 226 HOH B O     1 
HETATM 1244 O O     . HOH G 3 .  ? 15.227  3.706   1.352   1.00 48.81 ? 227 HOH B O     1 
HETATM 1245 O O     . HOH G 3 .  ? -2.465  -2.323  -2.910  1.00 65.64 ? 228 HOH B O     1 
HETATM 1246 O O     . HOH G 3 .  ? 10.975  6.889   -2.055  1.00 44.53 ? 231 HOH B O     1 
HETATM 1247 O O     . HOH G 3 .  ? 1.601   4.357   -6.363  1.00 48.79 ? 233 HOH B O     1 
HETATM 1248 O O     . HOH G 3 .  ? 15.433  6.507   2.231   1.00 62.42 ? 237 HOH B O     1 
HETATM 1249 O O     . HOH G 3 .  ? -12.538 0.460   10.828  1.00 46.59 ? 239 HOH B O     1 
HETATM 1250 O O     . HOH G 3 .  ? 11.560  5.202   9.251   1.00 56.40 ? 244 HOH B O     1 
HETATM 1251 O O     . HOH G 3 .  ? -14.188 7.677   12.843  1.00 63.91 ? 248 HOH B O     1 
HETATM 1252 O O     . HOH G 3 .  ? 15.158  3.027   -1.176  1.00 64.84 ? 249 HOH B O     1 
HETATM 1253 O O     . HOH G 3 .  ? 20.552  -6.606  7.075   1.00 35.17 ? 250 HOH B O     1 
HETATM 1254 O O     . HOH G 3 .  ? 11.867  3.497   -0.695  1.00 37.07 ? 253 HOH B O     1 
HETATM 1255 O O     . HOH G 3 .  ? 2.514   14.090  4.605   1.00 55.34 ? 254 HOH B O     1 
HETATM 1256 O O     . HOH G 3 .  ? 5.904   12.214  -8.723  1.00 38.14 ? 255 HOH B O     1 
HETATM 1257 O O     . HOH G 3 .  ? 11.369  9.501   0.122   1.00 48.13 ? 256 HOH B O     1 
HETATM 1258 O O     . HOH G 3 .  ? -22.871 14.419  8.069   1.00 51.44 ? 258 HOH B O     1 
HETATM 1259 O O     . HOH G 3 .  ? 21.430  -8.309  -8.746  1.00 50.56 ? 260 HOH B O     1 
HETATM 1260 O O     . HOH G 3 .  ? -4.495  -8.933  6.716   1.00 57.57 ? 261 HOH B O     1 
HETATM 1261 O O     . HOH G 3 .  ? 5.220   11.187  -11.134 1.00 69.21 ? 264 HOH B O     1 
HETATM 1262 O O     . HOH G 3 .  ? -20.102 2.215   10.107  1.00 49.07 ? 266 HOH B O     1 
HETATM 1263 O O     . HOH G 3 .  ? -5.685  -5.138  -1.489  1.00 53.48 ? 269 HOH B O     1 
HETATM 1264 O O     . HOH G 3 .  ? 13.105  -5.622  -20.600 1.00 45.58 ? 271 HOH B O     1 
HETATM 1265 O O     . HOH G 3 .  ? 12.569  7.511   -4.566  1.00 56.75 ? 275 HOH B O     1 
HETATM 1266 O O     . HOH G 3 .  ? 9.857   -9.230  3.333   1.00 49.74 ? 276 HOH B O     1 
HETATM 1267 O O     . HOH G 3 .  ? 4.548   0.173   -5.480  1.00 50.61 ? 277 HOH B O     1 
HETATM 1268 O O     . HOH G 3 .  ? 8.958   12.708  -7.571  1.00 51.93 ? 278 HOH B O     1 
HETATM 1269 O O     . HOH G 3 .  ? 19.098  -1.884  -3.211  1.00 64.82 ? 279 HOH B O     1 
HETATM 1270 O O     . HOH G 3 .  ? -2.548  -5.639  -1.260  1.00 60.97 ? 280 HOH B O     1 
HETATM 1271 O O     . HOH G 3 .  ? 6.770   8.799   -7.070  1.00 45.54 ? 282 HOH B O     1 
HETATM 1272 O O     . HOH G 3 .  ? 19.930  0.190   2.478   1.00 59.55 ? 284 HOH B O     1 
HETATM 1273 O O     . HOH G 3 .  ? 15.121  -10.100 1.874   1.00 58.79 ? 285 HOH B O     1 
HETATM 1274 O O     . HOH G 3 .  ? -4.677  -8.086  1.738   1.00 55.29 ? 289 HOH B O     1 
HETATM 1275 O O     . HOH G 3 .  ? 6.248   5.423   -6.068  1.00 46.61 ? 290 HOH B O     1 
HETATM 1276 O O     . HOH G 3 .  ? -20.418 10.957  6.560   1.00 64.92 ? 291 HOH B O     1 
HETATM 1277 O O     . HOH G 3 .  ? -3.805  -10.068 -0.548  1.00 63.29 ? 292 HOH B O     1 
HETATM 1278 O O     . HOH G 3 .  ? -9.786  3.174   -8.563  1.00 67.17 ? 293 HOH B O     1 
HETATM 1279 O O     . HOH G 3 .  ? 13.059  4.935   -4.014  1.00 57.17 ? 294 HOH B O     1 
HETATM 1280 O O     . HOH G 3 .  ? 14.182  6.790   -2.054  1.00 61.62 ? 296 HOH B O     1 
HETATM 1281 O O     . HOH G 3 .  ? 23.159  -5.377  -9.203  1.00 68.01 ? 297 HOH B O     1 
HETATM 1282 O O     . HOH G 3 .  ? -19.533 10.346  9.366   1.00 67.17 ? 299 HOH B O     1 
HETATM 1283 O O     . HOH G 3 .  ? 19.138  -2.701  -27.589 1.00 56.96 ? 300 HOH B O     1 
HETATM 1284 O O     . HOH G 3 .  ? -5.221  7.722   -6.136  1.00 49.57 ? 303 HOH B O     1 
HETATM 1285 O O     . HOH G 3 .  ? -6.012  -11.012 4.660   1.00 65.87 ? 304 HOH B O     1 
HETATM 1286 O O     . HOH G 3 .  ? 12.574  -11.845 -11.708 1.00 70.00 ? 305 HOH B O     1 
# 
